data_6H4R
#
_entry.id   6H4R
#
_cell.length_a   58.114
_cell.length_b   101.468
_cell.length_c   142.118
_cell.angle_alpha   90.00
_cell.angle_beta   99.41
_cell.angle_gamma   90.00
#
_symmetry.space_group_name_H-M   'P 1 21 1'
#
loop_
_entity.id
_entity.type
_entity.pdbx_description
1 polymer 'Lysine-specific demethylase 4A'
2 non-polymer 'ZINC ION'
3 non-polymer 8-[4-[2-[4-[4-[2-(dimethylamino)ethyl]phenyl]piperidin-1-yl]ethyl]pyrazol-1-yl]-3~{H}-pyrido[3,4-d]pyrimidin-4-one
4 non-polymer 'DIMETHYL SULFOXIDE'
5 non-polymer GLYCEROL
6 non-polymer 'CHLORIDE ION'
7 water water
#
_entity_poly.entity_id   1
_entity_poly.type   'polypeptide(L)'
_entity_poly.pdbx_seq_one_letter_code
;SMASESETLNPSARIMTFYPTMEEFRNFSRYIAYIESQGAHRAGLAKVVPPKEWKPRASYDDIDDLVIPAPIQQLVTGQS
GLFTQYNIQKKAMTVREFRKIANSDKYCTPRYSEFEELERKYWKNLTFNPPIYGADVNGTLYEKHVDEWNIGRLRTILDL
VEKESGITIEGVNTPYLYFGMWKTSFAWHTEDMDLYSINYLHFGEPKSWYSVPPEHGKRLERLAKGFFPGSAQSCEAFLR
HKMTLISPLMLKKYGIPFDKVTQEAGEFMITFPYGYHAGFNHGFNCAESTNFATRRWIEYGKQAVLCSCRKDMVKISMDV
FVRKFQPERYKLWKAGKDNTVIDHTLPTPEAAEFLKESEL
;
_entity_poly.pdbx_strand_id   A,B,C,D
#
# COMPACT_ATOMS: atom_id res chain seq x y z
N GLU A 7 14.24 -36.82 -24.43
CA GLU A 7 15.67 -37.08 -24.64
C GLU A 7 16.13 -36.77 -26.08
N THR A 8 15.35 -37.19 -27.09
CA THR A 8 15.66 -36.96 -28.52
C THR A 8 15.32 -35.54 -28.96
N LEU A 9 14.27 -34.95 -28.36
CA LEU A 9 13.85 -33.58 -28.71
C LEU A 9 14.69 -32.57 -27.91
N ASN A 10 15.38 -31.67 -28.63
CA ASN A 10 16.30 -30.66 -28.11
C ASN A 10 17.37 -31.29 -27.16
N PRO A 11 18.24 -32.21 -27.64
CA PRO A 11 19.23 -32.83 -26.73
C PRO A 11 20.29 -31.86 -26.19
N SER A 12 20.63 -30.84 -26.99
CA SER A 12 21.61 -29.79 -26.66
C SER A 12 21.11 -28.84 -25.57
N ALA A 13 19.78 -28.85 -25.29
CA ALA A 13 19.10 -28.00 -24.31
C ALA A 13 19.43 -26.51 -24.52
N ARG A 14 19.45 -26.09 -25.81
CA ARG A 14 19.71 -24.73 -26.24
C ARG A 14 18.39 -23.96 -26.23
N ILE A 15 18.45 -22.63 -25.99
CA ILE A 15 17.26 -21.76 -26.02
C ILE A 15 16.71 -21.72 -27.43
N MET A 16 15.43 -22.13 -27.56
CA MET A 16 14.71 -22.14 -28.83
C MET A 16 13.89 -20.89 -29.01
N THR A 17 13.80 -20.42 -30.25
CA THR A 17 13.00 -19.25 -30.62
C THR A 17 11.88 -19.73 -31.51
N PHE A 18 10.66 -19.26 -31.24
CA PHE A 18 9.45 -19.63 -31.98
C PHE A 18 8.80 -18.42 -32.65
N TYR A 19 8.24 -18.66 -33.84
CA TYR A 19 7.53 -17.68 -34.67
C TYR A 19 6.14 -18.21 -35.02
N PRO A 20 5.17 -18.19 -34.06
CA PRO A 20 3.83 -18.69 -34.40
C PRO A 20 3.09 -17.80 -35.41
N THR A 21 2.20 -18.41 -36.19
CA THR A 21 1.33 -17.67 -37.12
C THR A 21 0.21 -17.11 -36.23
N MET A 22 -0.68 -16.27 -36.79
CA MET A 22 -1.80 -15.74 -36.00
C MET A 22 -2.73 -16.86 -35.51
N GLU A 23 -2.88 -17.94 -36.31
CA GLU A 23 -3.72 -19.10 -36.00
C GLU A 23 -3.12 -19.95 -34.87
N GLU A 24 -1.77 -20.17 -34.90
CA GLU A 24 -1.03 -20.90 -33.87
C GLU A 24 -1.09 -20.14 -32.53
N PHE A 25 -0.83 -18.82 -32.61
CA PHE A 25 -0.75 -17.85 -31.51
C PHE A 25 -2.06 -17.63 -30.73
N ARG A 26 -3.24 -17.80 -31.35
CA ARG A 26 -4.53 -17.55 -30.69
C ARG A 26 -4.80 -18.41 -29.43
N ASN A 27 -4.26 -19.64 -29.36
CA ASN A 27 -4.43 -20.53 -28.20
C ASN A 27 -3.10 -20.66 -27.45
N PHE A 28 -2.99 -19.91 -26.34
CA PHE A 28 -1.81 -19.83 -25.49
C PHE A 28 -1.38 -21.17 -24.91
N SER A 29 -2.27 -21.83 -24.16
CA SER A 29 -2.00 -23.10 -23.50
C SER A 29 -1.60 -24.22 -24.47
N ARG A 30 -2.22 -24.25 -25.68
CA ARG A 30 -1.90 -25.18 -26.76
C ARG A 30 -0.47 -24.94 -27.28
N TYR A 31 -0.08 -23.67 -27.45
CA TYR A 31 1.26 -23.31 -27.95
C TYR A 31 2.39 -23.73 -26.98
N ILE A 32 2.16 -23.60 -25.66
CA ILE A 32 3.09 -24.05 -24.60
C ILE A 32 3.31 -25.56 -24.74
N ALA A 33 2.21 -26.33 -24.94
CA ALA A 33 2.25 -27.77 -25.16
C ALA A 33 3.04 -28.07 -26.44
N TYR A 34 2.80 -27.30 -27.49
CA TYR A 34 3.53 -27.45 -28.74
C TYR A 34 5.04 -27.18 -28.58
N ILE A 35 5.43 -26.10 -27.89
CA ILE A 35 6.87 -25.79 -27.79
C ILE A 35 7.60 -26.85 -26.93
N GLU A 36 6.86 -27.47 -26.00
CA GLU A 36 7.37 -28.54 -25.14
C GLU A 36 7.57 -29.85 -25.92
N SER A 37 6.65 -30.18 -26.87
CA SER A 37 6.76 -31.34 -27.75
C SER A 37 8.01 -31.20 -28.65
N GLN A 38 8.49 -29.94 -28.82
CA GLN A 38 9.69 -29.56 -29.56
C GLN A 38 10.96 -29.56 -28.65
N GLY A 39 10.74 -29.79 -27.34
CA GLY A 39 11.80 -29.82 -26.33
C GLY A 39 12.31 -28.49 -25.84
N ALA A 40 11.55 -27.41 -26.02
CA ALA A 40 11.98 -26.07 -25.56
C ALA A 40 12.23 -25.96 -24.06
N HIS A 41 11.47 -26.74 -23.26
CA HIS A 41 11.51 -26.78 -21.79
C HIS A 41 12.87 -27.25 -21.23
N ARG A 42 13.59 -28.04 -22.02
CA ARG A 42 14.91 -28.56 -21.69
C ARG A 42 15.95 -27.48 -21.44
N ALA A 43 15.83 -26.33 -22.13
CA ALA A 43 16.72 -25.18 -21.95
C ALA A 43 16.31 -24.39 -20.71
N GLY A 44 15.04 -24.48 -20.34
CA GLY A 44 14.48 -23.77 -19.18
C GLY A 44 14.02 -22.36 -19.48
N LEU A 45 14.18 -21.97 -20.74
CA LEU A 45 13.88 -20.64 -21.24
C LEU A 45 13.66 -20.74 -22.75
N ALA A 46 12.58 -20.10 -23.23
CA ALA A 46 12.24 -20.08 -24.66
C ALA A 46 11.78 -18.68 -25.04
N LYS A 47 12.04 -18.31 -26.29
CA LYS A 47 11.63 -17.00 -26.81
C LYS A 47 10.48 -17.22 -27.81
N VAL A 48 9.48 -16.37 -27.74
CA VAL A 48 8.37 -16.43 -28.67
C VAL A 48 8.21 -15.04 -29.29
N VAL A 49 8.37 -14.99 -30.60
CA VAL A 49 8.19 -13.76 -31.36
C VAL A 49 6.75 -13.81 -31.89
N PRO A 50 5.87 -12.88 -31.48
CA PRO A 50 4.47 -12.95 -31.92
C PRO A 50 4.29 -12.46 -33.36
N PRO A 51 3.16 -12.84 -34.03
CA PRO A 51 2.92 -12.31 -35.40
C PRO A 51 2.88 -10.79 -35.42
N LYS A 52 3.48 -10.18 -36.47
CA LYS A 52 3.64 -8.73 -36.68
C LYS A 52 2.34 -7.93 -36.52
N GLU A 53 1.19 -8.54 -36.91
CA GLU A 53 -0.15 -7.98 -36.81
C GLU A 53 -0.61 -7.81 -35.36
N TRP A 54 0.00 -8.57 -34.43
CA TRP A 54 -0.34 -8.54 -33.02
C TRP A 54 0.36 -7.43 -32.24
N LYS A 55 -0.45 -6.67 -31.47
N LYS A 55 -0.45 -6.67 -31.47
CA LYS A 55 0.00 -5.60 -30.58
CA LYS A 55 0.00 -5.60 -30.58
C LYS A 55 -0.88 -5.61 -29.30
C LYS A 55 -0.88 -5.61 -29.30
N PRO A 56 -0.29 -5.65 -28.08
CA PRO A 56 -1.12 -5.70 -26.86
C PRO A 56 -1.71 -4.36 -26.42
N ARG A 57 -1.25 -3.29 -27.06
CA ARG A 57 -1.63 -1.91 -26.78
C ARG A 57 -1.28 -1.07 -28.00
N ALA A 58 -2.17 -0.12 -28.34
CA ALA A 58 -1.99 0.76 -29.49
C ALA A 58 -0.86 1.78 -29.32
N SER A 59 -0.73 2.33 -28.10
N SER A 59 -0.72 2.36 -28.13
CA SER A 59 0.24 3.37 -27.78
CA SER A 59 0.33 3.35 -27.82
C SER A 59 0.68 3.32 -26.32
C SER A 59 0.70 3.32 -26.35
N TYR A 60 1.99 3.56 -26.05
CA TYR A 60 2.54 3.61 -24.70
C TYR A 60 2.78 5.06 -24.33
N ASP A 61 1.98 5.97 -24.89
CA ASP A 61 2.12 7.41 -24.71
C ASP A 61 1.53 7.96 -23.42
N ASP A 62 0.44 7.34 -22.93
CA ASP A 62 -0.32 7.78 -21.77
C ASP A 62 0.08 7.17 -20.42
N ILE A 63 1.36 6.81 -20.22
CA ILE A 63 1.76 6.16 -18.96
C ILE A 63 2.77 6.97 -18.14
N ASP A 64 2.99 8.24 -18.48
CA ASP A 64 3.91 9.10 -17.75
C ASP A 64 3.61 9.24 -16.24
N ASP A 65 2.30 9.25 -15.89
CA ASP A 65 1.82 9.44 -14.53
C ASP A 65 1.49 8.13 -13.88
N LEU A 66 1.96 7.02 -14.47
CA LEU A 66 1.79 5.71 -13.86
C LEU A 66 2.81 5.70 -12.70
N VAL A 67 2.33 5.33 -11.51
CA VAL A 67 3.14 5.28 -10.30
C VAL A 67 3.87 3.93 -10.16
N ILE A 68 5.16 4.01 -9.79
CA ILE A 68 6.07 2.90 -9.44
C ILE A 68 6.16 3.01 -7.90
N PRO A 69 5.30 2.26 -7.16
CA PRO A 69 5.21 2.43 -5.69
C PRO A 69 6.48 2.20 -4.91
N ALA A 70 7.36 1.31 -5.41
CA ALA A 70 8.55 0.99 -4.66
C ALA A 70 9.78 0.78 -5.57
N PRO A 71 10.34 1.87 -6.13
CA PRO A 71 11.57 1.67 -6.93
C PRO A 71 12.67 1.15 -6.01
N ILE A 72 13.55 0.29 -6.52
N ILE A 72 13.56 0.30 -6.52
CA ILE A 72 14.61 -0.27 -5.69
CA ILE A 72 14.61 -0.23 -5.69
C ILE A 72 15.99 0.06 -6.22
C ILE A 72 15.97 0.15 -6.25
N GLN A 73 16.83 0.72 -5.40
CA GLN A 73 18.20 1.02 -5.78
C GLN A 73 18.97 -0.31 -5.51
N GLN A 74 19.60 -0.89 -6.55
CA GLN A 74 20.31 -2.17 -6.45
C GLN A 74 21.79 -1.95 -6.19
N LEU A 75 22.18 -2.28 -4.95
CA LEU A 75 23.56 -2.18 -4.48
C LEU A 75 24.13 -3.57 -4.62
N VAL A 76 25.23 -3.73 -5.36
CA VAL A 76 25.83 -5.02 -5.63
C VAL A 76 27.23 -5.00 -5.02
N THR A 77 27.53 -6.05 -4.26
CA THR A 77 28.81 -6.23 -3.65
C THR A 77 29.33 -7.53 -4.22
N GLY A 78 30.62 -7.61 -4.50
CA GLY A 78 31.21 -8.85 -4.98
C GLY A 78 32.49 -8.67 -5.75
N GLN A 79 33.09 -9.79 -6.15
CA GLN A 79 34.33 -9.83 -6.92
C GLN A 79 34.40 -11.17 -7.65
N SER A 80 35.29 -11.25 -8.66
CA SER A 80 35.57 -12.46 -9.47
C SER A 80 34.31 -13.33 -9.76
N GLY A 81 33.31 -12.73 -10.40
CA GLY A 81 32.09 -13.42 -10.81
C GLY A 81 31.04 -13.72 -9.77
N LEU A 82 31.33 -13.52 -8.45
CA LEU A 82 30.38 -13.77 -7.34
C LEU A 82 29.94 -12.50 -6.68
N PHE A 83 28.63 -12.22 -6.72
CA PHE A 83 28.04 -10.97 -6.21
C PHE A 83 26.75 -11.18 -5.45
N THR A 84 26.50 -10.30 -4.49
CA THR A 84 25.26 -10.21 -3.74
C THR A 84 24.68 -8.83 -4.00
N GLN A 85 23.38 -8.81 -4.27
CA GLN A 85 22.64 -7.62 -4.59
C GLN A 85 21.68 -7.32 -3.44
N TYR A 86 21.84 -6.14 -2.84
CA TYR A 86 20.98 -5.66 -1.76
C TYR A 86 20.06 -4.60 -2.33
N ASN A 87 18.85 -4.57 -1.84
CA ASN A 87 17.82 -3.63 -2.27
C ASN A 87 17.65 -2.51 -1.28
N ILE A 88 17.51 -1.31 -1.80
CA ILE A 88 17.17 -0.14 -1.02
C ILE A 88 15.86 0.36 -1.65
N GLN A 89 14.76 0.22 -0.94
CA GLN A 89 13.47 0.74 -1.40
C GLN A 89 13.52 2.26 -1.34
N LYS A 90 13.11 2.92 -2.44
CA LYS A 90 13.05 4.37 -2.53
C LYS A 90 11.58 4.74 -2.46
N LYS A 91 11.26 6.04 -2.30
CA LYS A 91 9.86 6.48 -2.31
C LYS A 91 9.24 6.35 -3.72
N ALA A 92 7.90 6.28 -3.80
CA ALA A 92 7.17 6.16 -5.06
C ALA A 92 7.61 7.19 -6.13
N MET A 93 7.74 6.76 -7.38
CA MET A 93 8.07 7.67 -8.48
C MET A 93 7.19 7.38 -9.69
N THR A 94 7.09 8.31 -10.63
CA THR A 94 6.27 8.08 -11.80
C THR A 94 7.13 7.50 -12.91
N VAL A 95 6.51 7.01 -13.97
CA VAL A 95 7.24 6.54 -15.17
C VAL A 95 8.05 7.70 -15.79
N ARG A 96 7.50 8.94 -15.77
N ARG A 96 7.49 8.93 -15.77
CA ARG A 96 8.11 10.15 -16.30
CA ARG A 96 8.12 10.14 -16.30
C ARG A 96 9.43 10.47 -15.60
C ARG A 96 9.44 10.44 -15.60
N GLU A 97 9.45 10.42 -14.25
CA GLU A 97 10.63 10.66 -13.41
C GLU A 97 11.63 9.55 -13.55
N PHE A 98 11.16 8.30 -13.61
CA PHE A 98 12.02 7.14 -13.78
C PHE A 98 12.75 7.21 -15.12
N ARG A 99 12.02 7.59 -16.19
CA ARG A 99 12.57 7.68 -17.54
C ARG A 99 13.67 8.74 -17.63
N LYS A 100 13.48 9.91 -16.96
CA LYS A 100 14.43 11.02 -16.89
C LYS A 100 15.74 10.58 -16.26
N ILE A 101 15.66 9.84 -15.15
CA ILE A 101 16.80 9.26 -14.45
C ILE A 101 17.46 8.14 -15.29
N ALA A 102 16.66 7.25 -15.90
CA ALA A 102 17.21 6.17 -16.75
C ALA A 102 17.99 6.70 -17.96
N ASN A 103 17.53 7.80 -18.56
CA ASN A 103 18.13 8.36 -19.77
C ASN A 103 19.16 9.45 -19.53
N SER A 104 19.41 9.80 -18.25
CA SER A 104 20.36 10.84 -17.85
C SER A 104 21.77 10.35 -18.02
N ASP A 105 22.74 11.28 -18.14
CA ASP A 105 24.16 10.99 -18.31
C ASP A 105 24.71 10.05 -17.27
N LYS A 106 24.29 10.20 -16.00
CA LYS A 106 24.70 9.31 -14.92
C LYS A 106 24.26 7.85 -15.15
N TYR A 107 23.01 7.60 -15.56
CA TYR A 107 22.51 6.22 -15.65
C TYR A 107 22.36 5.59 -17.03
N CYS A 108 22.45 6.39 -18.12
CA CYS A 108 22.25 5.88 -19.48
C CYS A 108 23.22 4.73 -19.88
N THR A 109 22.79 3.94 -20.87
CA THR A 109 23.57 2.85 -21.43
C THR A 109 24.89 3.37 -21.99
N PRO A 110 26.01 2.69 -21.73
CA PRO A 110 27.28 3.13 -22.35
C PRO A 110 27.24 2.86 -23.85
N ARG A 111 28.13 3.52 -24.58
CA ARG A 111 28.26 3.33 -26.02
C ARG A 111 29.00 2.00 -26.19
N TYR A 112 28.59 1.21 -27.19
CA TYR A 112 29.19 -0.10 -27.47
C TYR A 112 28.85 -0.52 -28.91
N SER A 113 29.54 -1.55 -29.43
CA SER A 113 29.28 -2.05 -30.79
C SER A 113 28.39 -3.30 -30.75
N GLU A 114 28.95 -4.44 -30.33
CA GLU A 114 28.21 -5.71 -30.21
C GLU A 114 27.83 -5.98 -28.74
N PHE A 115 26.81 -6.86 -28.53
CA PHE A 115 26.31 -7.25 -27.21
C PHE A 115 27.44 -7.71 -26.30
N GLU A 116 28.35 -8.55 -26.82
CA GLU A 116 29.51 -9.08 -26.10
C GLU A 116 30.26 -7.97 -25.34
N GLU A 117 30.41 -6.76 -25.95
CA GLU A 117 31.03 -5.57 -25.34
C GLU A 117 30.15 -4.99 -24.18
N LEU A 118 28.83 -4.90 -24.38
CA LEU A 118 27.89 -4.41 -23.36
C LEU A 118 27.82 -5.40 -22.19
N GLU A 119 27.87 -6.70 -22.48
CA GLU A 119 27.87 -7.78 -21.49
C GLU A 119 29.15 -7.65 -20.65
N ARG A 120 30.30 -7.38 -21.30
CA ARG A 120 31.56 -7.15 -20.59
C ARG A 120 31.48 -5.95 -19.69
N LYS A 121 30.88 -4.83 -20.15
CA LYS A 121 30.71 -3.60 -19.39
C LYS A 121 29.79 -3.81 -18.21
N TYR A 122 28.82 -4.73 -18.35
CA TYR A 122 27.90 -5.05 -17.29
C TYR A 122 28.62 -5.76 -16.13
N TRP A 123 29.34 -6.89 -16.42
CA TRP A 123 30.05 -7.63 -15.38
C TRP A 123 31.26 -6.85 -14.81
N LYS A 124 31.80 -5.91 -15.58
CA LYS A 124 32.89 -5.08 -15.10
C LYS A 124 32.35 -3.97 -14.21
N ASN A 125 31.10 -3.49 -14.43
CA ASN A 125 30.65 -2.31 -13.69
C ASN A 125 29.47 -2.47 -12.80
N LEU A 126 28.97 -3.69 -12.60
CA LEU A 126 27.75 -3.91 -11.83
C LEU A 126 27.84 -3.51 -10.35
N THR A 127 29.05 -3.32 -9.80
CA THR A 127 29.15 -2.88 -8.40
C THR A 127 29.27 -1.36 -8.25
N PHE A 128 29.31 -0.61 -9.37
CA PHE A 128 29.44 0.85 -9.37
C PHE A 128 28.15 1.52 -9.77
N ASN A 129 28.02 2.83 -9.47
N ASN A 129 28.02 2.83 -9.46
CA ASN A 129 26.85 3.67 -9.80
CA ASN A 129 26.85 3.67 -9.75
C ASN A 129 25.51 2.89 -9.63
C ASN A 129 25.50 2.90 -9.62
N PRO A 130 25.14 2.45 -8.40
CA PRO A 130 23.90 1.65 -8.25
C PRO A 130 22.65 2.17 -8.99
N PRO A 131 22.11 1.40 -9.96
CA PRO A 131 20.92 1.84 -10.67
C PRO A 131 19.63 1.63 -9.86
N ILE A 132 18.50 2.11 -10.42
CA ILE A 132 17.17 2.02 -9.82
C ILE A 132 16.31 1.15 -10.68
N TYR A 133 15.63 0.19 -10.07
CA TYR A 133 14.78 -0.76 -10.78
C TYR A 133 13.37 -0.54 -10.34
N GLY A 134 12.52 -0.19 -11.30
CA GLY A 134 11.11 0.04 -11.06
C GLY A 134 10.38 -1.27 -11.14
N ALA A 135 10.70 -2.16 -10.22
CA ALA A 135 10.25 -3.55 -10.19
C ALA A 135 8.98 -3.78 -9.40
N ASP A 136 8.31 -4.93 -9.69
CA ASP A 136 7.12 -5.43 -9.00
C ASP A 136 5.97 -4.44 -8.92
N VAL A 137 5.68 -3.78 -10.03
CA VAL A 137 4.57 -2.82 -10.09
C VAL A 137 3.32 -3.63 -10.41
N ASN A 138 2.31 -3.60 -9.54
CA ASN A 138 1.06 -4.33 -9.78
C ASN A 138 0.34 -3.64 -10.91
N GLY A 139 0.09 -4.39 -11.97
CA GLY A 139 -0.62 -3.88 -13.13
C GLY A 139 -0.30 -4.54 -14.46
N THR A 140 -0.98 -4.05 -15.48
CA THR A 140 -0.84 -4.51 -16.85
C THR A 140 -0.78 -3.32 -17.76
N LEU A 141 -0.17 -3.51 -18.94
CA LEU A 141 -0.17 -2.51 -20.00
C LEU A 141 -1.02 -3.01 -21.19
N TYR A 142 -1.57 -4.24 -21.09
CA TYR A 142 -2.50 -4.80 -22.09
C TYR A 142 -3.83 -4.06 -22.05
N GLU A 143 -4.44 -3.90 -23.25
CA GLU A 143 -5.77 -3.31 -23.44
C GLU A 143 -6.77 -4.43 -23.13
N LYS A 144 -7.95 -4.06 -22.68
CA LYS A 144 -9.02 -4.99 -22.28
C LYS A 144 -9.46 -5.98 -23.38
N HIS A 145 -9.54 -5.55 -24.66
CA HIS A 145 -10.00 -6.38 -25.80
C HIS A 145 -9.01 -7.47 -26.29
N VAL A 146 -7.72 -7.38 -25.87
CA VAL A 146 -6.67 -8.34 -26.27
C VAL A 146 -6.91 -9.70 -25.58
N ASP A 147 -7.32 -10.69 -26.37
CA ASP A 147 -7.63 -12.03 -25.87
C ASP A 147 -6.44 -12.98 -26.02
N GLU A 148 -5.54 -12.69 -26.96
CA GLU A 148 -4.37 -13.53 -27.24
C GLU A 148 -3.20 -13.19 -26.34
N TRP A 149 -2.69 -14.20 -25.61
CA TRP A 149 -1.53 -14.11 -24.75
C TRP A 149 -1.64 -12.92 -23.77
N ASN A 150 -2.85 -12.68 -23.21
CA ASN A 150 -3.05 -11.60 -22.25
C ASN A 150 -2.48 -12.06 -20.90
N ILE A 151 -1.32 -11.51 -20.51
CA ILE A 151 -0.62 -11.83 -19.25
C ILE A 151 -1.56 -11.59 -18.02
N GLY A 152 -2.49 -10.66 -18.15
CA GLY A 152 -3.51 -10.41 -17.11
C GLY A 152 -4.61 -11.46 -16.97
N ARG A 153 -4.76 -12.35 -17.99
N ARG A 153 -4.77 -12.34 -17.99
CA ARG A 153 -5.79 -13.41 -18.01
CA ARG A 153 -5.79 -13.40 -18.04
C ARG A 153 -5.42 -14.56 -18.97
C ARG A 153 -5.42 -14.56 -18.98
N LEU A 154 -4.37 -15.33 -18.62
CA LEU A 154 -3.86 -16.45 -19.43
C LEU A 154 -4.76 -17.69 -19.48
N ARG A 155 -5.69 -17.82 -18.53
CA ARG A 155 -6.70 -18.88 -18.38
C ARG A 155 -6.10 -20.31 -18.24
N THR A 156 -4.93 -20.42 -17.58
CA THR A 156 -4.24 -21.69 -17.30
C THR A 156 -4.78 -22.33 -16.00
N ILE A 157 -4.36 -23.58 -15.69
CA ILE A 157 -4.81 -24.31 -14.49
C ILE A 157 -4.39 -23.64 -13.17
N LEU A 158 -3.48 -22.65 -13.21
CA LEU A 158 -3.05 -21.91 -12.03
C LEU A 158 -4.18 -21.05 -11.45
N ASP A 159 -5.21 -20.75 -12.26
CA ASP A 159 -6.38 -19.98 -11.87
C ASP A 159 -7.18 -20.65 -10.73
N LEU A 160 -6.98 -22.00 -10.55
CA LEU A 160 -7.57 -22.83 -9.50
C LEU A 160 -7.17 -22.32 -8.10
N VAL A 161 -5.97 -21.68 -7.99
CA VAL A 161 -5.45 -21.09 -6.76
C VAL A 161 -6.42 -20.04 -6.18
N GLU A 162 -6.74 -18.99 -6.98
CA GLU A 162 -7.66 -17.91 -6.58
C GLU A 162 -9.11 -18.26 -6.92
N GLY A 171 -1.28 -11.53 -6.38
CA GLY A 171 -0.40 -12.58 -5.89
C GLY A 171 0.55 -13.14 -6.93
N VAL A 172 0.40 -14.44 -7.24
CA VAL A 172 1.27 -15.17 -8.19
C VAL A 172 0.63 -15.28 -9.61
N ASN A 173 -0.70 -15.11 -9.67
CA ASN A 173 -1.55 -15.19 -10.85
C ASN A 173 -1.85 -13.78 -11.45
N THR A 174 -1.31 -12.71 -10.81
CA THR A 174 -1.55 -11.33 -11.22
C THR A 174 -0.35 -10.77 -12.02
N PRO A 175 -0.58 -9.84 -12.98
CA PRO A 175 0.57 -9.30 -13.73
C PRO A 175 1.36 -8.25 -12.96
N TYR A 176 2.68 -8.24 -13.21
CA TYR A 176 3.63 -7.29 -12.64
C TYR A 176 4.39 -6.55 -13.75
N LEU A 177 4.61 -5.26 -13.56
CA LEU A 177 5.38 -4.40 -14.47
C LEU A 177 6.79 -4.16 -13.94
N TYR A 178 7.77 -4.08 -14.84
CA TYR A 178 9.17 -3.89 -14.48
C TYR A 178 9.72 -2.84 -15.40
N PHE A 179 10.01 -1.68 -14.81
CA PHE A 179 10.61 -0.58 -15.52
C PHE A 179 12.09 -0.65 -15.28
N GLY A 180 12.84 -0.94 -16.34
CA GLY A 180 14.28 -1.09 -16.21
C GLY A 180 15.07 0.09 -16.68
N MET A 181 16.33 0.12 -16.27
CA MET A 181 17.35 1.04 -16.73
C MET A 181 18.59 0.24 -16.87
N TRP A 182 19.61 0.76 -17.54
CA TRP A 182 20.88 0.08 -17.75
C TRP A 182 21.42 -0.47 -16.45
N LYS A 183 21.93 -1.72 -16.52
CA LYS A 183 22.58 -2.38 -15.40
C LYS A 183 21.62 -2.86 -14.31
N THR A 184 20.27 -2.73 -14.49
CA THR A 184 19.34 -3.29 -13.52
C THR A 184 19.32 -4.75 -13.78
N SER A 185 19.30 -5.55 -12.72
CA SER A 185 19.38 -6.99 -12.86
C SER A 185 18.42 -7.83 -12.05
N PHE A 186 18.28 -9.08 -12.48
CA PHE A 186 17.53 -10.07 -11.77
C PHE A 186 18.50 -11.20 -11.50
N ALA A 187 18.62 -11.59 -10.24
CA ALA A 187 19.53 -12.61 -9.78
C ALA A 187 19.05 -14.03 -10.10
N TRP A 188 19.94 -15.00 -9.95
CA TRP A 188 19.61 -16.38 -10.26
C TRP A 188 18.49 -16.88 -9.38
N HIS A 189 17.45 -17.38 -10.02
CA HIS A 189 16.28 -17.85 -9.34
C HIS A 189 15.43 -18.70 -10.24
N THR A 190 14.52 -19.41 -9.61
CA THR A 190 13.46 -20.18 -10.25
C THR A 190 12.15 -19.50 -9.81
N GLU A 191 11.05 -19.82 -10.45
CA GLU A 191 9.83 -19.12 -10.07
C GLU A 191 9.32 -19.63 -8.77
N ASP A 192 8.45 -18.83 -8.14
CA ASP A 192 7.82 -19.23 -6.89
C ASP A 192 7.11 -20.52 -7.17
N MET A 193 7.26 -21.51 -6.24
CA MET A 193 6.67 -22.84 -6.35
C MET A 193 7.21 -23.63 -7.56
N ASP A 194 8.32 -23.14 -8.18
CA ASP A 194 8.95 -23.69 -9.40
C ASP A 194 7.96 -23.70 -10.58
N LEU A 195 7.17 -22.61 -10.69
CA LEU A 195 6.17 -22.41 -11.72
C LEU A 195 6.81 -21.97 -13.02
N TYR A 196 6.00 -21.79 -14.05
CA TYR A 196 6.41 -21.23 -15.33
C TYR A 196 6.20 -19.72 -15.22
N SER A 197 6.93 -18.95 -16.00
CA SER A 197 6.66 -17.52 -16.14
C SER A 197 6.64 -17.09 -17.60
N ILE A 198 5.89 -16.04 -17.84
CA ILE A 198 5.78 -15.39 -19.14
C ILE A 198 6.24 -13.94 -18.92
N ASN A 199 7.12 -13.45 -19.79
CA ASN A 199 7.66 -12.10 -19.76
C ASN A 199 7.51 -11.46 -21.14
N TYR A 200 6.78 -10.36 -21.19
CA TYR A 200 6.63 -9.62 -22.43
C TYR A 200 7.36 -8.28 -22.34
N LEU A 201 8.26 -8.03 -23.28
CA LEU A 201 8.97 -6.76 -23.36
C LEU A 201 8.12 -5.76 -24.14
N HIS A 202 7.39 -4.88 -23.41
CA HIS A 202 6.50 -3.87 -24.00
C HIS A 202 7.21 -2.87 -24.90
N PHE A 203 8.30 -2.29 -24.40
CA PHE A 203 9.05 -1.30 -25.14
C PHE A 203 10.40 -1.11 -24.56
N GLY A 204 11.21 -0.35 -25.29
CA GLY A 204 12.52 0.09 -24.88
C GLY A 204 13.65 -0.83 -25.25
N GLU A 205 14.75 -0.65 -24.50
CA GLU A 205 15.98 -1.37 -24.69
C GLU A 205 15.88 -2.86 -24.32
N PRO A 206 16.74 -3.72 -24.92
CA PRO A 206 16.68 -5.14 -24.60
C PRO A 206 16.91 -5.54 -23.13
N LYS A 207 16.56 -6.77 -22.87
CA LYS A 207 16.74 -7.43 -21.62
C LYS A 207 17.51 -8.70 -21.97
N SER A 208 18.74 -8.87 -21.45
CA SER A 208 19.54 -10.09 -21.67
C SER A 208 19.28 -11.11 -20.57
N TRP A 209 19.29 -12.38 -20.94
CA TRP A 209 18.93 -13.51 -20.09
C TRP A 209 19.99 -14.57 -20.11
N TYR A 210 20.15 -15.25 -18.96
CA TYR A 210 21.00 -16.43 -18.81
C TYR A 210 20.06 -17.48 -18.28
N SER A 211 20.23 -18.72 -18.71
CA SER A 211 19.43 -19.87 -18.22
C SER A 211 20.28 -21.09 -18.01
N VAL A 212 19.98 -21.83 -16.92
CA VAL A 212 20.62 -23.10 -16.64
C VAL A 212 19.49 -24.10 -16.94
N PRO A 213 19.76 -25.16 -17.74
CA PRO A 213 18.71 -26.16 -17.99
C PRO A 213 18.19 -26.77 -16.68
N PRO A 214 16.87 -27.02 -16.55
CA PRO A 214 16.36 -27.67 -15.33
C PRO A 214 17.05 -28.98 -14.92
N GLU A 215 17.54 -29.78 -15.89
CA GLU A 215 18.27 -31.02 -15.57
C GLU A 215 19.62 -30.74 -14.89
N HIS A 216 20.14 -29.50 -14.99
CA HIS A 216 21.41 -29.09 -14.38
C HIS A 216 21.22 -28.13 -13.19
N GLY A 217 19.97 -27.83 -12.87
CA GLY A 217 19.57 -26.91 -11.80
C GLY A 217 20.18 -27.21 -10.45
N LYS A 218 20.24 -28.52 -10.06
CA LYS A 218 20.84 -29.00 -8.81
C LYS A 218 22.35 -28.73 -8.71
N ARG A 219 23.04 -28.71 -9.86
CA ARG A 219 24.46 -28.41 -9.99
C ARG A 219 24.71 -26.93 -9.73
N LEU A 220 23.79 -26.06 -10.17
CA LEU A 220 23.90 -24.65 -9.87
C LEU A 220 23.72 -24.41 -8.37
N GLU A 221 22.71 -25.04 -7.75
CA GLU A 221 22.43 -24.94 -6.31
C GLU A 221 23.64 -25.37 -5.50
N ARG A 222 24.24 -26.53 -5.90
CA ARG A 222 25.42 -27.13 -5.34
C ARG A 222 26.57 -26.12 -5.36
N LEU A 223 26.75 -25.42 -6.49
CA LEU A 223 27.79 -24.41 -6.65
C LEU A 223 27.52 -23.20 -5.75
N ALA A 224 26.29 -22.68 -5.79
CA ALA A 224 25.85 -21.53 -4.99
C ALA A 224 26.01 -21.79 -3.49
N LYS A 225 25.71 -23.04 -3.00
CA LYS A 225 25.86 -23.46 -1.59
C LYS A 225 27.32 -23.41 -1.15
N GLY A 226 28.24 -23.82 -2.03
CA GLY A 226 29.67 -23.79 -1.79
C GLY A 226 30.22 -22.38 -1.65
N PHE A 227 29.71 -21.43 -2.46
CA PHE A 227 30.11 -20.02 -2.47
C PHE A 227 29.48 -19.15 -1.39
N PHE A 228 28.26 -19.47 -0.97
CA PHE A 228 27.55 -18.73 0.08
C PHE A 228 27.14 -19.72 1.18
N PRO A 229 28.12 -20.24 2.00
CA PRO A 229 27.76 -21.25 3.03
C PRO A 229 26.98 -20.70 4.23
N GLY A 230 27.18 -19.42 4.55
CA GLY A 230 26.47 -18.75 5.62
C GLY A 230 25.00 -18.68 5.25
N SER A 231 24.75 -18.23 4.01
CA SER A 231 23.44 -18.11 3.38
C SER A 231 22.73 -19.48 3.25
N ALA A 232 23.50 -20.55 2.95
CA ALA A 232 23.00 -21.93 2.80
C ALA A 232 22.50 -22.55 4.13
N GLN A 233 23.14 -22.19 5.26
CA GLN A 233 22.76 -22.70 6.58
C GLN A 233 21.45 -22.05 7.06
N SER A 234 21.33 -20.71 6.92
CA SER A 234 20.18 -19.90 7.34
C SER A 234 18.87 -20.25 6.61
N CYS A 235 18.99 -20.62 5.31
CA CYS A 235 17.90 -20.94 4.40
C CYS A 235 18.38 -21.99 3.40
N GLU A 236 17.61 -23.09 3.20
CA GLU A 236 17.90 -24.16 2.24
C GLU A 236 17.68 -23.64 0.81
N ALA A 237 16.69 -22.75 0.64
CA ALA A 237 16.37 -22.16 -0.66
C ALA A 237 16.79 -20.67 -0.69
N PHE A 238 18.05 -20.34 -0.34
CA PHE A 238 18.51 -18.95 -0.30
C PHE A 238 18.49 -18.23 -1.70
N LEU A 239 18.58 -18.98 -2.81
CA LEU A 239 18.51 -18.40 -4.17
C LEU A 239 17.15 -17.73 -4.46
N ARG A 240 16.11 -18.15 -3.71
CA ARG A 240 14.76 -17.59 -3.77
C ARG A 240 14.71 -16.16 -3.19
N HIS A 241 15.79 -15.72 -2.47
CA HIS A 241 15.90 -14.34 -1.96
C HIS A 241 16.21 -13.37 -3.10
N LYS A 242 16.69 -13.92 -4.24
CA LYS A 242 16.98 -13.21 -5.50
C LYS A 242 18.05 -12.13 -5.32
N MET A 243 19.12 -12.50 -4.62
CA MET A 243 20.25 -11.63 -4.28
C MET A 243 21.57 -12.14 -4.87
N THR A 244 21.60 -13.38 -5.38
CA THR A 244 22.83 -14.03 -5.86
C THR A 244 23.07 -13.82 -7.36
N LEU A 245 24.19 -13.16 -7.68
CA LEU A 245 24.63 -12.90 -9.05
C LEU A 245 25.93 -13.68 -9.26
N ILE A 246 25.94 -14.58 -10.26
CA ILE A 246 27.05 -15.44 -10.65
C ILE A 246 27.26 -15.18 -12.17
N SER A 247 28.43 -14.62 -12.56
CA SER A 247 28.72 -14.35 -13.98
C SER A 247 28.84 -15.63 -14.86
N PRO A 248 28.53 -15.53 -16.19
CA PRO A 248 28.71 -16.71 -17.08
C PRO A 248 30.10 -17.34 -17.01
N LEU A 249 31.17 -16.52 -16.83
CA LEU A 249 32.57 -17.01 -16.75
C LEU A 249 32.80 -17.88 -15.51
N MET A 250 32.05 -17.62 -14.43
CA MET A 250 32.11 -18.39 -13.19
C MET A 250 31.38 -19.73 -13.38
N LEU A 251 30.25 -19.73 -14.11
CA LEU A 251 29.50 -20.94 -14.49
C LEU A 251 30.36 -21.86 -15.39
N LYS A 252 31.13 -21.29 -16.32
CA LYS A 252 32.01 -22.01 -17.24
C LYS A 252 33.15 -22.67 -16.43
N LYS A 253 33.76 -21.90 -15.49
CA LYS A 253 34.85 -22.33 -14.61
C LYS A 253 34.47 -23.58 -13.80
N TYR A 254 33.22 -23.66 -13.34
CA TYR A 254 32.77 -24.77 -12.54
C TYR A 254 31.87 -25.77 -13.29
N GLY A 255 31.92 -25.71 -14.63
CA GLY A 255 31.23 -26.64 -15.52
C GLY A 255 29.72 -26.65 -15.52
N ILE A 256 29.08 -25.56 -15.12
CA ILE A 256 27.62 -25.44 -15.16
C ILE A 256 27.14 -25.14 -16.60
N PRO A 257 26.34 -26.03 -17.24
CA PRO A 257 25.83 -25.73 -18.57
C PRO A 257 24.79 -24.61 -18.52
N PHE A 258 24.88 -23.65 -19.45
CA PHE A 258 23.98 -22.50 -19.47
C PHE A 258 23.87 -22.00 -20.89
N ASP A 259 22.92 -21.12 -21.13
CA ASP A 259 22.81 -20.48 -22.43
C ASP A 259 22.37 -19.04 -22.18
N LYS A 260 22.62 -18.18 -23.15
CA LYS A 260 22.22 -16.77 -23.08
C LYS A 260 21.37 -16.45 -24.29
N VAL A 261 20.51 -15.43 -24.12
CA VAL A 261 19.62 -14.92 -25.14
C VAL A 261 19.31 -13.46 -24.79
N THR A 262 19.14 -12.62 -25.82
CA THR A 262 18.74 -11.24 -25.65
C THR A 262 17.29 -11.13 -26.10
N GLN A 263 16.46 -10.51 -25.28
CA GLN A 263 15.04 -10.28 -25.55
C GLN A 263 14.91 -8.85 -26.01
N GLU A 264 14.32 -8.67 -27.18
CA GLU A 264 14.09 -7.35 -27.75
C GLU A 264 12.65 -7.00 -27.55
N ALA A 265 12.28 -5.70 -27.71
CA ALA A 265 10.91 -5.22 -27.54
C ALA A 265 9.95 -5.95 -28.47
N GLY A 266 8.79 -6.28 -27.94
CA GLY A 266 7.74 -6.99 -28.66
C GLY A 266 7.90 -8.49 -28.67
N GLU A 267 8.84 -9.03 -27.87
CA GLU A 267 9.07 -10.47 -27.78
C GLU A 267 8.76 -10.98 -26.39
N PHE A 268 8.32 -12.25 -26.33
CA PHE A 268 8.00 -12.95 -25.11
C PHE A 268 9.12 -13.89 -24.76
N MET A 269 9.32 -14.08 -23.44
CA MET A 269 10.23 -15.09 -22.91
C MET A 269 9.36 -15.96 -22.06
N ILE A 270 9.57 -17.27 -22.15
CA ILE A 270 8.89 -18.26 -21.32
C ILE A 270 9.93 -18.97 -20.45
N THR A 271 9.72 -18.98 -19.13
CA THR A 271 10.55 -19.77 -18.21
C THR A 271 9.75 -21.02 -17.86
N PHE A 272 10.47 -22.12 -17.70
CA PHE A 272 9.90 -23.41 -17.40
C PHE A 272 10.17 -23.81 -15.97
N PRO A 273 9.33 -24.69 -15.38
CA PRO A 273 9.59 -25.15 -14.01
C PRO A 273 11.02 -25.65 -13.77
N TYR A 274 11.63 -25.07 -12.71
CA TYR A 274 12.97 -25.37 -12.21
C TYR A 274 14.07 -24.93 -13.19
N GLY A 275 13.73 -23.97 -14.03
CA GLY A 275 14.66 -23.34 -14.95
C GLY A 275 15.26 -22.12 -14.27
N TYR A 276 16.52 -22.20 -13.86
CA TYR A 276 17.19 -21.07 -13.21
C TYR A 276 17.55 -20.04 -14.25
N HIS A 277 17.18 -18.77 -14.00
CA HIS A 277 17.49 -17.66 -14.90
C HIS A 277 17.93 -16.42 -14.14
N ALA A 278 18.75 -15.61 -14.81
CA ALA A 278 19.28 -14.34 -14.36
C ALA A 278 19.44 -13.42 -15.60
N GLY A 279 19.77 -12.15 -15.37
CA GLY A 279 19.98 -11.25 -16.50
C GLY A 279 19.93 -9.78 -16.18
N PHE A 280 19.99 -8.98 -17.20
CA PHE A 280 20.03 -7.53 -17.02
C PHE A 280 19.37 -6.79 -18.18
N ASN A 281 18.98 -5.55 -17.88
CA ASN A 281 18.38 -4.59 -18.79
C ASN A 281 19.47 -3.76 -19.41
N HIS A 282 19.38 -3.55 -20.72
CA HIS A 282 20.33 -2.76 -21.51
C HIS A 282 20.08 -1.26 -21.30
N GLY A 283 18.88 -0.89 -20.92
CA GLY A 283 18.54 0.50 -20.71
C GLY A 283 17.09 0.60 -20.37
N PHE A 284 16.54 1.81 -20.47
CA PHE A 284 15.15 2.11 -20.20
C PHE A 284 14.20 1.22 -21.00
N ASN A 285 13.36 0.50 -20.29
CA ASN A 285 12.43 -0.41 -20.89
C ASN A 285 11.32 -0.75 -19.93
N CYS A 286 10.34 -1.52 -20.40
CA CYS A 286 9.24 -1.96 -19.58
C CYS A 286 8.79 -3.36 -19.98
N ALA A 287 8.79 -4.30 -19.00
CA ALA A 287 8.38 -5.70 -19.13
C ALA A 287 7.19 -6.05 -18.26
N GLU A 288 6.28 -6.89 -18.78
CA GLU A 288 5.14 -7.43 -18.05
C GLU A 288 5.37 -8.93 -17.82
N SER A 289 5.15 -9.35 -16.57
CA SER A 289 5.37 -10.71 -16.11
C SER A 289 4.25 -11.26 -15.21
N THR A 290 4.04 -12.56 -15.31
CA THR A 290 3.13 -13.36 -14.49
C THR A 290 3.63 -14.80 -14.52
N ASN A 291 3.06 -15.62 -13.64
CA ASN A 291 3.34 -17.02 -13.54
C ASN A 291 2.15 -17.75 -14.13
N PHE A 292 2.39 -18.97 -14.60
CA PHE A 292 1.31 -19.84 -15.09
C PHE A 292 1.72 -21.28 -14.84
N ALA A 293 0.78 -22.21 -15.05
CA ALA A 293 1.09 -23.61 -14.85
C ALA A 293 0.52 -24.41 -16.02
N THR A 294 0.96 -25.67 -16.14
CA THR A 294 0.44 -26.71 -17.02
C THR A 294 0.36 -27.92 -16.09
N ARG A 295 -0.17 -29.05 -16.57
CA ARG A 295 -0.31 -30.28 -15.79
C ARG A 295 1.06 -30.84 -15.35
N ARG A 296 2.12 -30.55 -16.12
CA ARG A 296 3.51 -30.95 -15.82
C ARG A 296 4.01 -30.24 -14.55
N TRP A 297 3.59 -28.98 -14.34
CA TRP A 297 4.04 -28.24 -13.16
C TRP A 297 3.64 -28.90 -11.82
N ILE A 298 2.45 -29.55 -11.72
CA ILE A 298 1.94 -30.12 -10.46
C ILE A 298 3.05 -30.87 -9.68
N GLU A 299 3.79 -31.77 -10.33
CA GLU A 299 4.86 -32.53 -9.66
C GLU A 299 5.97 -31.65 -9.12
N TYR A 300 6.34 -30.57 -9.86
CA TYR A 300 7.35 -29.59 -9.46
C TYR A 300 6.86 -28.80 -8.24
N GLY A 301 5.58 -28.45 -8.21
CA GLY A 301 4.99 -27.71 -7.09
C GLY A 301 5.03 -28.48 -5.79
N LYS A 302 4.68 -29.79 -5.85
CA LYS A 302 4.69 -30.76 -4.75
C LYS A 302 6.11 -31.00 -4.21
N GLN A 303 7.12 -30.98 -5.08
CA GLN A 303 8.53 -31.26 -4.75
C GLN A 303 9.43 -30.01 -4.58
N ALA A 304 8.87 -28.79 -4.65
CA ALA A 304 9.65 -27.55 -4.55
C ALA A 304 10.19 -27.23 -3.14
N VAL A 305 11.53 -27.00 -3.04
CA VAL A 305 12.23 -26.62 -1.81
C VAL A 305 11.99 -25.10 -1.64
N LEU A 306 11.18 -24.73 -0.64
CA LEU A 306 10.78 -23.35 -0.40
C LEU A 306 11.63 -22.63 0.62
N CYS A 307 11.67 -21.28 0.52
CA CYS A 307 12.39 -20.42 1.45
C CYS A 307 11.74 -20.58 2.81
N SER A 308 12.56 -20.94 3.82
CA SER A 308 12.12 -21.18 5.20
C SER A 308 12.19 -19.93 6.09
N CYS A 309 13.28 -19.16 5.98
CA CYS A 309 13.61 -18.00 6.81
C CYS A 309 12.65 -16.80 6.70
N ARG A 310 12.04 -16.56 5.52
CA ARG A 310 11.15 -15.42 5.31
C ARG A 310 9.68 -15.79 5.36
N LYS A 311 8.85 -14.89 5.95
CA LYS A 311 7.40 -15.06 6.10
C LYS A 311 6.63 -14.11 5.16
N ASP A 312 7.30 -13.07 4.64
N MET A 313 6.38 -16.08 2.59
CA MET A 313 6.72 -16.23 1.18
C MET A 313 5.62 -16.93 0.39
N VAL A 314 5.77 -16.98 -0.97
CA VAL A 314 4.81 -17.59 -1.87
C VAL A 314 4.82 -19.11 -1.73
N LYS A 315 3.75 -19.62 -1.11
CA LYS A 315 3.51 -21.04 -0.86
C LYS A 315 2.08 -21.35 -1.30
N ILE A 316 1.94 -22.25 -2.27
CA ILE A 316 0.62 -22.65 -2.79
C ILE A 316 0.34 -24.05 -2.25
N SER A 317 -0.88 -24.26 -1.70
CA SER A 317 -1.27 -25.58 -1.22
C SER A 317 -1.50 -26.43 -2.46
N MET A 318 -0.79 -27.57 -2.54
CA MET A 318 -0.85 -28.46 -3.69
C MET A 318 -2.06 -29.42 -3.69
N ASP A 319 -2.77 -29.55 -2.54
CA ASP A 319 -3.93 -30.44 -2.37
C ASP A 319 -4.93 -30.37 -3.51
N VAL A 320 -5.44 -29.16 -3.81
CA VAL A 320 -6.41 -28.89 -4.89
C VAL A 320 -5.94 -29.44 -6.27
N PHE A 321 -4.65 -29.24 -6.62
CA PHE A 321 -4.08 -29.73 -7.89
C PHE A 321 -3.95 -31.25 -7.93
N VAL A 322 -3.52 -31.86 -6.81
CA VAL A 322 -3.37 -33.32 -6.66
C VAL A 322 -4.76 -33.98 -6.65
N ARG A 323 -5.75 -33.38 -5.99
CA ARG A 323 -7.11 -33.95 -5.91
C ARG A 323 -7.85 -33.88 -7.26
N LYS A 324 -7.48 -32.91 -8.12
CA LYS A 324 -8.12 -32.74 -9.43
C LYS A 324 -7.41 -33.51 -10.56
N PHE A 325 -6.06 -33.40 -10.64
CA PHE A 325 -5.29 -33.99 -11.74
C PHE A 325 -4.55 -35.31 -11.42
N GLN A 326 -4.29 -35.60 -10.14
CA GLN A 326 -3.65 -36.86 -9.71
C GLN A 326 -4.55 -37.54 -8.64
N PRO A 327 -5.86 -37.84 -8.90
CA PRO A 327 -6.69 -38.43 -7.81
C PRO A 327 -6.17 -39.76 -7.29
N GLU A 328 -5.61 -40.59 -8.20
CA GLU A 328 -4.99 -41.89 -7.97
C GLU A 328 -3.88 -41.84 -6.89
N ARG A 329 -3.05 -40.77 -6.93
CA ARG A 329 -1.92 -40.56 -6.03
C ARG A 329 -2.21 -39.68 -4.80
N TYR A 330 -3.38 -39.00 -4.75
CA TYR A 330 -3.77 -38.06 -3.68
C TYR A 330 -3.61 -38.60 -2.23
N LYS A 331 -4.26 -39.74 -1.89
CA LYS A 331 -4.16 -40.33 -0.55
C LYS A 331 -2.74 -40.84 -0.26
N LEU A 332 -2.05 -41.39 -1.30
CA LEU A 332 -0.68 -41.89 -1.20
C LEU A 332 0.31 -40.74 -0.92
N TRP A 333 0.06 -39.55 -1.52
CA TRP A 333 0.87 -38.34 -1.36
C TRP A 333 0.58 -37.66 0.00
N LYS A 334 -0.70 -37.64 0.43
CA LYS A 334 -1.12 -37.07 1.73
C LYS A 334 -0.54 -37.86 2.92
N ALA A 335 -0.21 -39.16 2.69
CA ALA A 335 0.41 -40.04 3.68
C ALA A 335 1.95 -39.88 3.66
N GLY A 336 2.47 -39.35 2.55
CA GLY A 336 3.89 -39.13 2.33
C GLY A 336 4.63 -40.36 1.83
N LYS A 337 3.99 -41.11 0.89
CA LYS A 337 4.54 -42.33 0.29
C LYS A 337 5.01 -42.13 -1.17
N ASP A 338 4.51 -41.06 -1.85
CA ASP A 338 4.83 -40.73 -3.23
C ASP A 338 6.32 -40.39 -3.43
N ASN A 339 7.10 -41.41 -3.82
CA ASN A 339 8.55 -41.30 -4.05
C ASN A 339 8.88 -40.99 -5.53
N THR A 340 7.95 -40.29 -6.24
CA THR A 340 8.01 -39.87 -7.65
C THR A 340 9.28 -39.06 -7.98
N VAL A 341 10.04 -39.52 -8.98
CA VAL A 341 11.25 -38.85 -9.45
C VAL A 341 10.91 -38.12 -10.76
N ILE A 342 11.01 -36.77 -10.74
CA ILE A 342 10.71 -35.89 -11.88
C ILE A 342 11.68 -36.09 -13.04
N ASP A 343 11.16 -36.31 -14.26
CA ASP A 343 11.98 -36.36 -15.49
C ASP A 343 11.85 -34.97 -16.14
N HIS A 344 12.97 -34.23 -16.17
CA HIS A 344 13.02 -32.85 -16.69
C HIS A 344 12.85 -32.76 -18.20
N THR A 345 13.27 -33.82 -18.92
CA THR A 345 13.23 -33.94 -20.37
C THR A 345 11.82 -34.26 -20.93
N LEU A 346 10.92 -34.76 -20.09
CA LEU A 346 9.57 -35.16 -20.51
C LEU A 346 8.65 -33.96 -20.78
N PRO A 347 7.98 -33.87 -21.97
CA PRO A 347 7.06 -32.73 -22.21
C PRO A 347 5.75 -32.91 -21.44
N THR A 348 4.96 -31.82 -21.35
CA THR A 348 3.69 -31.79 -20.63
C THR A 348 2.66 -32.80 -21.25
N PRO A 349 1.78 -33.47 -20.46
CA PRO A 349 0.82 -34.43 -21.08
C PRO A 349 -0.01 -33.84 -22.22
N GLU A 350 -0.35 -32.54 -22.14
CA GLU A 350 -1.11 -31.74 -23.13
C GLU A 350 -0.44 -31.70 -24.53
N ALA A 351 0.84 -32.06 -24.61
CA ALA A 351 1.62 -32.06 -25.84
C ALA A 351 1.34 -33.30 -26.73
N ALA A 352 0.64 -34.32 -26.18
CA ALA A 352 0.27 -35.59 -26.83
C ALA A 352 -0.18 -35.47 -28.30
N GLU A 353 -1.02 -34.46 -28.63
CA GLU A 353 -1.54 -34.18 -29.99
C GLU A 353 -0.43 -33.80 -31.00
N PHE A 354 0.71 -33.27 -30.49
CA PHE A 354 1.87 -32.87 -31.28
C PHE A 354 2.96 -33.98 -31.30
N LEU A 355 2.58 -35.22 -30.89
CA LEU A 355 3.46 -36.39 -30.82
C LEU A 355 2.64 -37.65 -31.15
N THR B 8 -24.87 5.53 12.26
CA THR B 8 -25.34 4.57 13.27
C THR B 8 -24.58 4.72 14.60
N LEU B 9 -23.30 5.15 14.53
CA LEU B 9 -22.42 5.40 15.69
C LEU B 9 -22.29 6.91 15.87
N ASN B 10 -22.65 7.39 17.08
CA ASN B 10 -22.70 8.80 17.46
C ASN B 10 -23.56 9.58 16.44
N PRO B 11 -24.85 9.18 16.23
CA PRO B 11 -25.67 9.89 15.24
C PRO B 11 -26.02 11.34 15.64
N SER B 12 -25.86 11.65 16.95
CA SER B 12 -26.12 12.97 17.52
C SER B 12 -24.90 13.87 17.36
N ALA B 13 -23.73 13.28 17.00
CA ALA B 13 -22.45 13.98 16.81
C ALA B 13 -22.06 14.84 18.03
N ARG B 14 -22.19 14.24 19.23
N ARG B 14 -22.22 14.27 19.25
CA ARG B 14 -21.85 14.85 20.52
CA ARG B 14 -21.86 14.94 20.49
C ARG B 14 -20.39 14.55 20.87
C ARG B 14 -20.43 14.57 20.89
N ILE B 15 -19.75 15.47 21.62
CA ILE B 15 -18.35 15.30 22.07
C ILE B 15 -18.28 14.11 23.04
N MET B 16 -17.52 13.10 22.63
CA MET B 16 -17.30 11.89 23.39
C MET B 16 -16.00 12.02 24.20
N THR B 17 -16.01 11.40 25.40
CA THR B 17 -14.90 11.33 26.34
C THR B 17 -14.44 9.88 26.44
N PHE B 18 -13.14 9.64 26.35
CA PHE B 18 -12.60 8.29 26.41
C PHE B 18 -11.64 8.13 27.57
N TYR B 19 -11.73 6.97 28.26
CA TYR B 19 -10.85 6.66 29.39
C TYR B 19 -10.02 5.40 29.09
N PRO B 20 -9.01 5.45 28.18
CA PRO B 20 -8.20 4.23 27.93
C PRO B 20 -7.40 3.74 29.14
N THR B 21 -7.24 2.39 29.24
CA THR B 21 -6.40 1.74 30.25
C THR B 21 -4.95 2.05 29.80
N MET B 22 -3.91 1.56 30.52
CA MET B 22 -2.54 1.81 30.10
C MET B 22 -2.19 1.04 28.81
N GLU B 23 -2.79 -0.16 28.61
CA GLU B 23 -2.55 -1.01 27.43
C GLU B 23 -3.16 -0.39 26.17
N GLU B 24 -4.41 0.08 26.27
CA GLU B 24 -5.11 0.75 25.17
C GLU B 24 -4.40 2.08 24.79
N PHE B 25 -3.87 2.78 25.80
CA PHE B 25 -3.18 4.07 25.69
C PHE B 25 -1.84 4.01 24.97
N ARG B 26 -1.08 2.93 25.12
CA ARG B 26 0.27 2.80 24.54
C ARG B 26 0.37 3.04 23.01
N ASN B 27 -0.63 2.59 22.23
CA ASN B 27 -0.62 2.77 20.77
C ASN B 27 -1.51 3.97 20.42
N PHE B 28 -0.89 5.08 20.04
CA PHE B 28 -1.62 6.31 19.74
C PHE B 28 -2.55 6.18 18.52
N SER B 29 -1.98 5.72 17.38
CA SER B 29 -2.69 5.57 16.12
C SER B 29 -3.82 4.54 16.16
N ARG B 30 -3.58 3.38 16.82
CA ARG B 30 -4.62 2.37 17.03
C ARG B 30 -5.73 2.96 17.90
N TYR B 31 -5.38 3.73 18.93
CA TYR B 31 -6.41 4.37 19.76
C TYR B 31 -7.24 5.40 19.01
N ILE B 32 -6.60 6.16 18.11
CA ILE B 32 -7.30 7.13 17.28
C ILE B 32 -8.30 6.40 16.38
N ALA B 33 -7.87 5.27 15.83
CA ALA B 33 -8.70 4.43 15.00
C ALA B 33 -9.87 3.87 15.81
N TYR B 34 -9.60 3.46 17.05
CA TYR B 34 -10.66 2.98 17.94
C TYR B 34 -11.73 4.06 18.23
N ILE B 35 -11.32 5.30 18.54
CA ILE B 35 -12.30 6.36 18.86
C ILE B 35 -13.14 6.74 17.60
N GLU B 36 -12.53 6.62 16.37
CA GLU B 36 -13.27 6.80 15.12
C GLU B 36 -14.32 5.70 14.90
N SER B 37 -13.99 4.43 15.28
CA SER B 37 -14.90 3.29 15.18
C SER B 37 -16.13 3.48 16.08
N GLN B 38 -15.98 4.27 17.15
CA GLN B 38 -16.98 4.63 18.15
C GLN B 38 -17.83 5.85 17.77
N GLY B 39 -17.46 6.52 16.68
CA GLY B 39 -18.15 7.70 16.14
C GLY B 39 -17.68 9.06 16.65
N ALA B 40 -16.54 9.11 17.36
CA ALA B 40 -16.01 10.36 17.92
C ALA B 40 -15.78 11.47 16.91
N HIS B 41 -15.30 11.11 15.68
CA HIS B 41 -14.94 12.08 14.63
C HIS B 41 -16.10 12.96 14.21
N ARG B 42 -17.31 12.43 14.34
CA ARG B 42 -18.55 13.09 13.99
C ARG B 42 -18.79 14.40 14.72
N ALA B 43 -18.33 14.55 15.97
CA ALA B 43 -18.47 15.80 16.73
C ALA B 43 -17.39 16.79 16.32
N GLY B 44 -16.30 16.27 15.75
CA GLY B 44 -15.17 17.08 15.29
C GLY B 44 -14.16 17.35 16.35
N LEU B 45 -14.49 16.92 17.56
CA LEU B 45 -13.70 17.12 18.75
C LEU B 45 -13.96 15.96 19.70
N ALA B 46 -12.92 15.50 20.39
CA ALA B 46 -13.06 14.41 21.39
C ALA B 46 -12.13 14.65 22.57
N LYS B 47 -12.51 14.15 23.73
CA LYS B 47 -11.65 14.26 24.92
C LYS B 47 -11.03 12.88 25.24
N VAL B 48 -9.74 12.85 25.58
CA VAL B 48 -9.11 11.60 25.99
C VAL B 48 -8.48 11.82 27.34
N VAL B 49 -9.02 11.10 28.34
CA VAL B 49 -8.50 11.17 29.70
C VAL B 49 -7.48 10.05 29.84
N PRO B 50 -6.17 10.39 29.96
CA PRO B 50 -5.17 9.33 30.05
C PRO B 50 -5.20 8.59 31.39
N PRO B 51 -4.65 7.35 31.45
CA PRO B 51 -4.58 6.65 32.76
C PRO B 51 -3.77 7.45 33.79
N LYS B 52 -4.26 7.49 35.06
CA LYS B 52 -3.73 8.25 36.20
C LYS B 52 -2.24 8.09 36.45
N GLU B 53 -1.72 6.89 36.19
CA GLU B 53 -0.33 6.52 36.33
C GLU B 53 0.55 7.23 35.29
N TRP B 54 0.01 7.56 34.09
CA TRP B 54 0.72 8.26 33.03
C TRP B 54 0.94 9.74 33.33
N LYS B 55 2.20 10.20 33.15
CA LYS B 55 2.64 11.59 33.34
C LYS B 55 3.64 11.92 32.21
N PRO B 56 3.47 13.02 31.47
CA PRO B 56 4.46 13.34 30.41
C PRO B 56 5.71 14.02 30.98
N ARG B 57 5.63 14.49 32.23
CA ARG B 57 6.67 15.21 32.95
C ARG B 57 6.48 14.96 34.46
N ALA B 58 7.59 14.90 35.22
CA ALA B 58 7.51 14.68 36.68
C ALA B 58 7.09 15.93 37.46
N SER B 59 7.49 17.13 36.98
CA SER B 59 7.21 18.41 37.63
C SER B 59 7.20 19.59 36.63
N TYR B 60 6.41 20.62 36.92
CA TYR B 60 6.35 21.85 36.11
C TYR B 60 7.04 23.04 36.84
N ASP B 61 7.95 22.73 37.77
CA ASP B 61 8.67 23.69 38.61
C ASP B 61 10.02 24.15 38.03
N ASP B 62 10.35 23.67 36.82
CA ASP B 62 11.62 23.95 36.15
C ASP B 62 11.52 24.76 34.83
N ILE B 63 10.32 25.23 34.48
CA ILE B 63 10.13 25.90 33.19
C ILE B 63 10.06 27.45 33.27
N ASP B 64 10.30 28.08 34.44
CA ASP B 64 10.25 29.55 34.61
C ASP B 64 11.19 30.35 33.69
N ASP B 65 12.31 29.75 33.28
CA ASP B 65 13.32 30.37 32.43
C ASP B 65 13.01 30.20 30.93
N LEU B 66 11.91 29.48 30.60
CA LEU B 66 11.45 29.23 29.24
C LEU B 66 11.00 30.55 28.63
N VAL B 67 11.45 30.80 27.39
CA VAL B 67 11.13 32.01 26.67
C VAL B 67 9.92 31.82 25.73
N ILE B 68 9.03 32.83 25.75
CA ILE B 68 7.91 33.04 24.85
C ILE B 68 8.44 34.17 23.94
N PRO B 69 8.96 33.86 22.73
CA PRO B 69 9.54 34.92 21.87
C PRO B 69 8.58 35.97 21.33
N ALA B 70 7.36 35.55 20.97
CA ALA B 70 6.36 36.41 20.37
C ALA B 70 5.01 36.42 21.13
N PRO B 71 4.92 36.97 22.36
CA PRO B 71 3.60 37.05 23.01
C PRO B 71 2.69 38.01 22.25
N ILE B 72 1.41 37.65 22.13
CA ILE B 72 0.44 38.47 21.40
C ILE B 72 -0.61 39.07 22.34
N GLN B 73 -0.83 40.39 22.21
CA GLN B 73 -1.92 41.04 22.90
C GLN B 73 -3.10 40.85 21.95
N GLN B 74 -4.20 40.30 22.47
CA GLN B 74 -5.37 40.02 21.64
C GLN B 74 -6.36 41.14 21.81
N LEU B 75 -6.51 41.96 20.75
N LEU B 75 -6.47 41.99 20.78
CA LEU B 75 -7.45 43.08 20.71
CA LEU B 75 -7.43 43.09 20.70
C LEU B 75 -8.70 42.56 20.00
C LEU B 75 -8.68 42.51 20.02
N VAL B 76 -9.86 42.71 20.61
CA VAL B 76 -11.10 42.16 20.04
C VAL B 76 -12.05 43.30 19.78
N THR B 77 -12.58 43.33 18.56
CA THR B 77 -13.54 44.32 18.12
C THR B 77 -14.83 43.63 17.75
N GLY B 78 -15.95 44.24 18.08
CA GLY B 78 -17.24 43.68 17.72
C GLY B 78 -18.34 43.90 18.73
N GLN B 79 -19.49 43.27 18.48
CA GLN B 79 -20.68 43.31 19.32
C GLN B 79 -21.69 42.27 18.80
N SER B 80 -22.79 42.07 19.55
CA SER B 80 -23.92 41.17 19.23
C SER B 80 -23.46 39.75 18.79
N GLY B 81 -22.48 39.20 19.52
CA GLY B 81 -21.90 37.89 19.28
C GLY B 81 -21.00 37.72 18.07
N LEU B 82 -20.65 38.83 17.37
CA LEU B 82 -19.77 38.85 16.20
C LEU B 82 -18.57 39.73 16.44
N PHE B 83 -17.35 39.12 16.42
CA PHE B 83 -16.08 39.75 16.76
C PHE B 83 -14.95 39.40 15.87
N THR B 84 -14.01 40.33 15.73
CA THR B 84 -12.78 40.15 14.97
C THR B 84 -11.67 40.37 15.98
N GLN B 85 -10.74 39.43 15.99
CA GLN B 85 -9.60 39.42 16.87
C GLN B 85 -8.37 39.88 16.10
N TYR B 86 -7.65 40.87 16.63
CA TYR B 86 -6.43 41.42 16.04
C TYR B 86 -5.26 41.15 16.98
N ASN B 87 -4.12 40.78 16.42
CA ASN B 87 -2.95 40.49 17.23
C ASN B 87 -1.93 41.60 17.24
N ILE B 88 -1.47 41.94 18.43
CA ILE B 88 -0.38 42.89 18.57
C ILE B 88 0.77 42.09 19.17
N GLN B 89 1.85 41.90 18.40
CA GLN B 89 3.05 41.20 18.90
C GLN B 89 3.73 42.10 19.92
N LYS B 90 4.03 41.55 21.10
CA LYS B 90 4.71 42.26 22.19
C LYS B 90 6.13 41.68 22.26
N LYS B 91 7.00 42.30 23.05
CA LYS B 91 8.38 41.81 23.20
C LYS B 91 8.42 40.50 23.99
N ALA B 92 9.40 39.64 23.69
CA ALA B 92 9.66 38.34 24.32
C ALA B 92 9.61 38.43 25.84
N MET B 93 9.27 37.32 26.49
CA MET B 93 9.21 37.26 27.95
C MET B 93 9.35 35.83 28.45
N THR B 94 9.75 35.66 29.70
CA THR B 94 9.87 34.32 30.28
C THR B 94 8.48 33.83 30.78
N VAL B 95 8.34 32.53 31.04
CA VAL B 95 7.10 31.99 31.60
C VAL B 95 6.90 32.61 33.01
N ARG B 96 8.01 33.03 33.66
CA ARG B 96 8.03 33.68 34.97
C ARG B 96 7.34 35.06 34.95
N GLU B 97 7.72 35.92 33.96
CA GLU B 97 7.13 37.24 33.74
C GLU B 97 5.69 37.05 33.27
N PHE B 98 5.45 36.06 32.38
CA PHE B 98 4.10 35.77 31.85
C PHE B 98 3.13 35.40 32.97
N ARG B 99 3.53 34.41 33.84
CA ARG B 99 2.74 33.93 34.98
C ARG B 99 2.41 35.05 35.96
N LYS B 100 3.37 35.98 36.19
CA LYS B 100 3.24 37.16 37.08
C LYS B 100 2.09 38.06 36.64
N ILE B 101 2.03 38.37 35.33
CA ILE B 101 1.02 39.17 34.60
C ILE B 101 -0.30 38.38 34.55
N ALA B 102 -0.28 37.09 34.15
CA ALA B 102 -1.48 36.22 34.12
C ALA B 102 -2.25 36.23 35.46
N ASN B 103 -1.55 36.22 36.60
CA ASN B 103 -2.16 36.14 37.92
C ASN B 103 -2.34 37.49 38.61
N SER B 104 -1.84 38.59 38.01
CA SER B 104 -1.93 39.97 38.51
C SER B 104 -3.39 40.40 38.57
N ASP B 105 -3.70 41.44 39.37
CA ASP B 105 -5.04 42.01 39.54
C ASP B 105 -5.70 42.44 38.23
N LYS B 106 -4.91 43.05 37.33
CA LYS B 106 -5.36 43.51 36.02
C LYS B 106 -5.87 42.34 35.11
N TYR B 107 -5.15 41.20 35.07
CA TYR B 107 -5.48 40.12 34.13
C TYR B 107 -6.08 38.81 34.66
N CYS B 108 -6.13 38.62 36.00
N CYS B 108 -6.07 38.57 35.99
CA CYS B 108 -6.62 37.38 36.60
CA CYS B 108 -6.56 37.30 36.56
C CYS B 108 -8.11 37.07 36.32
C CYS B 108 -8.07 37.06 36.36
N THR B 109 -8.48 35.78 36.42
CA THR B 109 -9.83 35.27 36.27
C THR B 109 -10.79 35.92 37.27
N PRO B 110 -12.01 36.34 36.85
CA PRO B 110 -12.97 36.84 37.85
C PRO B 110 -13.51 35.68 38.69
N ARG B 111 -14.12 36.02 39.84
CA ARG B 111 -14.72 35.06 40.75
C ARG B 111 -15.92 34.40 40.05
N TYR B 112 -16.03 33.07 40.14
CA TYR B 112 -17.13 32.33 39.52
C TYR B 112 -17.48 31.05 40.25
N SER B 113 -18.78 30.73 40.26
CA SER B 113 -19.29 29.51 40.86
C SER B 113 -19.33 28.43 39.76
N GLU B 114 -20.25 28.60 38.80
CA GLU B 114 -20.48 27.68 37.67
C GLU B 114 -19.82 28.17 36.39
N PHE B 115 -19.50 27.24 35.46
CA PHE B 115 -18.91 27.52 34.16
C PHE B 115 -19.74 28.52 33.34
N GLU B 116 -21.06 28.37 33.34
CA GLU B 116 -22.03 29.21 32.65
C GLU B 116 -21.83 30.69 32.98
N GLU B 117 -21.50 30.99 34.26
CA GLU B 117 -21.23 32.33 34.76
C GLU B 117 -19.89 32.86 34.18
N LEU B 118 -18.84 32.02 34.15
CA LEU B 118 -17.55 32.43 33.60
C LEU B 118 -17.65 32.67 32.07
N GLU B 119 -18.40 31.78 31.37
CA GLU B 119 -18.68 31.82 29.93
C GLU B 119 -19.45 33.13 29.60
N ARG B 120 -20.44 33.51 30.43
CA ARG B 120 -21.14 34.80 30.27
C ARG B 120 -20.16 35.98 30.40
N LYS B 121 -19.32 35.98 31.44
CA LYS B 121 -18.28 36.99 31.69
C LYS B 121 -17.30 37.12 30.53
N TYR B 122 -16.90 35.99 29.93
CA TYR B 122 -16.01 35.96 28.79
C TYR B 122 -16.63 36.67 27.59
N TRP B 123 -17.88 36.29 27.20
CA TRP B 123 -18.58 36.85 26.06
C TRP B 123 -19.02 38.31 26.32
N LYS B 124 -19.16 38.70 27.59
CA LYS B 124 -19.50 40.08 27.87
C LYS B 124 -18.23 40.95 27.89
N ASN B 125 -17.04 40.38 28.17
CA ASN B 125 -15.87 41.24 28.34
C ASN B 125 -14.73 41.05 27.41
N LEU B 126 -14.86 40.19 26.39
CA LEU B 126 -13.73 39.86 25.49
C LEU B 126 -13.14 41.08 24.76
N THR B 127 -13.89 42.18 24.65
CA THR B 127 -13.42 43.39 23.97
C THR B 127 -12.74 44.37 24.90
N PHE B 128 -12.78 44.10 26.22
CA PHE B 128 -12.16 44.99 27.19
C PHE B 128 -10.88 44.36 27.69
N ASN B 129 -9.99 45.17 28.29
CA ASN B 129 -8.71 44.78 28.86
C ASN B 129 -8.01 43.68 28.04
N PRO B 130 -7.50 44.05 26.84
CA PRO B 130 -6.82 43.05 25.97
C PRO B 130 -5.78 42.15 26.66
N PRO B 131 -6.04 40.84 26.75
CA PRO B 131 -5.10 39.94 27.43
C PRO B 131 -3.92 39.59 26.54
N ILE B 132 -2.91 38.95 27.12
CA ILE B 132 -1.70 38.55 26.37
C ILE B 132 -1.65 37.02 26.31
N TYR B 133 -1.45 36.48 25.11
CA TYR B 133 -1.38 35.04 24.84
C TYR B 133 0.07 34.67 24.47
N GLY B 134 0.63 33.76 25.25
CA GLY B 134 1.98 33.24 25.01
C GLY B 134 1.84 32.08 24.05
N ALA B 135 1.35 32.39 22.84
CA ALA B 135 0.96 31.43 21.82
C ALA B 135 2.05 31.07 20.80
N ASP B 136 1.90 29.88 20.18
CA ASP B 136 2.79 29.34 19.13
C ASP B 136 4.29 29.36 19.53
N VAL B 137 4.60 28.85 20.72
CA VAL B 137 6.00 28.77 21.15
C VAL B 137 6.49 27.39 20.68
N ASN B 138 7.56 27.35 19.87
CA ASN B 138 8.16 26.12 19.40
C ASN B 138 8.80 25.44 20.60
N GLY B 139 8.29 24.27 20.95
CA GLY B 139 8.78 23.50 22.08
C GLY B 139 7.85 22.45 22.62
N THR B 140 8.33 21.74 23.63
CA THR B 140 7.60 20.64 24.25
C THR B 140 7.85 20.62 25.73
N LEU B 141 6.87 20.17 26.50
CA LEU B 141 7.03 20.00 27.94
C LEU B 141 7.14 18.51 28.32
N TYR B 142 7.23 17.62 27.32
CA TYR B 142 7.41 16.20 27.52
C TYR B 142 8.87 15.93 27.83
N GLU B 143 9.11 14.91 28.68
CA GLU B 143 10.44 14.42 28.99
C GLU B 143 10.80 13.41 27.89
N LYS B 144 12.09 13.33 27.52
CA LYS B 144 12.61 12.51 26.42
C LYS B 144 12.19 11.02 26.38
N HIS B 145 12.03 10.39 27.55
CA HIS B 145 11.68 8.97 27.69
C HIS B 145 10.19 8.65 27.49
N VAL B 146 9.33 9.67 27.40
CA VAL B 146 7.89 9.48 27.23
C VAL B 146 7.57 8.98 25.82
N ASP B 147 7.13 7.72 25.73
CA ASP B 147 6.84 7.08 24.45
C ASP B 147 5.37 7.01 24.12
N GLU B 148 4.52 7.23 25.11
CA GLU B 148 3.07 7.15 24.93
C GLU B 148 2.53 8.56 24.71
N TRP B 149 1.84 8.75 23.57
CA TRP B 149 1.20 10.02 23.17
C TRP B 149 2.17 11.20 23.24
N ASN B 150 3.39 10.99 22.78
CA ASN B 150 4.39 12.06 22.82
C ASN B 150 4.19 12.95 21.61
N ILE B 151 3.56 14.12 21.85
CA ILE B 151 3.16 15.16 20.89
C ILE B 151 4.33 15.61 19.98
N GLY B 152 5.55 15.66 20.51
CA GLY B 152 6.75 16.00 19.75
C GLY B 152 7.16 15.01 18.68
N ARG B 153 6.64 13.78 18.78
CA ARG B 153 6.93 12.65 17.89
C ARG B 153 5.81 11.59 17.89
N LEU B 154 4.66 11.86 17.22
CA LEU B 154 3.53 10.92 17.16
C LEU B 154 3.71 9.80 16.13
N ARG B 155 4.57 10.03 15.13
CA ARG B 155 4.95 9.08 14.06
C ARG B 155 3.73 8.60 13.25
N THR B 156 2.86 9.55 12.85
CA THR B 156 1.73 9.25 11.97
C THR B 156 2.22 9.44 10.51
N ILE B 157 1.34 9.18 9.51
CA ILE B 157 1.69 9.35 8.09
C ILE B 157 2.02 10.81 7.75
N LEU B 158 1.68 11.77 8.63
CA LEU B 158 2.04 13.16 8.42
C LEU B 158 3.57 13.34 8.32
N ASP B 159 4.35 12.38 8.84
CA ASP B 159 5.82 12.41 8.77
C ASP B 159 6.32 12.28 7.33
N LEU B 160 5.41 11.91 6.39
CA LEU B 160 5.73 11.79 4.95
C LEU B 160 5.96 13.12 4.26
N VAL B 161 5.47 14.25 4.85
CA VAL B 161 5.70 15.60 4.32
C VAL B 161 7.22 15.89 4.30
N GLU B 162 7.93 15.52 5.41
CA GLU B 162 9.38 15.67 5.60
C GLU B 162 10.17 14.48 5.02
N GLU B 170 8.20 22.84 6.42
CA GLU B 170 7.00 23.20 7.17
C GLU B 170 7.08 22.70 8.61
N GLY B 171 6.53 23.50 9.54
CA GLY B 171 6.49 23.17 10.96
C GLY B 171 5.12 22.77 11.48
N VAL B 172 4.35 22.00 10.69
CA VAL B 172 3.00 21.51 11.08
C VAL B 172 3.09 20.17 11.82
N ASN B 173 4.22 19.48 11.66
CA ASN B 173 4.55 18.19 12.26
C ASN B 173 5.30 18.37 13.58
N THR B 174 5.52 19.61 14.02
CA THR B 174 6.30 19.93 15.22
C THR B 174 5.43 20.44 16.39
N PRO B 175 5.89 20.29 17.66
CA PRO B 175 5.05 20.74 18.78
C PRO B 175 5.08 22.24 19.08
N TYR B 176 3.93 22.78 19.47
CA TYR B 176 3.78 24.17 19.91
C TYR B 176 3.22 24.25 21.31
N LEU B 177 3.70 25.21 22.10
CA LEU B 177 3.24 25.50 23.47
C LEU B 177 2.38 26.75 23.46
N TYR B 178 1.36 26.79 24.31
CA TYR B 178 0.43 27.89 24.44
C TYR B 178 0.22 28.20 25.90
N PHE B 179 0.76 29.33 26.34
CA PHE B 179 0.64 29.85 27.70
C PHE B 179 -0.55 30.79 27.73
N GLY B 180 -1.66 30.32 28.28
CA GLY B 180 -2.84 31.16 28.35
C GLY B 180 -2.95 31.95 29.63
N MET B 181 -3.85 32.90 29.60
CA MET B 181 -4.30 33.69 30.73
C MET B 181 -5.77 33.86 30.50
N TRP B 182 -6.50 34.32 31.48
CA TRP B 182 -7.93 34.50 31.39
C TRP B 182 -8.28 35.28 30.16
N LYS B 183 -9.34 34.81 29.43
CA LYS B 183 -9.92 35.52 28.31
C LYS B 183 -9.06 35.45 27.02
N THR B 184 -7.94 34.67 27.00
CA THR B 184 -7.19 34.48 25.76
C THR B 184 -8.02 33.52 24.95
N SER B 185 -8.14 33.78 23.64
CA SER B 185 -9.05 33.01 22.76
C SER B 185 -8.39 32.41 21.55
N PHE B 186 -9.04 31.42 21.00
CA PHE B 186 -8.70 30.90 19.68
C PHE B 186 -10.00 30.98 18.90
N ALA B 187 -9.95 31.69 17.80
CA ALA B 187 -11.07 31.93 16.90
C ALA B 187 -11.49 30.67 16.14
N TRP B 188 -12.67 30.70 15.52
CA TRP B 188 -13.18 29.57 14.77
C TRP B 188 -12.28 29.23 13.59
N HIS B 189 -11.88 27.98 13.53
CA HIS B 189 -11.02 27.51 12.49
C HIS B 189 -10.99 26.01 12.45
N THR B 190 -10.54 25.50 11.32
CA THR B 190 -10.23 24.09 11.11
C THR B 190 -8.68 24.05 11.02
N GLU B 191 -8.09 22.88 11.18
CA GLU B 191 -6.64 22.85 11.15
C GLU B 191 -6.10 23.17 9.77
N ASP B 192 -4.81 23.57 9.67
CA ASP B 192 -4.21 23.85 8.38
C ASP B 192 -4.28 22.52 7.60
N MET B 193 -4.62 22.60 6.29
CA MET B 193 -4.80 21.45 5.38
C MET B 193 -5.94 20.50 5.83
N ASP B 194 -6.78 20.99 6.74
CA ASP B 194 -7.89 20.26 7.37
C ASP B 194 -7.40 19.00 8.10
N LEU B 195 -6.23 19.08 8.73
CA LEU B 195 -5.62 17.97 9.45
C LEU B 195 -6.29 17.71 10.82
N TYR B 196 -5.77 16.73 11.53
CA TYR B 196 -6.18 16.47 12.91
C TYR B 196 -5.23 17.28 13.79
N SER B 197 -5.64 17.52 15.03
CA SER B 197 -4.79 18.12 16.00
C SER B 197 -4.97 17.40 17.34
N ILE B 198 -3.90 17.41 18.09
CA ILE B 198 -3.85 16.86 19.43
C ILE B 198 -3.48 18.07 20.32
N ASN B 199 -4.17 18.21 21.46
CA ASN B 199 -3.92 19.29 22.41
C ASN B 199 -3.92 18.70 23.79
N TYR B 200 -2.80 18.85 24.47
CA TYR B 200 -2.66 18.39 25.82
C TYR B 200 -2.56 19.57 26.77
N LEU B 201 -3.40 19.57 27.79
CA LEU B 201 -3.38 20.59 28.83
C LEU B 201 -2.43 20.17 29.95
N HIS B 202 -1.20 20.74 29.96
CA HIS B 202 -0.14 20.43 30.91
C HIS B 202 -0.46 20.75 32.35
N PHE B 203 -0.90 21.98 32.64
CA PHE B 203 -1.20 22.41 34.01
C PHE B 203 -2.05 23.64 33.89
N GLY B 204 -2.53 24.11 35.02
CA GLY B 204 -3.22 25.37 35.10
C GLY B 204 -4.71 25.31 34.99
N GLU B 205 -5.29 26.49 34.71
CA GLU B 205 -6.73 26.66 34.61
C GLU B 205 -7.32 25.99 33.35
N PRO B 206 -8.63 25.65 33.36
CA PRO B 206 -9.21 25.02 32.19
C PRO B 206 -9.21 25.85 30.89
N LYS B 207 -9.44 25.12 29.82
CA LYS B 207 -9.57 25.66 28.48
C LYS B 207 -10.96 25.18 27.99
N SER B 208 -11.88 26.11 27.69
CA SER B 208 -13.22 25.76 27.15
C SER B 208 -13.19 25.78 25.64
N TRP B 209 -13.93 24.85 25.04
CA TRP B 209 -13.98 24.63 23.60
C TRP B 209 -15.39 24.61 23.12
N TYR B 210 -15.57 25.11 21.92
CA TYR B 210 -16.78 25.03 21.12
C TYR B 210 -16.40 24.30 19.88
N SER B 211 -17.32 23.51 19.33
N SER B 211 -17.33 23.52 19.33
CA SER B 211 -17.05 22.73 18.10
CA SER B 211 -17.06 22.70 18.14
C SER B 211 -18.30 22.59 17.28
C SER B 211 -18.30 22.57 17.28
N VAL B 212 -18.13 22.54 15.96
CA VAL B 212 -19.21 22.36 15.03
C VAL B 212 -18.83 21.04 14.34
N PRO B 213 -19.78 20.06 14.26
CA PRO B 213 -19.46 18.81 13.58
C PRO B 213 -19.01 18.99 12.12
N PRO B 214 -18.03 18.20 11.61
CA PRO B 214 -17.64 18.32 10.19
C PRO B 214 -18.82 18.32 9.19
N GLU B 215 -19.86 17.46 9.39
CA GLU B 215 -21.03 17.47 8.51
C GLU B 215 -21.79 18.83 8.44
N HIS B 216 -21.52 19.73 9.41
CA HIS B 216 -22.20 21.01 9.47
C HIS B 216 -21.25 22.22 9.28
N GLY B 217 -20.02 21.95 8.88
CA GLY B 217 -18.98 22.95 8.71
C GLY B 217 -19.28 24.07 7.73
N LYS B 218 -19.88 23.68 6.60
CA LYS B 218 -20.32 24.52 5.48
C LYS B 218 -21.40 25.53 5.89
N ARG B 219 -22.23 25.16 6.85
CA ARG B 219 -23.27 25.99 7.45
C ARG B 219 -22.60 27.03 8.32
N LEU B 220 -21.58 26.66 9.07
CA LEU B 220 -20.80 27.66 9.79
C LEU B 220 -20.15 28.67 8.80
N GLU B 221 -19.55 28.15 7.71
CA GLU B 221 -18.91 28.99 6.66
C GLU B 221 -19.88 29.96 6.00
N ARG B 222 -21.11 29.48 5.65
CA ARG B 222 -22.16 30.26 5.02
C ARG B 222 -22.58 31.40 5.92
N LEU B 223 -22.76 31.13 7.21
CA LEU B 223 -23.08 32.13 8.21
C LEU B 223 -21.90 33.15 8.32
N ALA B 224 -20.63 32.69 8.48
CA ALA B 224 -19.49 33.60 8.58
C ALA B 224 -19.34 34.48 7.33
N LYS B 225 -19.56 33.92 6.12
CA LYS B 225 -19.50 34.70 4.87
C LYS B 225 -20.61 35.77 4.80
N GLY B 226 -21.80 35.43 5.31
CA GLY B 226 -22.91 36.37 5.34
C GLY B 226 -22.64 37.51 6.29
N PHE B 227 -21.96 37.24 7.43
CA PHE B 227 -21.59 38.21 8.47
C PHE B 227 -20.37 39.03 8.12
N PHE B 228 -19.43 38.48 7.35
CA PHE B 228 -18.20 39.21 6.98
C PHE B 228 -18.02 39.16 5.45
N PRO B 229 -18.89 39.89 4.68
CA PRO B 229 -18.79 39.83 3.21
C PRO B 229 -17.55 40.48 2.59
N GLY B 230 -16.95 41.44 3.30
CA GLY B 230 -15.74 42.11 2.86
C GLY B 230 -14.57 41.15 2.91
N SER B 231 -14.47 40.41 4.03
CA SER B 231 -13.47 39.37 4.32
C SER B 231 -13.62 38.19 3.34
N ALA B 232 -14.86 37.75 3.05
CA ALA B 232 -15.16 36.64 2.14
C ALA B 232 -14.78 36.99 0.70
N GLN B 233 -14.98 38.24 0.27
CA GLN B 233 -14.61 38.65 -1.08
C GLN B 233 -13.08 38.65 -1.27
N SER B 234 -12.31 39.13 -0.26
CA SER B 234 -10.83 39.26 -0.28
C SER B 234 -10.07 37.93 -0.22
N CYS B 235 -10.62 36.94 0.52
CA CYS B 235 -10.07 35.61 0.71
C CYS B 235 -11.24 34.64 0.73
N GLU B 236 -11.14 33.51 0.02
CA GLU B 236 -12.17 32.46 0.01
C GLU B 236 -12.24 31.82 1.42
N ALA B 237 -11.09 31.38 1.95
CA ALA B 237 -10.93 30.76 3.26
C ALA B 237 -10.48 31.78 4.36
N PHE B 238 -11.23 32.88 4.54
CA PHE B 238 -10.87 33.92 5.53
C PHE B 238 -10.85 33.41 6.98
N LEU B 239 -11.62 32.35 7.30
CA LEU B 239 -11.64 31.75 8.65
C LEU B 239 -10.26 31.21 9.05
N ARG B 240 -9.44 30.82 8.03
CA ARG B 240 -8.07 30.35 8.23
C ARG B 240 -7.17 31.46 8.80
N HIS B 241 -7.59 32.74 8.75
CA HIS B 241 -6.83 33.86 9.33
C HIS B 241 -6.92 33.75 10.84
N LYS B 242 -7.88 32.93 11.35
CA LYS B 242 -8.10 32.66 12.76
C LYS B 242 -8.36 33.94 13.56
N MET B 243 -9.18 34.83 12.99
CA MET B 243 -9.57 36.11 13.58
C MET B 243 -11.07 36.21 13.87
N THR B 244 -11.88 35.29 13.38
CA THR B 244 -13.34 35.35 13.52
C THR B 244 -13.87 34.68 14.80
N LEU B 245 -14.48 35.49 15.69
CA LEU B 245 -15.13 35.02 16.92
C LEU B 245 -16.63 35.12 16.74
N ILE B 246 -17.34 33.99 16.95
CA ILE B 246 -18.80 33.91 16.84
C ILE B 246 -19.25 33.24 18.13
N SER B 247 -20.02 33.96 18.96
CA SER B 247 -20.49 33.44 20.23
C SER B 247 -21.48 32.24 20.06
N PRO B 248 -21.57 31.30 21.04
CA PRO B 248 -22.54 30.19 20.92
C PRO B 248 -24.00 30.63 20.78
N LEU B 249 -24.35 31.82 21.30
CA LEU B 249 -25.70 32.38 21.23
C LEU B 249 -26.08 32.77 19.79
N MET B 250 -25.11 33.28 19.03
CA MET B 250 -25.21 33.63 17.62
C MET B 250 -25.38 32.35 16.79
N LEU B 251 -24.66 31.26 17.13
CA LEU B 251 -24.81 29.98 16.42
C LEU B 251 -26.20 29.37 16.72
N LYS B 252 -26.65 29.47 17.97
CA LYS B 252 -27.97 28.99 18.40
C LYS B 252 -29.08 29.82 17.72
N LYS B 253 -28.86 31.16 17.59
CA LYS B 253 -29.82 32.08 16.94
C LYS B 253 -30.09 31.72 15.44
N TYR B 254 -29.08 31.21 14.74
CA TYR B 254 -29.14 30.82 13.35
C TYR B 254 -29.21 29.33 13.14
N GLY B 255 -29.37 28.58 14.23
CA GLY B 255 -29.54 27.13 14.19
C GLY B 255 -28.37 26.29 13.71
N ILE B 256 -27.13 26.75 13.96
CA ILE B 256 -25.93 26.01 13.65
C ILE B 256 -25.73 25.01 14.79
N PRO B 257 -25.65 23.70 14.53
CA PRO B 257 -25.39 22.75 15.63
C PRO B 257 -23.95 22.88 16.10
N PHE B 258 -23.78 22.86 17.41
CA PHE B 258 -22.45 22.98 18.00
C PHE B 258 -22.50 22.27 19.32
N ASP B 259 -21.33 21.95 19.84
CA ASP B 259 -21.25 21.37 21.15
C ASP B 259 -20.17 22.11 21.93
N LYS B 260 -20.18 21.96 23.25
CA LYS B 260 -19.15 22.59 24.04
C LYS B 260 -18.55 21.59 25.02
N VAL B 261 -17.32 21.86 25.46
CA VAL B 261 -16.62 21.03 26.43
C VAL B 261 -15.52 21.82 27.11
N THR B 262 -15.32 21.54 28.39
CA THR B 262 -14.22 22.13 29.14
C THR B 262 -13.12 21.10 29.31
N GLN B 263 -11.89 21.47 28.97
CA GLN B 263 -10.72 20.64 29.11
C GLN B 263 -9.99 21.07 30.37
N GLU B 264 -9.68 20.10 31.22
CA GLU B 264 -8.97 20.35 32.46
C GLU B 264 -7.57 19.84 32.34
N ALA B 265 -6.69 20.31 33.23
CA ALA B 265 -5.27 19.93 33.21
C ALA B 265 -5.14 18.42 33.33
N GLY B 266 -4.31 17.87 32.47
CA GLY B 266 -4.03 16.45 32.39
C GLY B 266 -4.89 15.72 31.39
N GLU B 267 -5.66 16.45 30.57
CA GLU B 267 -6.52 15.82 29.55
C GLU B 267 -6.13 16.24 28.16
N PHE B 268 -6.40 15.35 27.19
CA PHE B 268 -6.18 15.59 25.76
C PHE B 268 -7.48 15.96 25.08
N MET B 269 -7.39 16.85 24.08
CA MET B 269 -8.47 17.16 23.14
C MET B 269 -7.95 16.73 21.77
N ILE B 270 -8.81 16.07 20.98
CA ILE B 270 -8.49 15.66 19.60
C ILE B 270 -9.44 16.38 18.71
N THR B 271 -8.91 17.09 17.70
CA THR B 271 -9.73 17.72 16.66
C THR B 271 -9.60 16.84 15.44
N PHE B 272 -10.72 16.66 14.76
CA PHE B 272 -10.76 15.84 13.58
C PHE B 272 -10.77 16.66 12.32
N PRO B 273 -10.38 16.10 11.16
CA PRO B 273 -10.44 16.87 9.91
C PRO B 273 -11.78 17.55 9.62
N TYR B 274 -11.65 18.84 9.30
CA TYR B 274 -12.75 19.76 8.95
C TYR B 274 -13.68 20.04 10.13
N GLY B 275 -13.19 19.81 11.32
CA GLY B 275 -13.94 20.14 12.52
C GLY B 275 -13.63 21.55 12.98
N TYR B 276 -14.55 22.50 12.80
CA TYR B 276 -14.38 23.88 13.30
C TYR B 276 -14.44 23.92 14.79
N HIS B 277 -13.43 24.53 15.41
CA HIS B 277 -13.36 24.71 16.85
C HIS B 277 -12.93 26.16 17.21
N ALA B 278 -13.31 26.59 18.40
CA ALA B 278 -13.01 27.89 19.00
C ALA B 278 -13.00 27.73 20.53
N GLY B 279 -12.53 28.74 21.26
CA GLY B 279 -12.60 28.69 22.71
C GLY B 279 -11.75 29.68 23.45
N PHE B 280 -11.63 29.47 24.75
CA PHE B 280 -10.86 30.36 25.58
C PHE B 280 -10.28 29.66 26.78
N ASN B 281 -9.28 30.34 27.36
CA ASN B 281 -8.55 29.97 28.56
C ASN B 281 -9.20 30.60 29.77
N HIS B 282 -9.40 29.81 30.83
CA HIS B 282 -10.02 30.25 32.10
C HIS B 282 -9.04 31.04 32.94
N GLY B 283 -7.76 30.91 32.65
CA GLY B 283 -6.71 31.57 33.39
C GLY B 283 -5.38 31.03 32.98
N PHE B 284 -4.36 31.25 33.80
CA PHE B 284 -3.02 30.83 33.46
C PHE B 284 -2.94 29.33 33.34
N ASN B 285 -2.39 28.88 32.23
CA ASN B 285 -2.26 27.48 31.91
C ASN B 285 -1.28 27.29 30.79
N CYS B 286 -0.94 26.05 30.54
CA CYS B 286 -0.10 25.71 29.42
C CYS B 286 -0.60 24.46 28.69
N ALA B 287 -0.76 24.58 27.38
CA ALA B 287 -1.17 23.48 26.49
C ALA B 287 -0.13 23.24 25.45
N GLU B 288 -0.02 21.99 25.00
CA GLU B 288 0.93 21.58 23.96
C GLU B 288 0.11 20.98 22.82
N SER B 289 0.45 21.40 21.62
CA SER B 289 -0.28 20.99 20.44
C SER B 289 0.57 20.63 19.23
N THR B 290 -0.04 19.87 18.29
CA THR B 290 0.52 19.47 16.99
C THR B 290 -0.59 18.92 16.10
N ASN B 291 -0.27 18.82 14.81
CA ASN B 291 -1.18 18.26 13.83
C ASN B 291 -0.73 16.87 13.58
N PHE B 292 -1.63 15.99 13.10
CA PHE B 292 -1.28 14.62 12.74
C PHE B 292 -2.27 14.16 11.69
N ALA B 293 -2.00 13.01 11.09
CA ALA B 293 -2.88 12.51 10.06
C ALA B 293 -3.21 11.04 10.21
N THR B 294 -4.29 10.60 9.58
CA THR B 294 -4.61 9.20 9.39
C THR B 294 -4.81 9.08 7.88
N ARG B 295 -5.07 7.87 7.39
CA ARG B 295 -5.33 7.65 5.96
C ARG B 295 -6.62 8.37 5.49
N ARG B 296 -7.58 8.57 6.40
CA ARG B 296 -8.84 9.27 6.12
C ARG B 296 -8.59 10.78 5.75
N TRP B 297 -7.56 11.38 6.37
CA TRP B 297 -7.20 12.77 6.13
C TRP B 297 -6.82 13.05 4.66
N ILE B 298 -6.14 12.12 3.98
CA ILE B 298 -5.63 12.35 2.63
C ILE B 298 -6.69 13.02 1.71
N GLU B 299 -7.93 12.50 1.67
CA GLU B 299 -8.99 13.11 0.90
C GLU B 299 -9.29 14.53 1.34
N TYR B 300 -9.33 14.80 2.68
CA TYR B 300 -9.51 16.14 3.25
C TYR B 300 -8.37 17.06 2.82
N GLY B 301 -7.13 16.59 2.77
CA GLY B 301 -6.02 17.47 2.36
C GLY B 301 -6.12 17.82 0.88
N LYS B 302 -6.58 16.85 0.05
CA LYS B 302 -6.77 17.03 -1.39
C LYS B 302 -7.85 18.07 -1.72
N GLN B 303 -8.87 18.16 -0.85
CA GLN B 303 -10.01 19.06 -1.05
C GLN B 303 -10.03 20.28 -0.14
N ALA B 304 -8.99 20.51 0.71
CA ALA B 304 -9.01 21.68 1.61
C ALA B 304 -9.03 23.01 0.86
N VAL B 305 -9.96 23.91 1.22
CA VAL B 305 -10.02 25.24 0.60
C VAL B 305 -8.98 26.08 1.36
N LEU B 306 -7.97 26.55 0.65
CA LEU B 306 -6.84 27.25 1.27
C LEU B 306 -6.96 28.75 1.20
N CYS B 307 -6.26 29.43 2.12
CA CYS B 307 -6.21 30.88 2.13
C CYS B 307 -5.43 31.35 0.88
N SER B 308 -6.03 32.29 0.14
CA SER B 308 -5.52 32.83 -1.12
C SER B 308 -4.81 34.19 -1.06
N CYS B 309 -5.07 34.98 0.00
CA CYS B 309 -4.59 36.37 0.14
C CYS B 309 -3.21 36.52 0.80
N ARG B 310 -2.68 35.48 1.46
CA ARG B 310 -1.40 35.55 2.17
C ARG B 310 -0.38 34.56 1.61
N LYS B 311 0.89 35.01 1.53
CA LYS B 311 2.03 34.23 1.05
C LYS B 311 2.55 33.24 2.10
N ASP B 312 2.56 33.67 3.38
CA ASP B 312 3.04 32.94 4.56
C ASP B 312 2.33 31.60 4.84
N MET B 313 1.00 31.52 4.55
CA MET B 313 0.07 30.41 4.81
C MET B 313 0.63 28.99 4.58
N VAL B 314 0.29 28.08 5.53
CA VAL B 314 0.70 26.67 5.58
C VAL B 314 0.02 25.83 4.48
N LYS B 315 0.80 25.49 3.44
CA LYS B 315 0.36 24.67 2.32
C LYS B 315 1.19 23.38 2.25
N ILE B 316 0.49 22.24 2.21
CA ILE B 316 1.17 20.96 2.09
C ILE B 316 0.89 20.45 0.67
N SER B 317 1.94 19.99 -0.02
CA SER B 317 1.75 19.34 -1.32
C SER B 317 1.21 17.95 -1.03
N MET B 318 0.04 17.65 -1.58
CA MET B 318 -0.62 16.36 -1.39
C MET B 318 -0.07 15.28 -2.30
N ASP B 319 0.78 15.64 -3.26
CA ASP B 319 1.35 14.75 -4.26
C ASP B 319 1.91 13.44 -3.67
N VAL B 320 2.81 13.54 -2.68
CA VAL B 320 3.47 12.44 -1.96
C VAL B 320 2.46 11.43 -1.36
N PHE B 321 1.33 11.94 -0.83
CA PHE B 321 0.30 11.10 -0.23
C PHE B 321 -0.52 10.38 -1.23
N VAL B 322 -0.82 11.03 -2.37
CA VAL B 322 -1.62 10.46 -3.46
C VAL B 322 -0.80 9.34 -4.13
N ARG B 323 0.49 9.53 -4.23
CA ARG B 323 1.35 8.52 -4.82
C ARG B 323 1.43 7.26 -3.96
N LYS B 324 1.65 7.42 -2.65
CA LYS B 324 1.78 6.30 -1.73
C LYS B 324 0.46 5.57 -1.46
N PHE B 325 -0.61 6.32 -1.14
CA PHE B 325 -1.86 5.71 -0.74
C PHE B 325 -2.93 5.60 -1.81
N GLN B 326 -2.86 6.38 -2.88
CA GLN B 326 -3.84 6.34 -3.96
C GLN B 326 -3.13 6.24 -5.29
N PRO B 327 -2.16 5.30 -5.50
CA PRO B 327 -1.48 5.25 -6.82
C PRO B 327 -2.42 5.13 -8.02
N GLU B 328 -3.55 4.41 -7.86
CA GLU B 328 -4.56 4.19 -8.90
C GLU B 328 -5.30 5.49 -9.33
N ARG B 329 -5.36 6.48 -8.42
N ARG B 329 -5.37 6.48 -8.43
CA ARG B 329 -6.02 7.77 -8.61
CA ARG B 329 -6.04 7.76 -8.65
C ARG B 329 -5.04 8.89 -8.97
C ARG B 329 -5.05 8.89 -8.96
N TYR B 330 -3.72 8.60 -9.02
CA TYR B 330 -2.70 9.63 -9.26
C TYR B 330 -2.90 10.46 -10.55
N LYS B 331 -2.97 9.80 -11.75
CA LYS B 331 -3.21 10.45 -13.05
C LYS B 331 -4.51 11.27 -13.00
N LEU B 332 -5.63 10.64 -12.56
CA LEU B 332 -6.95 11.28 -12.46
C LEU B 332 -6.91 12.57 -11.66
N TRP B 333 -6.28 12.50 -10.47
CA TRP B 333 -6.13 13.61 -9.54
C TRP B 333 -5.32 14.74 -10.14
N LYS B 334 -4.24 14.39 -10.84
CA LYS B 334 -3.37 15.37 -11.51
C LYS B 334 -4.12 16.11 -12.63
N ALA B 335 -4.96 15.37 -13.41
CA ALA B 335 -5.81 15.90 -14.48
C ALA B 335 -7.02 16.72 -13.92
N GLY B 336 -7.11 16.79 -12.58
CA GLY B 336 -8.18 17.49 -11.87
C GLY B 336 -9.53 16.82 -12.00
N LYS B 337 -9.54 15.55 -12.49
CA LYS B 337 -10.76 14.78 -12.71
C LYS B 337 -11.14 13.87 -11.50
N ASP B 338 -10.55 14.12 -10.33
CA ASP B 338 -10.86 13.37 -9.13
C ASP B 338 -12.06 14.04 -8.42
N ASN B 339 -13.26 13.46 -8.61
N ASN B 339 -13.24 13.43 -8.62
CA ASN B 339 -14.53 13.98 -8.08
CA ASN B 339 -14.55 13.88 -8.13
C ASN B 339 -15.04 13.20 -6.83
C ASN B 339 -15.04 13.13 -6.86
N THR B 340 -14.11 12.79 -5.95
CA THR B 340 -14.40 12.06 -4.71
C THR B 340 -15.18 12.93 -3.71
N VAL B 341 -16.34 12.42 -3.29
CA VAL B 341 -17.18 13.11 -2.35
C VAL B 341 -16.80 12.64 -0.94
N ILE B 342 -16.44 13.56 -0.04
CA ILE B 342 -16.11 13.17 1.31
C ILE B 342 -17.40 12.89 2.09
N ASP B 343 -17.48 11.68 2.68
CA ASP B 343 -18.55 11.31 3.62
C ASP B 343 -17.90 11.47 5.02
N HIS B 344 -18.29 12.54 5.75
CA HIS B 344 -17.80 12.93 7.09
C HIS B 344 -18.09 11.91 8.21
N THR B 345 -19.10 11.05 8.05
CA THR B 345 -19.49 10.05 9.04
C THR B 345 -18.60 8.80 8.98
N LEU B 346 -17.90 8.55 7.86
CA LEU B 346 -17.08 7.33 7.70
C LEU B 346 -15.84 7.31 8.62
N PRO B 347 -15.58 6.17 9.32
CA PRO B 347 -14.40 6.10 10.19
C PRO B 347 -13.15 5.83 9.36
N THR B 348 -11.97 6.04 9.96
CA THR B 348 -10.69 5.86 9.25
C THR B 348 -10.52 4.38 8.85
N PRO B 349 -10.01 4.02 7.66
CA PRO B 349 -9.90 2.58 7.31
C PRO B 349 -9.17 1.71 8.37
N GLU B 350 -8.26 2.33 9.16
CA GLU B 350 -7.48 1.71 10.26
C GLU B 350 -8.39 1.16 11.39
N ALA B 351 -9.64 1.66 11.46
CA ALA B 351 -10.68 1.31 12.43
C ALA B 351 -11.43 0.01 12.09
N ALA B 352 -11.08 -0.66 10.96
CA ALA B 352 -11.72 -1.90 10.48
C ALA B 352 -11.70 -2.99 11.55
N GLU B 353 -10.51 -3.23 12.15
CA GLU B 353 -10.24 -4.19 13.24
C GLU B 353 -11.20 -4.05 14.44
N PHE B 354 -11.82 -2.86 14.60
CA PHE B 354 -12.78 -2.52 15.65
C PHE B 354 -14.19 -2.55 15.06
N PRO C 11 52.90 19.30 11.78
CA PRO C 11 53.74 19.83 12.87
C PRO C 11 52.97 20.12 14.16
N SER C 12 52.28 21.29 14.22
CA SER C 12 51.48 21.72 15.37
C SER C 12 50.03 21.29 15.22
N ALA C 13 49.70 20.63 14.08
CA ALA C 13 48.37 20.11 13.79
C ALA C 13 48.32 18.57 13.92
N ARG C 14 49.23 17.99 14.74
CA ARG C 14 49.32 16.55 15.02
C ARG C 14 48.44 16.20 16.23
N ILE C 15 47.81 14.98 16.22
CA ILE C 15 46.91 14.51 17.27
C ILE C 15 47.64 14.33 18.60
N MET C 16 47.15 15.03 19.64
CA MET C 16 47.72 14.95 20.99
C MET C 16 46.92 14.05 21.92
N THR C 17 47.63 13.37 22.84
CA THR C 17 47.12 12.49 23.89
C THR C 17 47.37 13.17 25.24
N PHE C 18 46.34 13.22 26.07
CA PHE C 18 46.37 13.82 27.39
C PHE C 18 46.06 12.79 28.46
N TYR C 19 46.82 12.85 29.57
CA TYR C 19 46.71 11.92 30.69
C TYR C 19 46.33 12.71 31.96
N PRO C 20 45.06 13.19 32.12
CA PRO C 20 44.72 13.98 33.31
C PRO C 20 44.85 13.20 34.62
N THR C 21 45.16 13.89 35.70
CA THR C 21 45.22 13.25 37.02
C THR C 21 43.75 13.05 37.47
N MET C 22 43.49 12.40 38.62
CA MET C 22 42.11 12.27 39.08
C MET C 22 41.57 13.67 39.45
N GLU C 23 42.44 14.57 39.95
CA GLU C 23 42.09 15.96 40.30
C GLU C 23 41.68 16.79 39.06
N GLU C 24 42.44 16.63 37.95
CA GLU C 24 42.22 17.31 36.66
C GLU C 24 40.99 16.78 35.95
N PHE C 25 40.75 15.46 36.05
CA PHE C 25 39.65 14.75 35.42
C PHE C 25 38.29 15.12 35.97
N ARG C 26 38.21 15.56 37.23
CA ARG C 26 36.93 15.89 37.88
C ARG C 26 36.20 17.08 37.21
N ASN C 27 36.95 18.00 36.56
CA ASN C 27 36.33 19.12 35.86
C ASN C 27 36.50 18.96 34.35
N PHE C 28 35.39 18.64 33.67
CA PHE C 28 35.35 18.39 32.23
C PHE C 28 35.70 19.62 31.40
N SER C 29 34.92 20.71 31.53
CA SER C 29 35.09 21.93 30.75
C SER C 29 36.41 22.66 31.02
N ARG C 30 36.95 22.53 32.25
CA ARG C 30 38.23 23.13 32.62
C ARG C 30 39.33 22.33 31.92
N TYR C 31 39.11 21.01 31.72
CA TYR C 31 40.08 20.18 31.03
C TYR C 31 40.05 20.40 29.51
N ILE C 32 38.85 20.69 28.93
CA ILE C 32 38.72 21.00 27.50
C ILE C 32 39.45 22.31 27.22
N ALA C 33 39.31 23.29 28.15
CA ALA C 33 39.98 24.60 28.10
C ALA C 33 41.50 24.38 28.23
N TYR C 34 41.94 23.43 29.11
CA TYR C 34 43.37 23.11 29.27
C TYR C 34 44.00 22.49 28.02
N ILE C 35 43.26 21.63 27.29
CA ILE C 35 43.83 20.98 26.10
C ILE C 35 43.89 21.94 24.90
N GLU C 36 42.97 22.94 24.82
CA GLU C 36 42.99 23.93 23.73
C GLU C 36 44.12 24.92 23.93
N SER C 37 44.50 25.19 25.19
CA SER C 37 45.60 26.09 25.52
C SER C 37 46.94 25.40 25.20
N GLN C 38 46.90 24.06 25.08
CA GLN C 38 48.01 23.17 24.73
C GLN C 38 48.08 22.96 23.20
N GLY C 39 47.06 23.43 22.47
CA GLY C 39 46.93 23.37 21.03
C GLY C 39 46.23 22.15 20.44
N ALA C 40 45.50 21.38 21.27
CA ALA C 40 44.83 20.14 20.82
C ALA C 40 43.82 20.34 19.72
N HIS C 41 43.11 21.48 19.71
CA HIS C 41 42.05 21.83 18.76
C HIS C 41 42.56 21.99 17.32
N ARG C 42 43.86 22.27 17.16
CA ARG C 42 44.49 22.47 15.87
C ARG C 42 44.47 21.23 14.98
N ALA C 43 44.60 20.02 15.59
CA ALA C 43 44.53 18.74 14.87
C ALA C 43 43.06 18.35 14.55
N GLY C 44 42.13 18.89 15.33
CA GLY C 44 40.70 18.66 15.16
C GLY C 44 40.20 17.45 15.91
N LEU C 45 41.15 16.73 16.51
CA LEU C 45 40.96 15.48 17.23
C LEU C 45 42.02 15.37 18.32
N ALA C 46 41.62 14.95 19.51
CA ALA C 46 42.56 14.72 20.61
C ALA C 46 42.13 13.46 21.38
N LYS C 47 43.12 12.71 21.88
CA LYS C 47 42.88 11.52 22.72
C LYS C 47 43.05 11.90 24.20
N VAL C 48 42.13 11.40 25.03
CA VAL C 48 42.18 11.65 26.47
C VAL C 48 42.14 10.32 27.20
N VAL C 49 43.25 9.98 27.86
CA VAL C 49 43.35 8.76 28.65
C VAL C 49 42.93 9.10 30.07
N PRO C 50 41.86 8.48 30.58
CA PRO C 50 41.41 8.80 31.95
C PRO C 50 42.31 8.22 33.05
N PRO C 51 42.24 8.73 34.31
CA PRO C 51 43.03 8.12 35.40
C PRO C 51 42.74 6.62 35.52
N LYS C 52 43.78 5.79 35.75
CA LYS C 52 43.69 4.33 35.87
C LYS C 52 42.58 3.80 36.81
N GLU C 53 42.31 4.53 37.90
CA GLU C 53 41.32 4.20 38.93
C GLU C 53 39.87 4.46 38.53
N TRP C 54 39.66 5.23 37.44
CA TRP C 54 38.34 5.61 36.93
C TRP C 54 37.73 4.54 36.02
N LYS C 55 36.47 4.18 36.29
CA LYS C 55 35.67 3.22 35.53
C LYS C 55 34.20 3.70 35.48
N PRO C 56 33.60 3.87 34.27
CA PRO C 56 32.20 4.35 34.20
C PRO C 56 31.12 3.30 34.52
N ARG C 57 31.52 2.01 34.53
CA ARG C 57 30.65 0.86 34.76
C ARG C 57 31.50 -0.30 35.26
N ALA C 58 30.98 -1.03 36.30
CA ALA C 58 31.61 -2.19 36.93
C ALA C 58 31.89 -3.33 35.94
N SER C 59 30.86 -3.76 35.18
CA SER C 59 31.00 -4.83 34.18
C SER C 59 30.09 -4.64 32.97
N TYR C 60 30.48 -5.23 31.85
CA TYR C 60 29.69 -5.19 30.62
C TYR C 60 29.05 -6.57 30.29
N ASP C 61 28.93 -7.46 31.29
CA ASP C 61 28.37 -8.81 31.13
C ASP C 61 26.85 -8.90 31.32
N ASP C 62 26.16 -7.76 31.49
CA ASP C 62 24.72 -7.63 31.75
C ASP C 62 23.94 -6.85 30.66
N ILE C 63 24.51 -6.73 29.47
CA ILE C 63 23.87 -5.97 28.39
C ILE C 63 23.56 -6.82 27.14
N ASP C 64 23.55 -8.16 27.27
CA ASP C 64 23.27 -9.09 26.15
C ASP C 64 21.89 -8.92 25.53
N ASP C 65 20.93 -8.54 26.36
CA ASP C 65 19.53 -8.38 25.94
C ASP C 65 19.23 -6.96 25.49
N LEU C 66 20.26 -6.06 25.51
CA LEU C 66 20.14 -4.68 25.05
C LEU C 66 19.81 -4.68 23.57
N VAL C 67 18.72 -3.98 23.23
CA VAL C 67 18.21 -3.91 21.87
C VAL C 67 18.84 -2.79 21.05
N ILE C 68 19.38 -3.18 19.88
CA ILE C 68 19.86 -2.29 18.83
C ILE C 68 18.62 -2.21 17.91
N PRO C 69 17.81 -1.12 17.97
CA PRO C 69 16.54 -1.11 17.21
C PRO C 69 16.66 -0.99 15.70
N ALA C 70 17.65 -0.24 15.24
CA ALA C 70 17.88 0.00 13.84
C ALA C 70 19.31 -0.38 13.42
N PRO C 71 19.70 -1.69 13.34
CA PRO C 71 21.05 -2.02 12.87
C PRO C 71 21.18 -1.66 11.40
N ILE C 72 22.36 -1.24 10.96
CA ILE C 72 22.52 -0.88 9.56
C ILE C 72 23.57 -1.73 8.88
N GLN C 73 23.23 -2.34 7.75
CA GLN C 73 24.21 -3.03 6.92
C GLN C 73 24.87 -1.90 6.08
N GLN C 74 26.20 -1.82 6.10
CA GLN C 74 26.95 -0.79 5.42
C GLN C 74 27.44 -1.29 4.07
N LEU C 75 26.70 -0.93 3.01
CA LEU C 75 27.04 -1.31 1.65
C LEU C 75 27.93 -0.20 1.11
N VAL C 76 29.13 -0.53 0.68
CA VAL C 76 30.08 0.47 0.22
C VAL C 76 30.34 0.24 -1.25
N THR C 77 30.17 1.29 -2.06
CA THR C 77 30.40 1.24 -3.50
C THR C 77 31.48 2.23 -3.90
N GLY C 78 32.32 1.82 -4.84
CA GLY C 78 33.38 2.67 -5.37
C GLY C 78 34.62 1.94 -5.82
N GLN C 79 35.68 2.73 -6.09
CA GLN C 79 36.99 2.30 -6.57
C GLN C 79 38.00 3.43 -6.47
N SER C 80 39.30 3.07 -6.51
CA SER C 80 40.46 3.97 -6.48
C SER C 80 40.39 5.01 -5.31
N GLY C 81 40.07 4.50 -4.12
CA GLY C 81 40.00 5.26 -2.89
C GLY C 81 38.84 6.22 -2.71
N LEU C 82 37.84 6.20 -3.60
CA LEU C 82 36.66 7.08 -3.51
C LEU C 82 35.43 6.22 -3.40
N PHE C 83 34.74 6.30 -2.25
CA PHE C 83 33.61 5.42 -1.96
C PHE C 83 32.39 6.12 -1.41
N THR C 84 31.21 5.49 -1.61
CA THR C 84 29.90 5.88 -1.13
C THR C 84 29.31 4.74 -0.29
N GLN C 85 29.02 5.06 0.96
CA GLN C 85 28.45 4.16 1.92
C GLN C 85 26.92 4.32 1.89
N TYR C 86 26.20 3.22 1.63
CA TYR C 86 24.74 3.16 1.60
C TYR C 86 24.29 2.40 2.84
N ASN C 87 23.34 2.97 3.57
CA ASN C 87 22.84 2.36 4.79
C ASN C 87 21.58 1.55 4.51
N ILE C 88 21.61 0.27 4.89
CA ILE C 88 20.50 -0.66 4.72
C ILE C 88 20.04 -1.00 6.13
N GLN C 89 18.87 -0.51 6.55
CA GLN C 89 18.37 -0.80 7.88
C GLN C 89 17.94 -2.26 7.92
N LYS C 90 18.40 -2.95 8.97
CA LYS C 90 18.14 -4.35 9.21
C LYS C 90 17.16 -4.44 10.38
N LYS C 91 16.55 -5.62 10.58
CA LYS C 91 15.61 -5.84 11.69
C LYS C 91 16.34 -5.69 13.04
N ALA C 92 15.62 -5.22 14.09
CA ALA C 92 16.19 -5.05 15.43
C ALA C 92 16.86 -6.33 15.92
N MET C 93 17.92 -6.17 16.67
CA MET C 93 18.61 -7.32 17.22
C MET C 93 19.17 -7.00 18.60
N THR C 94 19.53 -8.02 19.38
CA THR C 94 20.12 -7.80 20.70
C THR C 94 21.64 -7.73 20.54
N VAL C 95 22.34 -7.28 21.59
CA VAL C 95 23.81 -7.22 21.64
C VAL C 95 24.42 -8.64 21.45
N ARG C 96 23.76 -9.64 22.05
CA ARG C 96 24.10 -11.05 22.00
C ARG C 96 24.13 -11.54 20.53
N GLU C 97 23.03 -11.26 19.77
CA GLU C 97 22.87 -11.59 18.35
C GLU C 97 23.85 -10.82 17.49
N PHE C 98 24.09 -9.55 17.82
CA PHE C 98 25.04 -8.71 17.13
C PHE C 98 26.48 -9.23 17.27
N ARG C 99 26.89 -9.62 18.51
CA ARG C 99 28.21 -10.14 18.85
C ARG C 99 28.48 -11.49 18.17
N LYS C 100 27.42 -12.31 17.98
CA LYS C 100 27.49 -13.62 17.35
C LYS C 100 27.88 -13.44 15.86
N ILE C 101 27.30 -12.41 15.22
CA ILE C 101 27.56 -12.02 13.83
C ILE C 101 28.97 -11.38 13.74
N ALA C 102 29.33 -10.48 14.70
CA ALA C 102 30.63 -9.80 14.75
C ALA C 102 31.82 -10.76 14.78
N ASN C 103 31.69 -11.84 15.58
CA ASN C 103 32.73 -12.82 15.85
C ASN C 103 32.67 -14.11 15.00
N SER C 104 31.74 -14.19 14.02
CA SER C 104 31.65 -15.35 13.13
C SER C 104 32.79 -15.31 12.11
N ASP C 105 33.11 -16.46 11.49
CA ASP C 105 34.17 -16.58 10.50
C ASP C 105 34.01 -15.55 9.38
N LYS C 106 32.77 -15.38 8.86
CA LYS C 106 32.45 -14.40 7.80
C LYS C 106 32.78 -12.96 8.15
N TYR C 107 32.46 -12.51 9.39
CA TYR C 107 32.63 -11.11 9.79
C TYR C 107 33.75 -10.77 10.77
N CYS C 108 34.48 -11.74 11.33
CA CYS C 108 35.53 -11.44 12.29
C CYS C 108 36.74 -10.72 11.65
N THR C 109 37.55 -10.06 12.50
CA THR C 109 38.76 -9.36 12.10
C THR C 109 39.77 -10.33 11.49
N PRO C 110 40.45 -9.96 10.38
CA PRO C 110 41.51 -10.84 9.85
C PRO C 110 42.75 -10.86 10.76
N ARG C 111 43.68 -11.80 10.51
CA ARG C 111 44.94 -11.89 11.27
C ARG C 111 45.79 -10.68 10.86
N TYR C 112 46.39 -9.98 11.85
CA TYR C 112 47.23 -8.80 11.60
C TYR C 112 48.36 -8.64 12.60
N SER C 113 49.54 -8.26 12.07
CA SER C 113 50.70 -7.99 12.89
C SER C 113 50.60 -6.54 13.38
N GLU C 114 50.72 -5.58 12.46
CA GLU C 114 50.68 -4.14 12.73
C GLU C 114 49.41 -3.46 12.20
N PHE C 115 49.13 -2.22 12.68
CA PHE C 115 47.98 -1.42 12.26
C PHE C 115 48.02 -1.16 10.75
N GLU C 116 49.21 -0.87 10.22
CA GLU C 116 49.42 -0.64 8.79
C GLU C 116 48.85 -1.79 7.94
N GLU C 117 49.00 -3.05 8.42
CA GLU C 117 48.48 -4.24 7.74
C GLU C 117 46.93 -4.29 7.83
N LEU C 118 46.38 -4.01 9.01
CA LEU C 118 44.94 -4.03 9.17
C LEU C 118 44.25 -2.89 8.38
N GLU C 119 44.91 -1.72 8.32
CA GLU C 119 44.44 -0.54 7.58
C GLU C 119 44.43 -0.88 6.07
N ARG C 120 45.51 -1.52 5.56
CA ARG C 120 45.59 -1.97 4.17
C ARG C 120 44.38 -2.88 3.80
N LYS C 121 44.09 -3.86 4.66
CA LYS C 121 42.98 -4.81 4.54
C LYS C 121 41.63 -4.12 4.49
N TYR C 122 41.45 -3.09 5.32
CA TYR C 122 40.20 -2.31 5.38
C TYR C 122 39.93 -1.61 4.05
N TRP C 123 40.93 -0.88 3.53
CA TRP C 123 40.79 -0.13 2.29
C TRP C 123 40.74 -1.06 1.07
N LYS C 124 41.32 -2.26 1.18
CA LYS C 124 41.28 -3.24 0.10
C LYS C 124 39.94 -3.97 0.08
N ASN C 125 39.31 -4.21 1.27
CA ASN C 125 38.07 -4.98 1.33
C ASN C 125 36.80 -4.26 1.81
N LEU C 126 36.79 -2.93 1.95
CA LEU C 126 35.61 -2.21 2.49
C LEU C 126 34.33 -2.38 1.65
N THR C 127 34.47 -2.66 0.34
CA THR C 127 33.36 -2.87 -0.58
C THR C 127 32.88 -4.31 -0.56
N PHE C 128 33.60 -5.21 0.14
CA PHE C 128 33.24 -6.64 0.19
C PHE C 128 32.65 -6.98 1.52
N ASN C 129 31.84 -8.07 1.57
N ASN C 129 31.83 -8.05 1.56
CA ASN C 129 31.17 -8.61 2.77
CA ASN C 129 31.18 -8.61 2.75
C ASN C 129 30.64 -7.49 3.68
C ASN C 129 30.65 -7.50 3.68
N PRO C 130 29.57 -6.77 3.27
CA PRO C 130 29.07 -5.64 4.08
C PRO C 130 28.74 -5.96 5.54
N PRO C 131 29.45 -5.31 6.47
CA PRO C 131 29.22 -5.57 7.89
C PRO C 131 27.95 -4.88 8.39
N ILE C 132 27.57 -5.18 9.63
CA ILE C 132 26.40 -4.59 10.26
C ILE C 132 26.87 -3.71 11.38
N TYR C 133 26.38 -2.48 11.41
CA TYR C 133 26.78 -1.50 12.41
C TYR C 133 25.60 -1.20 13.32
N GLY C 134 25.77 -1.45 14.62
CA GLY C 134 24.75 -1.19 15.63
C GLY C 134 24.85 0.24 16.13
N ALA C 135 24.70 1.18 15.19
CA ALA C 135 24.85 2.62 15.37
C ALA C 135 23.60 3.30 15.87
N ASP C 136 23.81 4.52 16.40
CA ASP C 136 22.80 5.45 16.89
C ASP C 136 21.79 4.83 17.84
N VAL C 137 22.27 3.99 18.76
CA VAL C 137 21.40 3.40 19.77
C VAL C 137 21.31 4.45 20.87
N ASN C 138 20.10 4.94 21.15
CA ASN C 138 19.88 5.92 22.20
C ASN C 138 20.12 5.21 23.54
N GLY C 139 21.10 5.70 24.28
CA GLY C 139 21.38 5.13 25.59
C GLY C 139 22.77 5.40 26.08
N THR C 140 22.99 4.94 27.30
CA THR C 140 24.26 5.08 28.00
C THR C 140 24.64 3.76 28.71
N LEU C 141 25.94 3.57 28.90
CA LEU C 141 26.41 2.43 29.67
C LEU C 141 27.03 2.89 30.97
N TYR C 142 27.05 4.22 31.23
CA TYR C 142 27.53 4.79 32.48
C TYR C 142 26.59 4.41 33.60
N GLU C 143 27.12 4.17 34.83
CA GLU C 143 26.28 3.92 36.03
C GLU C 143 25.85 5.32 36.56
N LYS C 144 24.61 5.43 37.02
CA LYS C 144 23.99 6.67 37.50
C LYS C 144 24.91 7.65 38.27
N HIS C 145 25.71 7.12 39.21
CA HIS C 145 26.60 7.83 40.14
C HIS C 145 27.91 8.37 39.57
N VAL C 146 28.22 8.09 38.28
CA VAL C 146 29.48 8.52 37.69
C VAL C 146 29.43 10.03 37.41
N ASP C 147 30.12 10.82 38.23
CA ASP C 147 30.12 12.29 38.13
C ASP C 147 31.20 12.88 37.20
N GLU C 148 32.20 12.07 36.81
CA GLU C 148 33.29 12.54 35.99
C GLU C 148 33.15 12.06 34.56
N TRP C 149 33.15 13.04 33.61
CA TRP C 149 33.07 12.83 32.16
C TRP C 149 31.88 11.97 31.74
N ASN C 150 30.75 12.23 32.41
CA ASN C 150 29.52 11.53 32.10
C ASN C 150 28.95 12.11 30.80
N ILE C 151 29.10 11.33 29.71
CA ILE C 151 28.66 11.68 28.36
C ILE C 151 27.17 12.13 28.36
N GLY C 152 26.33 11.48 29.15
CA GLY C 152 24.93 11.84 29.32
C GLY C 152 24.63 13.16 30.02
N ARG C 153 25.64 13.75 30.73
CA ARG C 153 25.49 15.01 31.46
C ARG C 153 26.82 15.81 31.61
N LEU C 154 27.34 16.32 30.48
CA LEU C 154 28.59 17.09 30.46
C LEU C 154 28.45 18.53 31.01
N ARG C 155 27.21 19.06 31.08
CA ARG C 155 26.85 20.38 31.64
C ARG C 155 27.54 21.60 30.96
N THR C 156 27.85 21.48 29.67
CA THR C 156 28.48 22.56 28.87
C THR C 156 27.44 23.62 28.44
N ILE C 157 27.86 24.67 27.69
CA ILE C 157 26.94 25.74 27.24
C ILE C 157 25.90 25.21 26.20
N LEU C 158 26.14 24.01 25.60
CA LEU C 158 25.19 23.39 24.67
C LEU C 158 23.79 23.19 25.32
N ASP C 159 23.76 22.88 26.63
CA ASP C 159 22.54 22.70 27.45
C ASP C 159 21.51 23.87 27.36
N LEU C 160 21.94 25.08 26.95
CA LEU C 160 21.11 26.30 26.82
C LEU C 160 19.88 26.17 25.93
N VAL C 161 19.96 25.43 24.80
CA VAL C 161 18.86 25.22 23.86
C VAL C 161 17.62 24.58 24.50
N GLU C 162 17.83 23.62 25.42
CA GLU C 162 16.78 22.94 26.18
C GLU C 162 16.19 23.88 27.25
N LYS C 163 17.03 24.77 27.82
CA LYS C 163 16.63 25.74 28.86
C LYS C 163 15.61 26.78 28.38
N GLU C 164 15.72 27.23 27.11
CA GLU C 164 14.85 28.24 26.51
C GLU C 164 13.62 27.70 25.77
N SER C 165 13.70 26.49 25.17
CA SER C 165 12.60 25.90 24.39
C SER C 165 11.99 24.60 24.95
N GLY C 166 12.80 23.75 25.56
CA GLY C 166 12.35 22.46 26.07
C GLY C 166 12.64 21.37 25.05
N ILE C 167 12.41 21.69 23.75
CA ILE C 167 12.62 20.81 22.59
C ILE C 167 14.11 20.51 22.33
N THR C 168 14.48 19.21 22.36
CA THR C 168 15.84 18.74 22.14
C THR C 168 15.99 18.18 20.73
N GLY C 171 17.64 16.17 18.79
CA GLY C 171 18.08 15.54 20.02
C GLY C 171 19.56 15.27 20.04
N VAL C 172 20.38 16.32 19.81
CA VAL C 172 21.86 16.29 19.73
C VAL C 172 22.54 16.35 21.11
N ASN C 173 21.76 16.55 22.20
CA ASN C 173 22.31 16.58 23.55
C ASN C 173 21.84 15.37 24.37
N THR C 174 21.96 14.18 23.76
CA THR C 174 21.61 12.88 24.34
C THR C 174 22.73 11.90 23.93
N PRO C 175 23.09 10.90 24.77
CA PRO C 175 24.16 9.98 24.35
C PRO C 175 23.72 8.92 23.35
N TYR C 176 24.68 8.45 22.54
CA TYR C 176 24.44 7.39 21.55
C TYR C 176 25.44 6.31 21.67
N LEU C 177 24.99 5.09 21.50
CA LEU C 177 25.80 3.89 21.57
C LEU C 177 26.08 3.38 20.17
N TYR C 178 27.28 2.83 19.96
CA TYR C 178 27.70 2.34 18.66
C TYR C 178 28.33 0.99 18.86
N PHE C 179 27.65 -0.06 18.45
CA PHE C 179 28.17 -1.40 18.54
C PHE C 179 28.80 -1.69 17.20
N GLY C 180 30.13 -1.78 17.19
CA GLY C 180 30.86 -2.00 15.96
C GLY C 180 31.27 -3.43 15.73
N MET C 181 31.73 -3.70 14.52
CA MET C 181 32.28 -4.98 14.13
C MET C 181 33.34 -4.67 13.13
N TRP C 182 34.13 -5.65 12.73
CA TRP C 182 35.20 -5.39 11.81
C TRP C 182 34.69 -4.72 10.54
N LYS C 183 35.43 -3.68 10.11
CA LYS C 183 35.18 -2.96 8.85
C LYS C 183 33.98 -2.01 8.90
N THR C 184 33.30 -1.87 10.07
CA THR C 184 32.23 -0.87 10.17
C THR C 184 32.88 0.48 10.19
N SER C 185 32.30 1.44 9.49
CA SER C 185 32.90 2.75 9.37
C SER C 185 32.04 3.96 9.61
N PHE C 186 32.71 5.08 9.78
CA PHE C 186 32.06 6.35 9.84
C PHE C 186 32.75 7.18 8.74
N ALA C 187 31.95 7.77 7.88
CA ALA C 187 32.42 8.57 6.75
C ALA C 187 32.95 9.94 7.14
N TRP C 188 33.64 10.61 6.23
CA TRP C 188 34.19 11.95 6.47
C TRP C 188 33.09 12.97 6.78
N HIS C 189 33.21 13.64 7.90
CA HIS C 189 32.19 14.58 8.35
C HIS C 189 32.74 15.40 9.50
N THR C 190 32.10 16.53 9.76
CA THR C 190 32.26 17.38 10.93
C THR C 190 30.98 17.08 11.74
N GLU C 191 30.89 17.56 12.98
CA GLU C 191 29.71 17.34 13.81
C GLU C 191 28.59 18.21 13.35
N ASP C 192 27.32 17.85 13.65
CA ASP C 192 26.17 18.69 13.27
C ASP C 192 26.39 20.05 13.90
N MET C 193 26.11 21.12 13.13
CA MET C 193 26.30 22.52 13.53
C MET C 193 27.78 22.86 13.82
N ASP C 194 28.69 21.94 13.37
CA ASP C 194 30.14 22.02 13.56
C ASP C 194 30.52 22.06 15.05
N LEU C 195 29.77 21.31 15.86
CA LEU C 195 29.95 21.23 17.30
C LEU C 195 31.20 20.41 17.69
N TYR C 196 31.45 20.28 18.99
CA TYR C 196 32.49 19.39 19.47
C TYR C 196 31.79 18.05 19.63
N SER C 197 32.55 16.97 19.77
CA SER C 197 32.01 15.67 20.10
C SER C 197 32.96 14.95 21.06
N ILE C 198 32.40 14.03 21.85
CA ILE C 198 33.13 13.23 22.82
C ILE C 198 32.77 11.77 22.56
N ASN C 199 33.76 10.90 22.49
CA ASN C 199 33.53 9.49 22.20
C ASN C 199 34.39 8.63 23.14
N TYR C 200 33.72 7.75 23.87
CA TYR C 200 34.35 6.84 24.80
C TYR C 200 34.21 5.44 24.30
N LEU C 201 35.34 4.75 24.14
CA LEU C 201 35.29 3.35 23.74
C LEU C 201 35.11 2.50 25.02
N HIS C 202 33.89 2.04 25.30
CA HIS C 202 33.55 1.24 26.49
C HIS C 202 34.29 -0.12 26.54
N PHE C 203 34.29 -0.89 25.43
CA PHE C 203 34.97 -2.19 25.45
C PHE C 203 35.29 -2.68 24.07
N GLY C 204 36.02 -3.79 24.01
CA GLY C 204 36.32 -4.51 22.80
C GLY C 204 37.47 -4.01 21.97
N GLU C 205 37.36 -4.26 20.67
CA GLU C 205 38.43 -3.98 19.72
C GLU C 205 38.62 -2.48 19.41
N PRO C 206 39.81 -2.06 18.97
CA PRO C 206 39.99 -0.63 18.71
C PRO C 206 39.14 -0.03 17.57
N LYS C 207 39.12 1.30 17.59
CA LYS C 207 38.44 2.15 16.63
C LYS C 207 39.54 3.07 16.08
N SER C 208 39.82 3.04 14.77
CA SER C 208 40.85 3.92 14.19
C SER C 208 40.21 5.15 13.58
N TRP C 209 40.92 6.28 13.68
CA TRP C 209 40.40 7.58 13.26
C TRP C 209 41.37 8.29 12.37
N TYR C 210 40.81 9.03 11.42
CA TYR C 210 41.54 9.95 10.56
C TYR C 210 40.98 11.32 10.86
N SER C 211 41.87 12.31 10.86
CA SER C 211 41.51 13.69 11.12
C SER C 211 42.13 14.62 10.10
N VAL C 212 41.39 15.65 9.71
CA VAL C 212 41.87 16.70 8.83
C VAL C 212 41.79 17.95 9.72
N PRO C 213 42.92 18.67 9.94
CA PRO C 213 42.87 19.86 10.79
C PRO C 213 41.83 20.89 10.35
N PRO C 214 41.04 21.51 11.26
CA PRO C 214 40.05 22.53 10.84
C PRO C 214 40.56 23.62 9.88
N GLU C 215 41.83 24.05 10.00
CA GLU C 215 42.41 25.05 9.09
C GLU C 215 42.59 24.52 7.64
N HIS C 216 42.39 23.20 7.41
CA HIS C 216 42.47 22.55 6.11
C HIS C 216 41.14 21.88 5.65
N GLY C 217 40.08 22.03 6.44
CA GLY C 217 38.77 21.47 6.14
C GLY C 217 38.16 21.88 4.81
N LYS C 218 38.32 23.18 4.43
CA LYS C 218 37.82 23.74 3.18
C LYS C 218 38.49 23.11 1.97
N ARG C 219 39.74 22.66 2.14
CA ARG C 219 40.55 21.97 1.13
C ARG C 219 39.99 20.55 0.93
N LEU C 220 39.52 19.89 2.00
CA LEU C 220 38.89 18.57 1.93
C LEU C 220 37.54 18.69 1.20
N GLU C 221 36.73 19.72 1.56
CA GLU C 221 35.44 20.00 0.91
C GLU C 221 35.62 20.24 -0.58
N ARG C 222 36.58 21.12 -0.98
CA ARG C 222 36.88 21.39 -2.39
C ARG C 222 37.25 20.12 -3.12
N LEU C 223 38.03 19.24 -2.48
CA LEU C 223 38.43 17.96 -3.03
C LEU C 223 37.23 17.01 -3.25
N ALA C 224 36.37 16.83 -2.23
CA ALA C 224 35.16 16.00 -2.31
C ALA C 224 34.20 16.55 -3.35
N LYS C 225 34.15 17.89 -3.51
CA LYS C 225 33.30 18.58 -4.48
C LYS C 225 33.68 18.18 -5.91
N GLY C 226 34.98 18.13 -6.19
CA GLY C 226 35.53 17.72 -7.48
C GLY C 226 35.38 16.25 -7.79
N PHE C 227 35.38 15.39 -6.75
CA PHE C 227 35.24 13.94 -6.86
C PHE C 227 33.80 13.47 -6.99
N PHE C 228 32.87 14.21 -6.36
CA PHE C 228 31.45 13.86 -6.39
C PHE C 228 30.69 15.09 -6.86
N PRO C 229 30.79 15.45 -8.18
CA PRO C 229 30.12 16.67 -8.67
C PRO C 229 28.60 16.62 -8.62
N GLY C 230 28.03 15.44 -8.86
CA GLY C 230 26.59 15.23 -8.80
C GLY C 230 26.04 15.48 -7.41
N SER C 231 26.72 14.92 -6.39
CA SER C 231 26.41 15.04 -4.97
C SER C 231 26.46 16.51 -4.49
N ALA C 232 27.49 17.27 -4.98
CA ALA C 232 27.72 18.68 -4.67
C ALA C 232 26.66 19.59 -5.29
N GLN C 233 26.14 19.22 -6.48
CA GLN C 233 25.11 19.97 -7.19
C GLN C 233 23.76 19.89 -6.45
N SER C 234 23.40 18.70 -5.95
CA SER C 234 22.13 18.44 -5.22
C SER C 234 22.14 19.02 -3.80
N CYS C 235 23.31 19.06 -3.16
CA CYS C 235 23.49 19.54 -1.79
C CYS C 235 24.88 20.17 -1.66
N GLU C 236 24.96 21.43 -1.20
CA GLU C 236 26.24 22.12 -1.03
C GLU C 236 27.05 21.56 0.17
N ALA C 237 26.34 20.94 1.13
CA ALA C 237 26.93 20.33 2.32
C ALA C 237 26.72 18.80 2.33
N PHE C 238 26.95 18.11 1.18
CA PHE C 238 26.71 16.65 1.07
C PHE C 238 27.54 15.79 2.04
N LEU C 239 28.73 16.28 2.49
CA LEU C 239 29.54 15.52 3.43
C LEU C 239 28.80 15.24 4.75
N ARG C 240 27.86 16.13 5.15
CA ARG C 240 27.00 15.95 6.33
C ARG C 240 26.11 14.68 6.22
N HIS C 241 25.94 14.12 5.00
CA HIS C 241 25.14 12.87 4.79
C HIS C 241 25.88 11.70 5.36
N LYS C 242 27.19 11.89 5.65
CA LYS C 242 28.07 10.90 6.28
C LYS C 242 28.11 9.61 5.43
N MET C 243 28.21 9.79 4.10
CA MET C 243 28.27 8.71 3.10
C MET C 243 29.59 8.66 2.32
N THR C 244 30.41 9.69 2.44
CA THR C 244 31.61 9.79 1.62
C THR C 244 32.85 9.24 2.32
N LEU C 245 33.46 8.20 1.73
CA LEU C 245 34.72 7.62 2.23
C LEU C 245 35.82 7.94 1.25
N ILE C 246 36.94 8.45 1.77
CA ILE C 246 38.12 8.85 0.98
C ILE C 246 39.30 8.23 1.69
N SER C 247 40.04 7.38 0.98
CA SER C 247 41.21 6.71 1.50
C SER C 247 42.38 7.67 1.84
N PRO C 248 43.22 7.35 2.87
CA PRO C 248 44.39 8.18 3.17
C PRO C 248 45.30 8.43 1.96
N LEU C 249 45.49 7.41 1.08
CA LEU C 249 46.27 7.48 -0.16
C LEU C 249 45.80 8.63 -1.07
N MET C 250 44.47 8.80 -1.17
CA MET C 250 43.83 9.87 -1.93
C MET C 250 44.09 11.22 -1.31
N LEU C 251 43.99 11.33 0.04
CA LEU C 251 44.28 12.56 0.77
C LEU C 251 45.73 12.98 0.54
N LYS C 252 46.65 11.99 0.55
CA LYS C 252 48.07 12.20 0.39
C LYS C 252 48.36 12.71 -1.01
N LYS C 253 47.73 12.07 -2.03
CA LYS C 253 47.88 12.40 -3.45
C LYS C 253 47.46 13.84 -3.77
N TYR C 254 46.37 14.29 -3.14
CA TYR C 254 45.81 15.60 -3.39
C TYR C 254 46.24 16.65 -2.40
N GLY C 255 47.29 16.34 -1.64
CA GLY C 255 47.92 17.24 -0.70
C GLY C 255 47.09 17.67 0.50
N ILE C 256 46.10 16.87 0.86
CA ILE C 256 45.26 17.15 2.04
C ILE C 256 46.00 16.71 3.31
N PRO C 257 46.34 17.65 4.23
CA PRO C 257 47.02 17.22 5.47
C PRO C 257 46.04 16.48 6.36
N PHE C 258 46.51 15.37 6.93
CA PHE C 258 45.69 14.57 7.83
C PHE C 258 46.58 13.87 8.86
N ASP C 259 45.94 13.38 9.91
CA ASP C 259 46.61 12.57 10.91
C ASP C 259 45.76 11.33 11.22
N LYS C 260 46.39 10.28 11.74
CA LYS C 260 45.68 9.06 12.16
C LYS C 260 46.03 8.69 13.58
N VAL C 261 45.07 8.09 14.28
CA VAL C 261 45.18 7.66 15.66
C VAL C 261 44.24 6.44 15.90
N THR C 262 44.69 5.49 16.72
CA THR C 262 43.90 4.35 17.12
C THR C 262 43.41 4.56 18.54
N GLN C 263 42.12 4.37 18.78
CA GLN C 263 41.50 4.51 20.09
C GLN C 263 41.29 3.11 20.63
N GLU C 264 41.88 2.83 21.77
CA GLU C 264 41.78 1.54 22.47
C GLU C 264 40.70 1.63 23.53
N ALA C 265 40.14 0.48 23.94
CA ALA C 265 39.07 0.46 24.93
C ALA C 265 39.48 1.16 26.21
N GLY C 266 38.58 2.00 26.71
CA GLY C 266 38.81 2.75 27.92
C GLY C 266 39.38 4.14 27.70
N GLU C 267 39.50 4.54 26.44
CA GLU C 267 40.02 5.87 26.13
C GLU C 267 38.96 6.73 25.48
N PHE C 268 39.12 8.06 25.61
CA PHE C 268 38.23 9.07 25.03
C PHE C 268 38.84 9.69 23.80
N MET C 269 37.97 10.04 22.83
CA MET C 269 38.35 10.86 21.68
C MET C 269 37.51 12.11 21.78
N ILE C 270 38.14 13.26 21.57
CA ILE C 270 37.46 14.56 21.52
C ILE C 270 37.62 15.08 20.10
N THR C 271 36.50 15.42 19.42
CA THR C 271 36.57 16.09 18.12
C THR C 271 36.28 17.60 18.37
N PHE C 272 36.96 18.48 17.62
CA PHE C 272 36.83 19.94 17.74
C PHE C 272 35.99 20.54 16.60
N PRO C 273 35.40 21.75 16.83
CA PRO C 273 34.62 22.41 15.75
C PRO C 273 35.32 22.52 14.41
N TYR C 274 34.62 22.01 13.38
CA TYR C 274 35.03 22.01 11.99
C TYR C 274 36.19 21.02 11.74
N GLY C 275 36.28 20.02 12.62
CA GLY C 275 37.28 18.97 12.54
C GLY C 275 36.75 17.79 11.74
N TYR C 276 37.17 17.66 10.49
CA TYR C 276 36.75 16.54 9.67
C TYR C 276 37.39 15.21 10.15
N HIS C 277 36.57 14.21 10.43
CA HIS C 277 37.01 12.89 10.87
C HIS C 277 36.26 11.75 10.16
N ALA C 278 36.93 10.63 9.97
CA ALA C 278 36.46 9.35 9.39
C ALA C 278 37.20 8.24 10.19
N GLY C 279 36.80 7.01 10.00
CA GLY C 279 37.47 5.90 10.65
C GLY C 279 36.68 4.61 10.63
N PHE C 280 37.22 3.58 11.23
CA PHE C 280 36.63 2.24 11.24
C PHE C 280 36.96 1.53 12.54
N ASN C 281 36.12 0.54 12.86
CA ASN C 281 36.24 -0.43 13.95
C ASN C 281 37.06 -1.64 13.50
N HIS C 282 37.94 -2.12 14.39
CA HIS C 282 38.81 -3.27 14.18
C HIS C 282 38.03 -4.54 14.45
N GLY C 283 36.99 -4.42 15.25
CA GLY C 283 36.18 -5.58 15.55
C GLY C 283 35.09 -5.22 16.52
N PHE C 284 34.47 -6.26 17.09
CA PHE C 284 33.42 -6.11 18.08
C PHE C 284 33.82 -5.16 19.19
N ASN C 285 33.02 -4.15 19.39
CA ASN C 285 33.30 -3.11 20.37
C ASN C 285 32.05 -2.32 20.58
N CYS C 286 32.13 -1.37 21.52
CA CYS C 286 31.01 -0.49 21.84
C CYS C 286 31.51 0.87 22.31
N ALA C 287 31.06 1.94 21.65
CA ALA C 287 31.41 3.33 21.98
C ALA C 287 30.17 4.15 22.30
N GLU C 288 30.32 5.13 23.19
CA GLU C 288 29.30 6.10 23.58
C GLU C 288 29.77 7.48 23.13
N SER C 289 28.86 8.27 22.53
CA SER C 289 29.13 9.58 21.99
C SER C 289 28.01 10.58 22.20
N THR C 290 28.38 11.87 22.20
CA THR C 290 27.49 13.03 22.29
C THR C 290 28.23 14.28 21.83
N ASN C 291 27.48 15.37 21.61
CA ASN C 291 28.06 16.64 21.23
C ASN C 291 28.05 17.51 22.46
N PHE C 292 28.92 18.54 22.47
CA PHE C 292 29.02 19.52 23.54
C PHE C 292 29.57 20.77 22.90
N ALA C 293 29.62 21.89 23.65
CA ALA C 293 30.13 23.16 23.13
C ALA C 293 30.93 23.92 24.16
N THR C 294 31.64 24.95 23.69
CA THR C 294 32.36 25.93 24.49
C THR C 294 31.92 27.29 23.92
N ARG C 295 32.41 28.41 24.49
CA ARG C 295 32.11 29.75 23.97
C ARG C 295 32.65 29.86 22.51
N ARG C 296 33.84 29.28 22.25
CA ARG C 296 34.50 29.23 20.93
C ARG C 296 33.62 28.66 19.81
N TRP C 297 32.74 27.69 20.12
CA TRP C 297 31.86 27.07 19.13
C TRP C 297 30.83 28.01 18.52
N ILE C 298 30.33 28.98 19.30
CA ILE C 298 29.29 29.92 18.85
C ILE C 298 29.55 30.48 17.43
N GLU C 299 30.78 30.99 17.18
CA GLU C 299 31.16 31.54 15.87
C GLU C 299 31.09 30.49 14.76
N TYR C 300 31.50 29.23 15.04
CA TYR C 300 31.42 28.10 14.10
C TYR C 300 29.95 27.72 13.80
N GLY C 301 29.08 27.85 14.80
CA GLY C 301 27.66 27.53 14.67
C GLY C 301 26.88 28.47 13.77
N LYS C 302 27.17 29.80 13.87
CA LYS C 302 26.51 30.83 13.04
C LYS C 302 26.93 30.67 11.57
N GLN C 303 28.23 30.39 11.35
CA GLN C 303 28.85 30.23 10.04
C GLN C 303 28.71 28.83 9.40
N ALA C 304 28.20 27.83 10.17
CA ALA C 304 28.05 26.43 9.76
C ALA C 304 27.22 26.22 8.48
N VAL C 305 27.83 25.59 7.46
CA VAL C 305 27.16 25.29 6.17
C VAL C 305 26.35 23.99 6.31
N LEU C 306 25.04 24.13 6.53
CA LEU C 306 24.07 23.04 6.78
C LEU C 306 23.58 22.33 5.53
N CYS C 307 23.12 21.07 5.70
CA CYS C 307 22.60 20.24 4.61
C CYS C 307 21.29 20.82 4.08
N SER C 308 21.27 21.14 2.76
CA SER C 308 20.17 21.79 2.05
C SER C 308 19.21 20.84 1.27
N CYS C 309 19.28 19.50 1.51
CA CYS C 309 18.42 18.55 0.80
C CYS C 309 17.67 17.56 1.74
N ARG C 310 17.91 17.62 3.06
CA ARG C 310 17.27 16.75 4.05
N MET C 313 17.80 16.73 8.73
CA MET C 313 19.13 17.04 9.25
C MET C 313 19.06 17.97 10.46
N VAL C 314 20.02 17.81 11.40
CA VAL C 314 20.13 18.57 12.66
C VAL C 314 20.46 20.04 12.41
N LYS C 315 19.55 20.92 12.86
CA LYS C 315 19.68 22.37 12.80
C LYS C 315 19.35 22.96 14.17
N ILE C 316 20.17 23.91 14.64
CA ILE C 316 20.04 24.58 15.94
C ILE C 316 20.02 26.11 15.76
N SER C 317 19.03 26.80 16.35
CA SER C 317 18.91 28.25 16.30
C SER C 317 20.02 28.89 17.13
N MET C 318 20.80 29.79 16.51
CA MET C 318 21.92 30.46 17.18
C MET C 318 21.50 31.65 18.05
N ASP C 319 20.25 32.15 17.86
CA ASP C 319 19.66 33.29 18.57
C ASP C 319 20.05 33.35 20.07
N VAL C 320 19.66 32.32 20.87
CA VAL C 320 19.94 32.17 22.31
C VAL C 320 21.42 32.38 22.64
N PHE C 321 22.31 31.71 21.88
CA PHE C 321 23.77 31.78 22.06
C PHE C 321 24.32 33.16 21.76
N VAL C 322 23.94 33.73 20.61
CA VAL C 322 24.37 35.06 20.18
C VAL C 322 23.84 36.13 21.12
N ARG C 323 22.63 35.96 21.67
CA ARG C 323 22.02 36.91 22.62
C ARG C 323 22.84 37.01 23.94
N LYS C 324 23.19 35.85 24.54
CA LYS C 324 23.90 35.75 25.82
C LYS C 324 25.37 36.11 25.75
N PHE C 325 26.07 35.65 24.70
CA PHE C 325 27.53 35.79 24.54
C PHE C 325 27.99 36.85 23.54
N GLN C 326 27.14 37.24 22.57
CA GLN C 326 27.48 38.27 21.55
C GLN C 326 26.30 39.28 21.36
N PRO C 327 25.78 39.98 22.41
CA PRO C 327 24.62 40.87 22.20
C PRO C 327 24.90 42.10 21.33
N GLU C 328 26.15 42.60 21.36
CA GLU C 328 26.60 43.76 20.58
C GLU C 328 26.56 43.50 19.06
N ARG C 329 26.80 42.23 18.66
CA ARG C 329 26.80 41.81 17.26
C ARG C 329 25.46 41.23 16.81
N TYR C 330 24.50 41.03 17.73
CA TYR C 330 23.16 40.46 17.44
C TYR C 330 22.39 41.21 16.35
N LYS C 331 22.28 42.56 16.48
CA LYS C 331 21.58 43.45 15.53
C LYS C 331 22.19 43.37 14.12
N LEU C 332 23.54 43.42 14.03
CA LEU C 332 24.29 43.32 12.78
C LEU C 332 24.12 41.90 12.18
N TRP C 333 24.22 40.84 13.03
CA TRP C 333 24.08 39.43 12.64
C TRP C 333 22.66 39.08 12.14
N LYS C 334 21.61 39.68 12.76
CA LYS C 334 20.21 39.45 12.37
C LYS C 334 19.92 40.03 10.98
N ALA C 335 20.72 41.04 10.55
CA ALA C 335 20.62 41.70 9.25
C ALA C 335 21.53 41.02 8.20
N GLY C 336 22.69 40.52 8.65
CA GLY C 336 23.70 39.87 7.81
C GLY C 336 24.95 40.69 7.64
N LYS C 337 25.24 41.57 8.61
CA LYS C 337 26.38 42.49 8.63
C LYS C 337 27.53 41.97 9.51
N ASP C 338 27.56 40.65 9.78
CA ASP C 338 28.62 40.03 10.58
C ASP C 338 29.77 39.53 9.71
N ASN C 339 30.80 40.39 9.57
CA ASN C 339 32.01 40.16 8.77
C ASN C 339 33.10 39.41 9.58
N THR C 340 32.70 38.71 10.66
CA THR C 340 33.57 37.92 11.53
C THR C 340 34.17 36.73 10.78
N VAL C 341 35.51 36.62 10.81
CA VAL C 341 36.23 35.54 10.16
C VAL C 341 36.89 34.69 11.24
N ILE C 342 36.53 33.38 11.25
CA ILE C 342 37.05 32.43 12.23
C ILE C 342 38.53 32.16 12.03
N ASP C 343 39.30 32.27 13.12
CA ASP C 343 40.71 31.95 13.19
C ASP C 343 40.71 30.60 13.93
N HIS C 344 41.00 29.53 13.18
CA HIS C 344 40.98 28.14 13.65
C HIS C 344 42.11 27.76 14.62
N THR C 345 43.13 28.63 14.77
CA THR C 345 44.28 28.37 15.63
C THR C 345 44.04 28.84 17.07
N LEU C 346 43.09 29.78 17.24
CA LEU C 346 42.78 30.39 18.52
C LEU C 346 42.11 29.44 19.49
N PRO C 347 42.61 29.34 20.75
CA PRO C 347 41.94 28.46 21.73
C PRO C 347 40.66 29.12 22.26
N THR C 348 39.85 28.36 23.02
CA THR C 348 38.57 28.83 23.57
C THR C 348 38.82 29.96 24.60
N PRO C 349 38.02 31.07 24.59
CA PRO C 349 38.27 32.16 25.55
C PRO C 349 38.36 31.76 27.03
N GLU C 350 37.80 30.58 27.38
CA GLU C 350 37.83 30.01 28.73
C GLU C 350 39.22 29.40 29.10
N ALA C 351 40.14 29.32 28.12
CA ALA C 351 41.50 28.80 28.28
C ALA C 351 42.49 29.87 28.78
N ALA C 352 42.02 31.14 28.89
CA ALA C 352 42.80 32.31 29.33
C ALA C 352 43.71 32.03 30.54
N GLU C 353 43.16 31.36 31.58
CA GLU C 353 43.85 30.95 32.81
C GLU C 353 45.16 30.18 32.57
N PHE C 354 45.14 29.23 31.61
CA PHE C 354 46.26 28.36 31.24
C PHE C 354 47.25 28.99 30.22
N LEU C 355 46.97 30.21 29.73
CA LEU C 355 47.79 30.91 28.74
C LEU C 355 48.43 32.17 29.32
N PRO D 11 -50.38 -7.80 -6.72
CA PRO D 11 -50.87 -6.65 -7.48
C PRO D 11 -49.72 -5.96 -8.22
N SER D 12 -48.65 -5.61 -7.47
CA SER D 12 -47.44 -5.03 -8.05
C SER D 12 -46.48 -6.16 -8.46
N ALA D 13 -46.94 -7.46 -8.39
CA ALA D 13 -46.19 -8.65 -8.79
C ALA D 13 -46.90 -9.49 -9.88
N ARG D 14 -47.81 -8.83 -10.64
CA ARG D 14 -48.54 -9.42 -11.78
C ARG D 14 -47.66 -9.31 -13.01
N ILE D 15 -47.75 -10.27 -13.92
CA ILE D 15 -46.92 -10.24 -15.11
C ILE D 15 -47.33 -9.14 -16.07
N MET D 16 -46.34 -8.37 -16.49
CA MET D 16 -46.55 -7.27 -17.41
C MET D 16 -46.15 -7.61 -18.83
N THR D 17 -46.81 -6.96 -19.77
CA THR D 17 -46.53 -7.13 -21.18
C THR D 17 -46.08 -5.80 -21.75
N PHE D 18 -45.03 -5.83 -22.55
CA PHE D 18 -44.46 -4.64 -23.17
C PHE D 18 -44.46 -4.71 -24.69
N TYR D 19 -44.70 -3.56 -25.30
CA TYR D 19 -44.80 -3.41 -26.75
C TYR D 19 -43.79 -2.37 -27.24
N PRO D 20 -42.47 -2.68 -27.27
CA PRO D 20 -41.51 -1.66 -27.73
C PRO D 20 -41.68 -1.27 -29.19
N THR D 21 -41.38 0.00 -29.49
CA THR D 21 -41.34 0.49 -30.88
C THR D 21 -40.02 -0.04 -31.46
N MET D 22 -39.82 0.08 -32.78
CA MET D 22 -38.56 -0.33 -33.43
C MET D 22 -37.34 0.38 -32.76
N GLU D 23 -37.47 1.70 -32.47
CA GLU D 23 -36.44 2.52 -31.80
C GLU D 23 -36.07 2.03 -30.39
N GLU D 24 -37.06 1.65 -29.57
CA GLU D 24 -36.86 1.15 -28.21
C GLU D 24 -36.27 -0.26 -28.23
N PHE D 25 -36.71 -1.06 -29.22
CA PHE D 25 -36.33 -2.46 -29.43
C PHE D 25 -34.87 -2.68 -29.77
N ARG D 26 -34.21 -1.69 -30.38
CA ARG D 26 -32.81 -1.81 -30.81
C ARG D 26 -31.83 -2.04 -29.66
N ASN D 27 -31.96 -1.31 -28.54
CA ASN D 27 -31.03 -1.49 -27.41
C ASN D 27 -31.65 -2.42 -26.35
N PHE D 28 -31.18 -3.68 -26.34
CA PHE D 28 -31.62 -4.76 -25.46
C PHE D 28 -31.47 -4.48 -23.97
N SER D 29 -30.25 -4.18 -23.50
CA SER D 29 -29.94 -3.95 -22.09
C SER D 29 -30.65 -2.74 -21.51
N ARG D 30 -30.76 -1.66 -22.32
CA ARG D 30 -31.45 -0.42 -22.01
C ARG D 30 -32.96 -0.73 -21.87
N TYR D 31 -33.50 -1.58 -22.75
CA TYR D 31 -34.92 -1.97 -22.65
C TYR D 31 -35.19 -2.79 -21.40
N ILE D 32 -34.24 -3.66 -21.04
CA ILE D 32 -34.40 -4.44 -19.83
C ILE D 32 -34.45 -3.51 -18.63
N ALA D 33 -33.59 -2.49 -18.61
CA ALA D 33 -33.55 -1.48 -17.56
C ALA D 33 -34.86 -0.68 -17.51
N TYR D 34 -35.40 -0.35 -18.67
CA TYR D 34 -36.68 0.35 -18.75
C TYR D 34 -37.85 -0.53 -18.20
N ILE D 35 -37.93 -1.84 -18.56
CA ILE D 35 -39.02 -2.69 -18.04
C ILE D 35 -38.88 -2.91 -16.50
N GLU D 36 -37.63 -2.84 -15.96
CA GLU D 36 -37.39 -2.94 -14.53
C GLU D 36 -37.77 -1.67 -13.79
N SER D 37 -37.57 -0.50 -14.42
CA SER D 37 -37.98 0.78 -13.83
C SER D 37 -39.53 0.78 -13.72
N GLN D 38 -40.22 0.01 -14.60
CA GLN D 38 -41.68 -0.14 -14.65
C GLN D 38 -42.23 -1.17 -13.63
N GLY D 39 -41.33 -1.88 -12.95
CA GLY D 39 -41.68 -2.91 -11.98
C GLY D 39 -41.83 -4.31 -12.53
N ALA D 40 -41.47 -4.55 -13.81
CA ALA D 40 -41.60 -5.88 -14.43
C ALA D 40 -40.96 -7.06 -13.66
N HIS D 41 -39.77 -6.84 -13.07
CA HIS D 41 -38.94 -7.83 -12.36
C HIS D 41 -39.61 -8.42 -11.10
N ARG D 42 -40.58 -7.70 -10.54
CA ARG D 42 -41.33 -8.08 -9.36
C ARG D 42 -42.15 -9.34 -9.54
N ALA D 43 -42.66 -9.58 -10.76
CA ALA D 43 -43.44 -10.76 -11.08
C ALA D 43 -42.53 -12.00 -11.25
N GLY D 44 -41.28 -11.76 -11.65
CA GLY D 44 -40.27 -12.76 -11.95
C GLY D 44 -40.23 -13.18 -13.40
N LEU D 45 -41.21 -12.71 -14.15
CA LEU D 45 -41.45 -12.98 -15.56
C LEU D 45 -42.13 -11.77 -16.24
N ALA D 46 -41.74 -11.46 -17.49
CA ALA D 46 -42.37 -10.43 -18.31
C ALA D 46 -42.48 -10.88 -19.76
N LYS D 47 -43.53 -10.45 -20.45
CA LYS D 47 -43.70 -10.71 -21.87
C LYS D 47 -43.28 -9.46 -22.68
N VAL D 48 -42.56 -9.67 -23.77
CA VAL D 48 -42.16 -8.59 -24.65
C VAL D 48 -42.64 -8.95 -26.04
N VAL D 49 -43.52 -8.11 -26.61
CA VAL D 49 -44.02 -8.34 -27.95
C VAL D 49 -43.19 -7.46 -28.87
N PRO D 50 -42.40 -8.03 -29.81
CA PRO D 50 -41.53 -7.19 -30.64
C PRO D 50 -42.29 -6.39 -31.69
N PRO D 51 -41.71 -5.32 -32.28
CA PRO D 51 -42.41 -4.59 -33.36
C PRO D 51 -42.80 -5.52 -34.51
N LYS D 52 -44.00 -5.28 -35.11
CA LYS D 52 -44.56 -6.09 -36.19
C LYS D 52 -43.61 -6.28 -37.39
N GLU D 53 -42.74 -5.28 -37.65
CA GLU D 53 -41.77 -5.25 -38.76
C GLU D 53 -40.49 -6.06 -38.50
N TRP D 54 -40.29 -6.49 -37.24
CA TRP D 54 -39.13 -7.28 -36.81
C TRP D 54 -39.38 -8.76 -37.06
N LYS D 55 -38.32 -9.46 -37.51
CA LYS D 55 -38.33 -10.89 -37.85
C LYS D 55 -36.92 -11.46 -37.61
N PRO D 56 -36.77 -12.53 -36.81
CA PRO D 56 -35.42 -13.10 -36.63
C PRO D 56 -34.96 -14.02 -37.77
N ARG D 57 -35.90 -14.47 -38.62
CA ARG D 57 -35.64 -15.39 -39.74
C ARG D 57 -36.72 -15.17 -40.81
N ALA D 58 -36.34 -15.30 -42.09
CA ALA D 58 -37.22 -15.12 -43.24
C ALA D 58 -38.37 -16.14 -43.27
N SER D 59 -38.04 -17.43 -43.05
CA SER D 59 -39.00 -18.54 -43.05
C SER D 59 -38.44 -19.73 -42.27
N TYR D 60 -39.32 -20.60 -41.77
CA TYR D 60 -38.90 -21.81 -41.04
C TYR D 60 -39.08 -23.09 -41.91
N ASP D 61 -39.25 -22.90 -43.24
CA ASP D 61 -39.45 -23.97 -44.23
C ASP D 61 -38.21 -24.85 -44.46
N ASP D 62 -37.03 -24.41 -43.99
CA ASP D 62 -35.74 -25.07 -44.19
C ASP D 62 -35.15 -25.73 -42.93
N ILE D 63 -35.98 -26.09 -41.94
CA ILE D 63 -35.44 -26.66 -40.70
C ILE D 63 -35.92 -28.11 -40.41
N ASP D 64 -36.65 -28.75 -41.36
CA ASP D 64 -37.13 -30.13 -41.18
C ASP D 64 -36.01 -31.16 -41.06
N ASP D 65 -34.83 -30.88 -41.64
CA ASP D 65 -33.71 -31.81 -41.56
C ASP D 65 -32.79 -31.57 -40.35
N LEU D 66 -33.07 -30.52 -39.53
CA LEU D 66 -32.30 -30.21 -38.32
C LEU D 66 -32.40 -31.40 -37.36
N VAL D 67 -31.24 -31.81 -36.78
CA VAL D 67 -31.15 -32.92 -35.82
C VAL D 67 -31.31 -32.44 -34.37
N ILE D 68 -32.15 -33.17 -33.60
CA ILE D 68 -32.38 -33.05 -32.16
C ILE D 68 -31.51 -34.20 -31.61
N PRO D 69 -30.28 -33.93 -31.09
CA PRO D 69 -29.40 -35.04 -30.74
C PRO D 69 -29.78 -35.85 -29.51
N ALA D 70 -30.59 -35.29 -28.60
CA ALA D 70 -30.95 -36.03 -27.38
C ALA D 70 -32.39 -35.78 -26.97
N PRO D 71 -33.42 -36.24 -27.74
CA PRO D 71 -34.81 -36.01 -27.30
C PRO D 71 -35.10 -36.77 -26.00
N ILE D 72 -35.88 -36.17 -25.10
N ILE D 72 -35.94 -36.20 -25.15
CA ILE D 72 -36.17 -36.79 -23.81
CA ILE D 72 -36.23 -36.72 -23.84
C ILE D 72 -37.65 -37.10 -23.64
C ILE D 72 -37.69 -37.12 -23.71
N GLN D 73 -37.95 -38.33 -23.21
CA GLN D 73 -39.32 -38.77 -22.94
C GLN D 73 -39.61 -38.33 -21.51
N GLN D 74 -40.67 -37.55 -21.32
CA GLN D 74 -40.94 -37.02 -19.98
C GLN D 74 -41.89 -37.91 -19.21
N LEU D 75 -41.34 -38.74 -18.31
CA LEU D 75 -42.14 -39.62 -17.47
C LEU D 75 -42.51 -38.88 -16.21
N VAL D 76 -43.78 -38.79 -15.91
CA VAL D 76 -44.23 -38.03 -14.75
C VAL D 76 -44.99 -38.97 -13.83
N THR D 77 -44.61 -38.94 -12.54
CA THR D 77 -45.21 -39.72 -11.47
C THR D 77 -45.66 -38.77 -10.37
N GLY D 78 -46.84 -39.01 -9.87
CA GLY D 78 -47.36 -38.24 -8.76
C GLY D 78 -48.86 -38.27 -8.65
N GLN D 79 -49.38 -37.52 -7.68
CA GLN D 79 -50.80 -37.41 -7.40
C GLN D 79 -51.07 -36.14 -6.58
N SER D 80 -52.34 -35.72 -6.47
CA SER D 80 -52.79 -34.54 -5.68
C SER D 80 -51.94 -33.25 -5.91
N GLY D 81 -51.56 -32.99 -7.16
CA GLY D 81 -50.79 -31.81 -7.53
C GLY D 81 -49.29 -31.79 -7.28
N LEU D 82 -48.69 -32.92 -6.79
CA LEU D 82 -47.24 -33.04 -6.54
C LEU D 82 -46.72 -34.13 -7.40
N PHE D 83 -45.75 -33.80 -8.28
CA PHE D 83 -45.19 -34.70 -9.28
C PHE D 83 -43.71 -34.60 -9.43
N THR D 84 -43.11 -35.75 -9.84
CA THR D 84 -41.70 -35.89 -10.17
C THR D 84 -41.63 -36.26 -11.67
N GLN D 85 -40.85 -35.50 -12.41
CA GLN D 85 -40.63 -35.71 -13.82
C GLN D 85 -39.28 -36.43 -14.00
N TYR D 86 -39.31 -37.57 -14.71
CA TYR D 86 -38.12 -38.34 -15.04
C TYR D 86 -37.85 -38.23 -16.52
N ASN D 87 -36.63 -37.96 -16.88
CA ASN D 87 -36.26 -37.83 -18.28
C ASN D 87 -35.67 -39.15 -18.81
N ILE D 88 -36.08 -39.56 -20.00
CA ILE D 88 -35.50 -40.73 -20.67
C ILE D 88 -34.86 -40.21 -21.93
N GLN D 89 -33.54 -40.32 -22.07
CA GLN D 89 -32.92 -39.92 -23.31
C GLN D 89 -33.26 -40.96 -24.36
N LYS D 90 -33.89 -40.51 -25.44
CA LYS D 90 -34.25 -41.31 -26.61
C LYS D 90 -33.18 -41.05 -27.66
N LYS D 91 -33.10 -41.89 -28.69
CA LYS D 91 -32.11 -41.69 -29.74
C LYS D 91 -32.41 -40.43 -30.59
N ALA D 92 -31.37 -39.89 -31.25
CA ALA D 92 -31.48 -38.71 -32.10
C ALA D 92 -32.59 -38.82 -33.16
N MET D 93 -33.25 -37.70 -33.44
CA MET D 93 -34.26 -37.62 -34.48
C MET D 93 -34.23 -36.25 -35.16
N THR D 94 -34.75 -36.16 -36.37
CA THR D 94 -34.83 -34.86 -37.05
C THR D 94 -36.08 -34.12 -36.58
N VAL D 95 -36.23 -32.83 -36.97
CA VAL D 95 -37.44 -32.02 -36.69
C VAL D 95 -38.67 -32.63 -37.49
N ARG D 96 -38.40 -33.28 -38.64
N ARG D 96 -38.40 -33.30 -38.63
CA ARG D 96 -39.39 -33.97 -39.47
CA ARG D 96 -39.38 -33.98 -39.48
C ARG D 96 -40.02 -35.15 -38.71
C ARG D 96 -40.02 -35.16 -38.72
N GLU D 97 -39.18 -35.99 -38.05
CA GLU D 97 -39.60 -37.16 -37.26
C GLU D 97 -40.30 -36.70 -35.99
N PHE D 98 -39.79 -35.62 -35.39
CA PHE D 98 -40.35 -35.04 -34.19
C PHE D 98 -41.77 -34.52 -34.43
N ARG D 99 -41.98 -33.70 -35.50
CA ARG D 99 -43.25 -33.08 -35.91
C ARG D 99 -44.31 -34.15 -36.27
N LYS D 100 -43.88 -35.29 -36.89
CA LYS D 100 -44.73 -36.43 -37.22
C LYS D 100 -45.33 -37.01 -35.92
N ILE D 101 -44.48 -37.18 -34.87
CA ILE D 101 -44.88 -37.68 -33.55
C ILE D 101 -45.76 -36.64 -32.82
N ALA D 102 -45.32 -35.37 -32.80
CA ALA D 102 -46.07 -34.29 -32.17
C ALA D 102 -47.51 -34.19 -32.70
N ASN D 103 -47.70 -34.38 -34.03
CA ASN D 103 -49.02 -34.24 -34.66
C ASN D 103 -49.78 -35.56 -34.84
N SER D 104 -49.23 -36.69 -34.36
CA SER D 104 -49.88 -38.00 -34.44
C SER D 104 -51.01 -38.07 -33.41
N ASP D 105 -52.02 -38.94 -33.66
CA ASP D 105 -53.19 -39.10 -32.79
C ASP D 105 -52.84 -39.26 -31.32
N LYS D 106 -51.81 -40.08 -31.03
CA LYS D 106 -51.29 -40.36 -29.69
C LYS D 106 -50.88 -39.11 -28.92
N TYR D 107 -50.13 -38.21 -29.56
CA TYR D 107 -49.54 -37.05 -28.91
C TYR D 107 -50.11 -35.66 -29.27
N CYS D 108 -51.04 -35.57 -30.21
CA CYS D 108 -51.56 -34.26 -30.60
C CYS D 108 -52.33 -33.55 -29.45
N THR D 109 -52.42 -32.21 -29.55
CA THR D 109 -53.16 -31.37 -28.60
C THR D 109 -54.65 -31.75 -28.66
N PRO D 110 -55.31 -31.91 -27.48
CA PRO D 110 -56.77 -32.16 -27.50
C PRO D 110 -57.55 -30.95 -28.01
N ARG D 111 -58.84 -31.13 -28.33
CA ARG D 111 -59.72 -30.04 -28.75
C ARG D 111 -60.05 -29.21 -27.51
N TYR D 112 -60.08 -27.88 -27.66
CA TYR D 112 -60.38 -26.97 -26.55
C TYR D 112 -61.02 -25.66 -27.00
N SER D 113 -61.88 -25.12 -26.14
CA SER D 113 -62.57 -23.85 -26.36
C SER D 113 -61.67 -22.71 -25.87
N GLU D 114 -61.25 -22.75 -24.58
CA GLU D 114 -60.42 -21.73 -23.94
C GLU D 114 -59.23 -22.33 -23.21
N PHE D 115 -58.25 -21.51 -22.79
CA PHE D 115 -57.03 -21.93 -22.07
C PHE D 115 -57.33 -22.72 -20.79
N GLU D 116 -58.31 -22.25 -19.99
CA GLU D 116 -58.69 -22.91 -18.73
C GLU D 116 -59.01 -24.38 -18.91
N GLU D 117 -59.58 -24.76 -20.08
CA GLU D 117 -59.91 -26.14 -20.46
C GLU D 117 -58.63 -26.93 -20.72
N LEU D 118 -57.70 -26.36 -21.49
CA LEU D 118 -56.41 -26.98 -21.84
C LEU D 118 -55.52 -27.13 -20.60
N GLU D 119 -55.48 -26.10 -19.76
CA GLU D 119 -54.76 -26.11 -18.50
C GLU D 119 -55.31 -27.27 -17.61
N ARG D 120 -56.66 -27.43 -17.51
CA ARG D 120 -57.22 -28.55 -16.73
C ARG D 120 -56.80 -29.90 -17.32
N LYS D 121 -56.75 -30.01 -18.66
CA LYS D 121 -56.33 -31.22 -19.36
C LYS D 121 -54.90 -31.52 -19.10
N TYR D 122 -54.06 -30.48 -19.04
CA TYR D 122 -52.67 -30.69 -18.74
C TYR D 122 -52.48 -31.27 -17.32
N TRP D 123 -53.07 -30.62 -16.28
CA TRP D 123 -52.91 -31.10 -14.90
C TRP D 123 -53.60 -32.42 -14.63
N LYS D 124 -54.64 -32.76 -15.40
CA LYS D 124 -55.34 -34.02 -15.27
C LYS D 124 -54.59 -35.15 -16.00
N ASN D 125 -53.89 -34.84 -17.11
CA ASN D 125 -53.29 -35.90 -17.91
C ASN D 125 -51.78 -35.94 -18.00
N LEU D 126 -51.07 -35.10 -17.22
N LEU D 126 -51.12 -35.12 -17.16
CA LEU D 126 -49.60 -35.03 -17.30
CA LEU D 126 -49.68 -34.96 -17.03
C LEU D 126 -48.88 -36.34 -16.97
C LEU D 126 -48.92 -36.28 -16.91
N THR D 127 -49.50 -37.25 -16.22
CA THR D 127 -48.84 -38.52 -15.92
C THR D 127 -49.10 -39.59 -16.95
N PHE D 128 -50.03 -39.35 -17.88
CA PHE D 128 -50.35 -40.30 -18.93
C PHE D 128 -49.66 -39.96 -20.26
N ASN D 129 -49.49 -40.97 -21.14
N ASN D 129 -49.49 -40.98 -21.13
CA ASN D 129 -48.89 -40.87 -22.48
CA ASN D 129 -48.86 -40.90 -22.45
C ASN D 129 -47.63 -39.95 -22.49
C ASN D 129 -47.63 -39.95 -22.47
N PRO D 130 -46.53 -40.33 -21.78
CA PRO D 130 -45.34 -39.44 -21.69
C PRO D 130 -44.80 -38.89 -23.02
N PRO D 131 -44.86 -37.55 -23.18
CA PRO D 131 -44.46 -36.95 -24.47
C PRO D 131 -42.95 -36.88 -24.65
N ILE D 132 -42.52 -36.49 -25.84
CA ILE D 132 -41.09 -36.34 -26.12
C ILE D 132 -40.79 -34.87 -26.27
N TYR D 133 -39.71 -34.42 -25.62
CA TYR D 133 -39.27 -33.02 -25.63
C TYR D 133 -37.94 -32.92 -26.30
N GLY D 134 -37.89 -32.25 -27.45
CA GLY D 134 -36.63 -32.05 -28.18
C GLY D 134 -35.92 -30.86 -27.58
N ALA D 135 -35.51 -31.02 -26.32
CA ALA D 135 -34.96 -29.97 -25.50
C ALA D 135 -33.45 -29.91 -25.53
N ASP D 136 -32.91 -28.75 -25.11
CA ASP D 136 -31.48 -28.46 -24.98
C ASP D 136 -30.68 -28.71 -26.27
N VAL D 137 -31.25 -28.34 -27.43
CA VAL D 137 -30.55 -28.50 -28.71
C VAL D 137 -29.66 -27.27 -28.85
N ASN D 138 -28.35 -27.47 -29.03
N ASN D 138 -28.34 -27.47 -29.04
CA ASN D 138 -27.39 -26.39 -29.20
CA ASN D 138 -27.39 -26.38 -29.21
C ASN D 138 -27.58 -25.75 -30.57
C ASN D 138 -27.58 -25.75 -30.59
N GLY D 139 -27.87 -24.46 -30.59
CA GLY D 139 -28.09 -23.71 -31.82
C GLY D 139 -29.04 -22.54 -31.73
N THR D 140 -29.20 -21.86 -32.86
CA THR D 140 -30.03 -20.68 -33.02
C THR D 140 -30.82 -20.77 -34.31
N LEU D 141 -32.00 -20.13 -34.38
CA LEU D 141 -32.74 -20.08 -35.63
C LEU D 141 -32.69 -18.66 -36.22
N TYR D 142 -32.03 -17.72 -35.50
CA TYR D 142 -31.81 -16.35 -35.96
C TYR D 142 -30.83 -16.39 -37.11
N GLU D 143 -31.01 -15.49 -38.09
CA GLU D 143 -30.04 -15.33 -39.18
C GLU D 143 -28.91 -14.53 -38.54
N LYS D 144 -27.68 -14.69 -39.05
CA LYS D 144 -26.47 -14.04 -38.52
C LYS D 144 -26.57 -12.51 -38.42
N HIS D 145 -27.13 -11.85 -39.44
CA HIS D 145 -27.25 -10.39 -39.57
C HIS D 145 -28.24 -9.69 -38.61
N VAL D 146 -29.14 -10.44 -37.98
CA VAL D 146 -30.14 -9.85 -37.07
C VAL D 146 -29.46 -9.24 -35.83
N ASP D 147 -29.51 -7.89 -35.72
CA ASP D 147 -28.87 -7.13 -34.64
C ASP D 147 -29.77 -6.93 -33.42
N GLU D 148 -31.09 -6.95 -33.62
CA GLU D 148 -32.03 -6.72 -32.52
C GLU D 148 -32.42 -8.01 -31.81
N TRP D 149 -32.18 -8.04 -30.49
CA TRP D 149 -32.52 -9.09 -29.54
C TRP D 149 -32.04 -10.48 -30.00
N ASN D 150 -30.85 -10.52 -30.61
CA ASN D 150 -30.26 -11.74 -31.09
C ASN D 150 -29.82 -12.56 -29.89
N ILE D 151 -30.54 -13.66 -29.62
CA ILE D 151 -30.33 -14.58 -28.48
C ILE D 151 -28.91 -15.18 -28.52
N GLY D 152 -28.35 -15.34 -29.71
CA GLY D 152 -27.00 -15.87 -29.91
C GLY D 152 -25.91 -14.89 -29.51
N ARG D 153 -26.23 -13.57 -29.53
CA ARG D 153 -25.30 -12.46 -29.22
C ARG D 153 -25.99 -11.24 -28.57
N LEU D 154 -26.47 -11.39 -27.32
CA LEU D 154 -27.15 -10.32 -26.60
C LEU D 154 -26.20 -9.20 -26.13
N ARG D 155 -24.93 -9.56 -25.89
CA ARG D 155 -23.82 -8.69 -25.48
C ARG D 155 -24.03 -7.99 -24.10
N THR D 156 -24.55 -8.75 -23.10
CA THR D 156 -24.71 -8.27 -21.72
C THR D 156 -23.38 -8.51 -20.96
N ILE D 157 -23.34 -8.17 -19.65
CA ILE D 157 -22.12 -8.34 -18.84
C ILE D 157 -21.78 -9.83 -18.53
N LEU D 158 -22.67 -10.77 -18.89
CA LEU D 158 -22.46 -12.22 -18.72
C LEU D 158 -21.36 -12.70 -19.66
N ASP D 159 -21.09 -11.92 -20.74
CA ASP D 159 -20.02 -12.18 -21.72
C ASP D 159 -18.65 -12.15 -21.06
N LEU D 160 -18.55 -11.61 -19.81
CA LEU D 160 -17.30 -11.57 -19.02
C LEU D 160 -16.81 -12.98 -18.69
N VAL D 161 -17.74 -13.96 -18.62
CA VAL D 161 -17.47 -15.40 -18.40
C VAL D 161 -16.76 -15.89 -19.66
N GLY D 171 -21.32 -23.43 -22.18
CA GLY D 171 -21.74 -22.64 -21.03
C GLY D 171 -23.19 -22.18 -21.12
N VAL D 172 -23.59 -21.25 -20.22
CA VAL D 172 -24.97 -20.72 -20.19
C VAL D 172 -25.07 -19.32 -20.89
N ASN D 173 -24.17 -19.08 -21.84
N ASN D 173 -24.16 -19.07 -21.83
CA ASN D 173 -24.08 -17.87 -22.66
CA ASN D 173 -24.03 -17.88 -22.66
C ASN D 173 -24.48 -18.24 -24.10
C ASN D 173 -24.50 -18.24 -24.09
N THR D 174 -24.51 -19.56 -24.40
CA THR D 174 -24.86 -20.11 -25.72
C THR D 174 -26.37 -20.36 -25.86
N PRO D 175 -26.96 -20.24 -27.09
CA PRO D 175 -28.40 -20.46 -27.24
C PRO D 175 -28.81 -21.93 -27.34
N TYR D 176 -30.01 -22.24 -26.82
CA TYR D 176 -30.58 -23.58 -26.86
C TYR D 176 -31.94 -23.54 -27.51
N LEU D 177 -32.24 -24.55 -28.34
CA LEU D 177 -33.51 -24.74 -29.04
C LEU D 177 -34.33 -25.79 -28.31
N TYR D 178 -35.64 -25.56 -28.24
CA TYR D 178 -36.57 -26.47 -27.58
C TYR D 178 -37.72 -26.72 -28.52
N PHE D 179 -37.80 -27.95 -29.00
CA PHE D 179 -38.89 -28.39 -29.88
C PHE D 179 -39.90 -29.07 -28.97
N GLY D 180 -41.04 -28.43 -28.83
CA GLY D 180 -42.07 -28.92 -27.91
C GLY D 180 -43.18 -29.65 -28.61
N MET D 181 -43.91 -30.41 -27.85
CA MET D 181 -45.14 -31.05 -28.27
C MET D 181 -46.12 -30.87 -27.15
N TRP D 182 -47.36 -31.26 -27.34
CA TRP D 182 -48.41 -31.09 -26.34
C TRP D 182 -48.01 -31.77 -25.05
N LYS D 183 -48.17 -31.06 -23.93
CA LYS D 183 -47.94 -31.65 -22.60
C LYS D 183 -46.45 -31.78 -22.20
N THR D 184 -45.50 -31.31 -23.05
CA THR D 184 -44.09 -31.26 -22.67
C THR D 184 -44.01 -30.12 -21.67
N SER D 185 -43.27 -30.31 -20.60
CA SER D 185 -43.21 -29.32 -19.54
C SER D 185 -41.85 -28.96 -19.05
N PHE D 186 -41.78 -27.83 -18.37
CA PHE D 186 -40.58 -27.43 -17.67
C PHE D 186 -40.99 -27.29 -16.22
N ALA D 187 -40.23 -27.95 -15.36
CA ALA D 187 -40.47 -27.99 -13.93
C ALA D 187 -40.11 -26.70 -13.21
N TRP D 188 -40.57 -26.57 -11.97
CA TRP D 188 -40.33 -25.37 -11.21
C TRP D 188 -38.85 -25.19 -10.95
N HIS D 189 -38.33 -24.06 -11.38
CA HIS D 189 -36.93 -23.77 -11.25
C HIS D 189 -36.64 -22.30 -11.44
N THR D 190 -35.44 -21.94 -11.05
CA THR D 190 -34.83 -20.63 -11.26
C THR D 190 -33.65 -20.86 -12.21
N GLU D 191 -33.10 -19.82 -12.80
CA GLU D 191 -32.05 -20.06 -13.78
C GLU D 191 -30.78 -20.46 -13.07
N ASP D 192 -29.83 -21.10 -13.81
CA ASP D 192 -28.55 -21.49 -13.24
C ASP D 192 -27.91 -20.21 -12.77
N MET D 193 -27.32 -20.24 -11.55
CA MET D 193 -26.68 -19.09 -10.92
C MET D 193 -27.66 -17.96 -10.62
N ASP D 194 -28.98 -18.25 -10.76
CA ASP D 194 -30.14 -17.33 -10.58
C ASP D 194 -30.06 -16.17 -11.56
N LEU D 195 -29.63 -16.49 -12.80
CA LEU D 195 -29.45 -15.55 -13.91
C LEU D 195 -30.82 -15.15 -14.49
N TYR D 196 -30.82 -14.22 -15.45
CA TYR D 196 -32.04 -13.87 -16.17
C TYR D 196 -32.05 -14.83 -17.33
N SER D 197 -33.21 -15.02 -17.95
CA SER D 197 -33.26 -15.77 -19.18
C SER D 197 -34.17 -15.03 -20.17
N ILE D 198 -33.96 -15.34 -21.43
CA ILE D 198 -34.74 -14.82 -22.53
C ILE D 198 -35.26 -16.02 -23.31
N ASN D 199 -36.54 -16.03 -23.58
CA ASN D 199 -37.14 -17.10 -24.35
C ASN D 199 -37.92 -16.52 -25.51
N TYR D 200 -37.58 -16.92 -26.73
CA TYR D 200 -38.33 -16.50 -27.91
C TYR D 200 -39.04 -17.71 -28.53
N LEU D 201 -40.34 -17.57 -28.76
CA LEU D 201 -41.12 -18.64 -29.41
C LEU D 201 -41.12 -18.41 -30.94
N HIS D 202 -40.24 -19.09 -31.68
CA HIS D 202 -40.09 -18.96 -33.12
C HIS D 202 -41.38 -19.26 -33.89
N PHE D 203 -42.00 -20.42 -33.62
CA PHE D 203 -43.22 -20.78 -34.31
C PHE D 203 -43.99 -21.82 -33.54
N GLY D 204 -45.18 -22.11 -34.05
CA GLY D 204 -46.04 -23.18 -33.57
C GLY D 204 -47.00 -22.81 -32.48
N GLU D 205 -47.42 -23.86 -31.75
CA GLU D 205 -48.44 -23.72 -30.73
C GLU D 205 -47.95 -22.98 -29.50
N PRO D 206 -48.84 -22.35 -28.71
CA PRO D 206 -48.35 -21.58 -27.57
C PRO D 206 -47.58 -22.38 -26.47
N LYS D 207 -46.93 -21.63 -25.58
CA LYS D 207 -46.24 -22.13 -24.40
C LYS D 207 -46.87 -21.38 -23.22
N SER D 208 -47.35 -22.09 -22.19
CA SER D 208 -47.94 -21.46 -20.98
C SER D 208 -46.93 -21.49 -19.87
N TRP D 209 -46.91 -20.44 -19.07
CA TRP D 209 -45.94 -20.25 -18.01
C TRP D 209 -46.62 -19.92 -16.72
N TYR D 210 -46.00 -20.35 -15.61
CA TYR D 210 -46.38 -20.01 -14.23
C TYR D 210 -45.17 -19.38 -13.63
N SER D 211 -45.39 -18.33 -12.83
N SER D 211 -45.40 -18.33 -12.84
CA SER D 211 -44.29 -17.61 -12.20
CA SER D 211 -44.32 -17.56 -12.22
C SER D 211 -44.58 -17.32 -10.75
C SER D 211 -44.59 -17.30 -10.76
N VAL D 212 -43.55 -17.41 -9.91
CA VAL D 212 -43.67 -17.09 -8.48
C VAL D 212 -42.80 -15.84 -8.33
N PRO D 213 -43.34 -14.71 -7.79
CA PRO D 213 -42.50 -13.52 -7.62
C PRO D 213 -41.21 -13.80 -6.83
N PRO D 214 -40.02 -13.29 -7.24
CA PRO D 214 -38.79 -13.53 -6.43
C PRO D 214 -38.93 -13.26 -4.92
N GLU D 215 -39.74 -12.28 -4.49
CA GLU D 215 -39.93 -12.00 -3.04
C GLU D 215 -40.62 -13.15 -2.29
N HIS D 216 -41.28 -14.08 -3.02
CA HIS D 216 -41.96 -15.25 -2.47
C HIS D 216 -41.25 -16.59 -2.76
N GLY D 217 -40.10 -16.56 -3.43
CA GLY D 217 -39.33 -17.74 -3.79
C GLY D 217 -38.93 -18.69 -2.68
N LYS D 218 -38.55 -18.14 -1.51
CA LYS D 218 -38.14 -18.90 -0.31
C LYS D 218 -39.31 -19.70 0.26
N ARG D 219 -40.52 -19.13 0.20
CA ARG D 219 -41.78 -19.78 0.61
C ARG D 219 -42.02 -21.02 -0.25
N LEU D 220 -41.87 -20.90 -1.60
CA LEU D 220 -42.02 -22.03 -2.50
C LEU D 220 -41.01 -23.12 -2.19
N GLU D 221 -39.72 -22.75 -1.98
CA GLU D 221 -38.64 -23.68 -1.64
C GLU D 221 -38.97 -24.41 -0.32
N ARG D 222 -39.45 -23.67 0.72
CA ARG D 222 -39.82 -24.28 1.99
C ARG D 222 -40.96 -25.28 1.80
N LEU D 223 -41.96 -24.92 0.99
CA LEU D 223 -43.07 -25.80 0.62
C LEU D 223 -42.54 -27.12 -0.01
N ALA D 224 -41.68 -26.98 -1.03
CA ALA D 224 -41.11 -28.09 -1.77
C ALA D 224 -40.29 -29.04 -0.89
N LYS D 225 -39.51 -28.49 0.06
CA LYS D 225 -38.70 -29.23 1.02
C LYS D 225 -39.57 -30.05 1.98
N GLY D 226 -40.73 -29.50 2.34
CA GLY D 226 -41.71 -30.18 3.18
C GLY D 226 -42.39 -31.31 2.43
N PHE D 227 -42.59 -31.15 1.11
CA PHE D 227 -43.22 -32.17 0.28
C PHE D 227 -42.28 -33.25 -0.22
N PHE D 228 -41.00 -32.92 -0.45
CA PHE D 228 -40.01 -33.89 -0.91
C PHE D 228 -38.84 -33.89 0.06
N PRO D 229 -39.04 -34.42 1.31
CA PRO D 229 -37.95 -34.41 2.30
C PRO D 229 -36.75 -35.27 1.91
N GLY D 230 -37.01 -36.40 1.23
CA GLY D 230 -35.98 -37.30 0.74
C GLY D 230 -35.02 -36.58 -0.18
N SER D 231 -35.58 -35.83 -1.15
CA SER D 231 -34.84 -35.00 -2.13
C SER D 231 -34.07 -33.85 -1.46
N ALA D 232 -34.67 -33.18 -0.45
CA ALA D 232 -34.05 -32.09 0.31
C ALA D 232 -32.90 -32.57 1.19
N GLN D 233 -33.00 -33.81 1.75
CA GLN D 233 -31.96 -34.41 2.58
C GLN D 233 -30.76 -34.88 1.75
N SER D 234 -30.97 -35.12 0.44
CA SER D 234 -29.95 -35.55 -0.52
C SER D 234 -29.26 -34.37 -1.20
N CYS D 235 -30.02 -33.27 -1.43
CA CYS D 235 -29.54 -32.06 -2.10
C CYS D 235 -30.28 -30.84 -1.54
N GLU D 236 -29.53 -29.78 -1.22
CA GLU D 236 -30.09 -28.54 -0.69
C GLU D 236 -30.89 -27.83 -1.78
N ALA D 237 -30.33 -27.76 -3.00
CA ALA D 237 -30.95 -27.11 -4.14
C ALA D 237 -31.58 -28.13 -5.12
N PHE D 238 -32.39 -29.09 -4.60
CA PHE D 238 -33.01 -30.14 -5.45
C PHE D 238 -33.94 -29.60 -6.57
N LEU D 239 -34.50 -28.37 -6.41
CA LEU D 239 -35.36 -27.78 -7.44
C LEU D 239 -34.59 -27.50 -8.73
N ARG D 240 -33.26 -27.31 -8.63
CA ARG D 240 -32.35 -27.13 -9.77
C ARG D 240 -32.26 -28.43 -10.62
N HIS D 241 -32.78 -29.59 -10.11
CA HIS D 241 -32.80 -30.85 -10.88
C HIS D 241 -33.88 -30.74 -11.93
N LYS D 242 -34.80 -29.76 -11.77
CA LYS D 242 -35.86 -29.43 -12.72
C LYS D 242 -36.77 -30.66 -12.92
N MET D 243 -37.10 -31.34 -11.81
CA MET D 243 -37.94 -32.54 -11.77
C MET D 243 -39.21 -32.31 -10.94
N THR D 244 -39.37 -31.12 -10.34
CA THR D 244 -40.50 -30.93 -9.43
C THR D 244 -41.63 -30.13 -10.06
N LEU D 245 -42.81 -30.79 -10.24
CA LEU D 245 -44.03 -30.20 -10.78
C LEU D 245 -45.01 -30.04 -9.64
N ILE D 246 -45.58 -28.84 -9.51
CA ILE D 246 -46.50 -28.47 -8.41
C ILE D 246 -47.62 -27.71 -9.12
N SER D 247 -48.86 -28.24 -9.04
CA SER D 247 -50.00 -27.64 -9.70
C SER D 247 -50.41 -26.29 -9.10
N PRO D 248 -51.03 -25.36 -9.89
CA PRO D 248 -51.46 -24.07 -9.31
C PRO D 248 -52.41 -24.19 -8.10
N LEU D 249 -53.20 -25.28 -8.05
CA LEU D 249 -54.13 -25.58 -6.97
C LEU D 249 -53.37 -25.87 -5.68
N MET D 250 -52.22 -26.57 -5.80
CA MET D 250 -51.35 -26.84 -4.68
C MET D 250 -50.70 -25.53 -4.19
N LEU D 251 -50.24 -24.67 -5.09
CA LEU D 251 -49.70 -23.36 -4.71
C LEU D 251 -50.77 -22.49 -3.98
N LYS D 252 -52.02 -22.46 -4.51
CA LYS D 252 -53.12 -21.66 -3.94
C LYS D 252 -53.47 -22.15 -2.54
N LYS D 253 -53.42 -23.47 -2.32
CA LYS D 253 -53.70 -24.13 -1.03
C LYS D 253 -52.70 -23.69 0.07
N TYR D 254 -51.42 -23.60 -0.29
CA TYR D 254 -50.30 -23.28 0.61
C TYR D 254 -49.94 -21.81 0.66
N GLY D 255 -50.81 -20.95 0.13
CA GLY D 255 -50.65 -19.51 0.14
C GLY D 255 -49.48 -18.95 -0.64
N ILE D 256 -49.02 -19.68 -1.70
CA ILE D 256 -47.91 -19.24 -2.54
C ILE D 256 -48.43 -18.28 -3.64
N PRO D 257 -48.03 -17.00 -3.70
CA PRO D 257 -48.55 -16.15 -4.79
C PRO D 257 -47.91 -16.55 -6.12
N PHE D 258 -48.70 -16.53 -7.18
CA PHE D 258 -48.23 -16.86 -8.52
C PHE D 258 -49.06 -16.14 -9.58
N ASP D 259 -48.53 -16.07 -10.77
CA ASP D 259 -49.25 -15.54 -11.90
C ASP D 259 -49.04 -16.48 -13.07
N LYS D 260 -49.88 -16.38 -14.11
CA LYS D 260 -49.75 -17.21 -15.30
C LYS D 260 -49.89 -16.36 -16.52
N VAL D 261 -49.31 -16.83 -17.62
CA VAL D 261 -49.34 -16.15 -18.90
C VAL D 261 -49.09 -17.16 -20.02
N THR D 262 -49.69 -16.89 -21.19
CA THR D 262 -49.52 -17.70 -22.36
C THR D 262 -48.65 -16.93 -23.34
N GLN D 263 -47.61 -17.58 -23.82
CA GLN D 263 -46.69 -17.01 -24.80
C GLN D 263 -47.05 -17.58 -26.15
N GLU D 264 -47.31 -16.70 -27.10
CA GLU D 264 -47.66 -17.07 -28.48
C GLU D 264 -46.46 -16.92 -29.36
N ALA D 265 -46.48 -17.56 -30.54
CA ALA D 265 -45.43 -17.47 -31.52
C ALA D 265 -45.13 -16.02 -31.84
N GLY D 266 -43.84 -15.70 -31.80
CA GLY D 266 -43.34 -14.36 -32.09
C GLY D 266 -43.22 -13.50 -30.87
N GLU D 267 -43.43 -14.06 -29.68
CA GLU D 267 -43.25 -13.28 -28.45
C GLU D 267 -42.05 -13.75 -27.64
N PHE D 268 -41.49 -12.83 -26.87
CA PHE D 268 -40.39 -13.07 -25.94
C PHE D 268 -40.92 -13.17 -24.53
N MET D 269 -40.32 -14.06 -23.74
CA MET D 269 -40.55 -14.15 -22.30
C MET D 269 -39.19 -13.85 -21.65
N ILE D 270 -39.19 -12.95 -20.66
CA ILE D 270 -37.99 -12.59 -19.88
C ILE D 270 -38.21 -13.13 -18.47
N THR D 271 -37.23 -13.88 -17.95
CA THR D 271 -37.26 -14.34 -16.56
C THR D 271 -36.21 -13.51 -15.82
N PHE D 272 -36.50 -13.20 -14.57
CA PHE D 272 -35.65 -12.39 -13.74
C PHE D 272 -34.95 -13.21 -12.67
N PRO D 273 -33.82 -12.70 -12.09
CA PRO D 273 -33.11 -13.45 -11.05
C PRO D 273 -33.97 -13.88 -9.88
N TYR D 274 -33.91 -15.20 -9.57
CA TYR D 274 -34.63 -15.85 -8.48
C TYR D 274 -36.17 -15.89 -8.75
N GLY D 275 -36.52 -15.80 -10.03
CA GLY D 275 -37.87 -15.93 -10.54
C GLY D 275 -38.21 -17.38 -10.81
N TYR D 276 -38.93 -18.01 -9.89
CA TYR D 276 -39.35 -19.40 -10.04
C TYR D 276 -40.40 -19.49 -11.12
N HIS D 277 -40.16 -20.33 -12.15
CA HIS D 277 -41.10 -20.53 -13.25
C HIS D 277 -41.28 -22.01 -13.63
N ALA D 278 -42.43 -22.36 -14.12
CA ALA D 278 -42.79 -23.66 -14.64
C ALA D 278 -43.77 -23.43 -15.83
N GLY D 279 -44.01 -24.45 -16.60
CA GLY D 279 -45.01 -24.36 -17.65
C GLY D 279 -45.02 -25.53 -18.58
N PHE D 280 -45.77 -25.40 -19.65
CA PHE D 280 -45.96 -26.45 -20.62
C PHE D 280 -46.26 -25.92 -22.01
N ASN D 281 -46.03 -26.77 -23.01
CA ASN D 281 -46.27 -26.48 -24.41
C ASN D 281 -47.65 -26.95 -24.76
N HIS D 282 -48.39 -26.14 -25.56
CA HIS D 282 -49.76 -26.47 -26.01
C HIS D 282 -49.70 -27.47 -27.12
N GLY D 283 -48.62 -27.48 -27.88
CA GLY D 283 -48.46 -28.37 -29.02
C GLY D 283 -47.11 -28.14 -29.66
N PHE D 284 -46.94 -28.61 -30.90
CA PHE D 284 -45.71 -28.51 -31.66
C PHE D 284 -45.27 -27.07 -31.80
N ASN D 285 -44.06 -26.79 -31.37
CA ASN D 285 -43.53 -25.44 -31.39
C ASN D 285 -42.03 -25.45 -31.28
N CYS D 286 -41.44 -24.26 -31.35
CA CYS D 286 -39.99 -24.17 -31.25
C CYS D 286 -39.61 -22.88 -30.59
N ALA D 287 -38.88 -22.97 -29.48
CA ALA D 287 -38.42 -21.82 -28.72
C ALA D 287 -36.91 -21.80 -28.65
N GLU D 288 -36.35 -20.61 -28.53
CA GLU D 288 -34.91 -20.39 -28.42
C GLU D 288 -34.67 -19.73 -27.08
N SER D 289 -33.63 -20.17 -26.35
CA SER D 289 -33.36 -19.66 -25.02
C SER D 289 -31.90 -19.51 -24.68
N THR D 290 -31.62 -18.58 -23.75
CA THR D 290 -30.29 -18.30 -23.22
C THR D 290 -30.43 -17.52 -21.92
N ASN D 291 -29.32 -17.42 -21.17
CA ASN D 291 -29.27 -16.63 -19.95
C ASN D 291 -28.56 -15.34 -20.25
N PHE D 292 -28.77 -14.32 -19.42
CA PHE D 292 -28.09 -13.02 -19.51
C PHE D 292 -28.07 -12.36 -18.14
N ALA D 293 -27.21 -11.39 -17.95
CA ALA D 293 -27.10 -10.71 -16.65
C ALA D 293 -27.23 -9.21 -16.81
N THR D 294 -27.41 -8.52 -15.69
CA THR D 294 -27.35 -7.07 -15.53
C THR D 294 -26.48 -6.86 -14.29
N ARG D 295 -26.21 -5.59 -13.89
CA ARG D 295 -25.45 -5.28 -12.68
C ARG D 295 -26.17 -5.83 -11.43
N ARG D 296 -27.50 -5.88 -11.45
CA ARG D 296 -28.34 -6.41 -10.38
C ARG D 296 -28.10 -7.91 -10.12
N TRP D 297 -27.83 -8.70 -11.17
CA TRP D 297 -27.63 -10.13 -11.03
C TRP D 297 -26.43 -10.53 -10.14
N ILE D 298 -25.37 -9.72 -10.10
CA ILE D 298 -24.13 -10.02 -9.37
C ILE D 298 -24.38 -10.43 -7.90
N GLU D 299 -25.22 -9.69 -7.17
CA GLU D 299 -25.53 -10.06 -5.79
C GLU D 299 -26.28 -11.40 -5.70
N TYR D 300 -27.12 -11.73 -6.71
CA TYR D 300 -27.85 -13.00 -6.80
C TYR D 300 -26.85 -14.13 -7.08
N GLY D 301 -25.89 -13.87 -7.95
CA GLY D 301 -24.85 -14.82 -8.35
C GLY D 301 -24.04 -15.32 -7.18
N LYS D 302 -23.53 -14.38 -6.35
CA LYS D 302 -22.75 -14.63 -5.14
C LYS D 302 -23.53 -15.40 -4.08
N GLN D 303 -24.86 -15.20 -4.05
CA GLN D 303 -25.75 -15.76 -3.04
C GLN D 303 -26.54 -16.98 -3.48
N ALA D 304 -26.36 -17.43 -4.74
CA ALA D 304 -27.08 -18.57 -5.30
C ALA D 304 -26.74 -19.88 -4.58
N VAL D 305 -27.79 -20.61 -4.14
CA VAL D 305 -27.66 -21.92 -3.48
C VAL D 305 -27.65 -22.91 -4.64
N LEU D 306 -26.52 -23.59 -4.83
CA LEU D 306 -26.33 -24.47 -5.98
C LEU D 306 -26.53 -25.95 -5.70
N CYS D 307 -26.73 -26.73 -6.78
CA CYS D 307 -26.89 -28.17 -6.65
C CYS D 307 -25.57 -28.78 -6.26
N SER D 308 -25.61 -29.61 -5.22
CA SER D 308 -24.48 -30.30 -4.63
C SER D 308 -24.23 -31.66 -5.32
N CYS D 309 -25.19 -32.60 -5.18
CA CYS D 309 -25.22 -34.00 -5.62
C CYS D 309 -24.75 -34.30 -7.07
N ARG D 310 -24.76 -33.30 -7.97
CA ARG D 310 -24.33 -33.48 -9.37
N MET D 313 -23.38 -29.74 -12.02
CA MET D 313 -24.27 -28.62 -12.32
C MET D 313 -23.50 -27.35 -12.77
N VAL D 314 -24.20 -26.43 -13.47
CA VAL D 314 -23.67 -25.15 -13.98
C VAL D 314 -23.24 -24.27 -12.81
N LYS D 315 -21.95 -23.96 -12.77
CA LYS D 315 -21.36 -23.11 -11.75
C LYS D 315 -20.55 -22.01 -12.44
N ILE D 316 -20.81 -20.77 -12.05
CA ILE D 316 -20.06 -19.63 -12.57
C ILE D 316 -19.25 -19.07 -11.41
N SER D 317 -17.94 -18.89 -11.61
CA SER D 317 -17.04 -18.29 -10.62
C SER D 317 -17.37 -16.79 -10.65
N MET D 318 -17.72 -16.23 -9.49
CA MET D 318 -18.18 -14.85 -9.34
C MET D 318 -17.09 -13.79 -9.26
N ASP D 319 -15.82 -14.21 -9.03
CA ASP D 319 -14.63 -13.37 -8.86
C ASP D 319 -14.52 -12.17 -9.82
N VAL D 320 -14.59 -12.41 -11.16
CA VAL D 320 -14.46 -11.40 -12.22
C VAL D 320 -15.57 -10.30 -12.17
N PHE D 321 -16.80 -10.66 -11.73
CA PHE D 321 -17.88 -9.68 -11.64
C PHE D 321 -17.72 -8.83 -10.41
N VAL D 322 -17.28 -9.47 -9.30
CA VAL D 322 -17.04 -8.82 -8.00
C VAL D 322 -15.83 -7.90 -8.14
N ARG D 323 -14.85 -8.31 -8.95
CA ARG D 323 -13.64 -7.53 -9.21
C ARG D 323 -13.99 -6.24 -9.95
N LYS D 324 -14.74 -6.36 -11.08
CA LYS D 324 -15.09 -5.21 -11.92
C LYS D 324 -16.21 -4.30 -11.37
N PHE D 325 -17.32 -4.87 -10.88
CA PHE D 325 -18.50 -4.09 -10.47
C PHE D 325 -18.63 -3.79 -8.96
N GLN D 326 -17.85 -4.48 -8.10
CA GLN D 326 -17.84 -4.23 -6.65
C GLN D 326 -16.39 -4.30 -6.15
N PRO D 327 -15.44 -3.46 -6.68
CA PRO D 327 -14.03 -3.56 -6.25
C PRO D 327 -13.81 -3.41 -4.75
N GLU D 328 -14.63 -2.54 -4.09
CA GLU D 328 -14.60 -2.25 -2.65
C GLU D 328 -14.90 -3.48 -1.76
N ARG D 329 -15.89 -4.30 -2.19
CA ARG D 329 -16.39 -5.47 -1.48
C ARG D 329 -15.58 -6.75 -1.71
N TYR D 330 -14.74 -6.80 -2.77
CA TYR D 330 -13.95 -7.98 -3.14
C TYR D 330 -13.25 -8.67 -1.94
N LYS D 331 -12.57 -7.87 -1.08
CA LYS D 331 -11.88 -8.36 0.12
C LYS D 331 -12.88 -8.96 1.14
N LEU D 332 -13.96 -8.22 1.48
CA LEU D 332 -15.03 -8.65 2.41
C LEU D 332 -15.69 -9.96 1.94
N TRP D 333 -15.89 -10.09 0.61
CA TRP D 333 -16.50 -11.26 -0.04
C TRP D 333 -15.57 -12.47 -0.04
N LYS D 334 -14.26 -12.25 -0.37
CA LYS D 334 -13.23 -13.30 -0.40
C LYS D 334 -13.08 -13.94 0.98
N ALA D 335 -13.12 -13.10 2.05
CA ALA D 335 -13.03 -13.52 3.46
C ALA D 335 -14.32 -14.24 3.93
N GLY D 336 -15.41 -14.08 3.19
CA GLY D 336 -16.70 -14.68 3.50
C GLY D 336 -17.48 -13.87 4.53
N LYS D 337 -17.03 -12.62 4.77
CA LYS D 337 -17.61 -11.67 5.72
C LYS D 337 -18.70 -10.80 5.09
N ASP D 338 -18.94 -10.97 3.76
CA ASP D 338 -19.95 -10.23 3.02
C ASP D 338 -21.36 -10.71 3.44
N ASN D 339 -22.12 -9.81 4.07
CA ASN D 339 -23.46 -10.10 4.60
C ASN D 339 -24.56 -9.23 3.95
N THR D 340 -24.41 -8.91 2.65
CA THR D 340 -25.35 -8.11 1.86
C THR D 340 -26.73 -8.80 1.77
N VAL D 341 -27.81 -8.04 2.01
CA VAL D 341 -29.18 -8.54 1.92
C VAL D 341 -29.78 -8.00 0.61
N ILE D 342 -30.34 -8.89 -0.22
CA ILE D 342 -30.95 -8.54 -1.50
C ILE D 342 -32.38 -8.00 -1.34
N ASP D 343 -32.65 -6.87 -2.00
CA ASP D 343 -33.97 -6.26 -2.05
C ASP D 343 -34.51 -6.58 -3.46
N HIS D 344 -35.49 -7.50 -3.53
CA HIS D 344 -36.10 -8.01 -4.76
C HIS D 344 -36.95 -7.00 -5.53
N THR D 345 -37.43 -5.97 -4.84
CA THR D 345 -38.26 -4.93 -5.44
C THR D 345 -37.39 -3.91 -6.23
N LEU D 346 -36.07 -3.80 -5.90
CA LEU D 346 -35.20 -2.80 -6.49
C LEU D 346 -34.84 -3.06 -7.95
N PRO D 347 -34.90 -2.00 -8.79
CA PRO D 347 -34.50 -2.18 -10.20
C PRO D 347 -32.97 -2.17 -10.34
N THR D 348 -32.48 -2.59 -11.53
CA THR D 348 -31.06 -2.64 -11.86
C THR D 348 -30.49 -1.19 -11.88
N PRO D 349 -29.23 -0.90 -11.44
CA PRO D 349 -28.74 0.50 -11.45
C PRO D 349 -28.90 1.25 -12.77
N GLU D 350 -28.93 0.49 -13.89
CA GLU D 350 -29.10 0.92 -15.30
C GLU D 350 -30.43 1.68 -15.54
N ALA D 351 -31.42 1.45 -14.68
CA ALA D 351 -32.74 2.07 -14.75
C ALA D 351 -32.75 3.52 -14.24
N ALA D 352 -31.62 4.02 -13.65
CA ALA D 352 -31.51 5.40 -13.12
C ALA D 352 -32.02 6.48 -14.08
N GLU D 353 -31.67 6.38 -15.39
CA GLU D 353 -32.09 7.30 -16.46
C GLU D 353 -33.63 7.32 -16.62
N PHE D 354 -34.28 6.15 -16.53
CA PHE D 354 -35.73 6.02 -16.61
C PHE D 354 -36.42 6.45 -15.31
N LEU D 355 -35.66 6.49 -14.19
CA LEU D 355 -36.11 6.89 -12.86
C LEU D 355 -35.65 8.31 -12.54
#